data_2II3
#
_entry.id   2II3
#
_cell.length_a   194.915
_cell.length_b   194.915
_cell.length_c   171.997
_cell.angle_alpha   90.000
_cell.angle_beta   90.000
_cell.angle_gamma   120.000
#
_symmetry.space_group_name_H-M   'H 3'
#
loop_
_entity.id
_entity.type
_entity.pdbx_description
1 polymer 'Lipoamide acyltransferase component of branched-chain alpha-keto acid dehydrogenase complex'
2 non-polymer 'ACETATE ION'
3 non-polymer 'CHLORIDE ION'
4 non-polymer 'OXIDIZED COENZYME A'
5 water water
#
_entity_poly.entity_id   1
_entity_poly.type   'polypeptide(L)'
_entity_poly.pdbx_seq_one_letter_code
;GHAEIMPPPPKPKDRTIPIPISKPPVFIGKDRTEPVKGFHKAMVKTMSAALKIPHFGYCDEVDLTELVKLREELKPIAFA
RGIKLSFMPFFLKAASLGLLQFPILNASVDENCQNITYKASHNIGIAMDTEQGLIVPNVKNVQIRSIFEIATELNRLQKL
GSAGQLSTNDLIGGTFTLSNIGSIGGTYAKPVILPPEVAIGALGTIKALPRFNEKGEVCKAQIMNVSWSADHRIIDGATV
SRFSNLWKSYLENPAFMLLDLK
;
_entity_poly.pdbx_strand_id   A,B,C,D,E,F,G,H
#
loop_
_chem_comp.id
_chem_comp.type
_chem_comp.name
_chem_comp.formula
ACT non-polymer 'ACETATE ION' 'C2 H3 O2 -1'
CAO non-polymer 'OXIDIZED COENZYME A' 'C21 H36 N7 O17 P3 S'
CL non-polymer 'CHLORIDE ION' 'Cl -1'
#
# COMPACT_ATOMS: atom_id res chain seq x y z
N GLY A 29 8.16 15.71 55.07
CA GLY A 29 7.78 15.67 56.53
C GLY A 29 7.50 17.01 57.21
N LYS A 30 8.22 18.05 56.80
CA LYS A 30 8.07 19.42 57.32
C LYS A 30 8.21 20.42 56.14
N ASP A 31 7.60 21.60 56.25
CA ASP A 31 7.76 22.65 55.20
C ASP A 31 9.19 23.21 55.17
N ARG A 32 9.61 23.73 54.01
CA ARG A 32 10.97 24.19 53.89
C ARG A 32 11.00 25.35 52.89
N THR A 33 11.48 26.52 53.34
CA THR A 33 11.65 27.68 52.45
C THR A 33 13.12 27.77 51.99
N GLU A 34 13.29 28.19 50.75
CA GLU A 34 14.51 28.06 49.99
C GLU A 34 14.63 29.31 49.11
N PRO A 35 15.83 29.86 48.93
CA PRO A 35 15.88 30.88 47.87
C PRO A 35 15.76 30.32 46.49
N VAL A 36 15.11 31.07 45.62
CA VAL A 36 15.31 30.92 44.19
C VAL A 36 16.63 31.64 43.89
N LYS A 37 17.64 30.89 43.48
CA LYS A 37 18.93 31.49 43.15
C LYS A 37 19.58 30.86 41.92
N GLY A 38 20.69 31.48 41.48
CA GLY A 38 21.51 30.93 40.40
C GLY A 38 20.85 31.04 39.06
N PHE A 39 21.04 30.02 38.24
CA PHE A 39 20.47 30.01 36.90
C PHE A 39 18.96 29.89 36.93
N HIS A 40 18.37 29.85 38.13
CA HIS A 40 16.91 29.77 38.30
C HIS A 40 16.26 31.14 38.21
N LYS A 41 17.08 32.18 38.40
CA LYS A 41 16.60 33.56 38.53
C LYS A 41 16.16 34.03 37.16
N ALA A 42 16.82 33.50 36.13
CA ALA A 42 16.51 33.87 34.76
C ALA A 42 15.12 33.43 34.24
N MET A 43 14.66 32.21 34.57
CA MET A 43 13.29 31.77 34.17
C MET A 43 12.25 32.66 34.84
N VAL A 44 12.51 33.09 36.07
CA VAL A 44 11.57 33.98 36.77
C VAL A 44 11.40 35.31 36.00
N LYS A 45 12.52 35.90 35.59
CA LYS A 45 12.58 37.17 34.87
C LYS A 45 11.94 37.04 33.48
N THR A 46 12.38 36.02 32.75
CA THR A 46 11.87 35.76 31.40
C THR A 46 10.35 35.55 31.40
N MET A 47 9.88 34.66 32.26
CA MET A 47 8.45 34.36 32.32
C MET A 47 7.57 35.50 32.86
N SER A 48 8.09 36.26 33.83
CA SER A 48 7.45 37.49 34.27
C SER A 48 7.26 38.50 33.11
N ALA A 49 8.28 38.64 32.25
CA ALA A 49 8.24 39.59 31.14
C ALA A 49 7.19 39.15 30.14
N ALA A 50 6.99 37.83 30.00
CA ALA A 50 5.98 37.29 29.09
C ALA A 50 4.55 37.66 29.45
N LEU A 51 4.33 38.15 30.66
CA LEU A 51 2.99 38.60 31.11
C LEU A 51 2.54 39.87 30.35
N LYS A 52 3.48 40.54 29.70
CA LYS A 52 3.10 41.72 28.94
C LYS A 52 2.56 41.32 27.57
N ILE A 53 2.70 40.07 27.19
CA ILE A 53 2.32 39.62 25.89
C ILE A 53 0.92 38.99 25.95
N PRO A 54 -0.10 39.57 25.23
CA PRO A 54 -1.40 38.85 25.11
C PRO A 54 -1.26 37.62 24.16
N HIS A 55 -1.22 36.44 24.78
CA HIS A 55 -0.98 35.19 24.05
C HIS A 55 -2.26 34.78 23.35
N PHE A 56 -2.18 34.52 22.05
CA PHE A 56 -3.26 33.84 21.35
C PHE A 56 -2.81 32.38 21.20
N GLY A 57 -3.67 31.41 21.49
CA GLY A 57 -3.37 30.00 21.21
C GLY A 57 -4.09 29.44 20.00
N TYR A 58 -3.35 28.73 19.16
CA TYR A 58 -3.99 28.01 18.05
C TYR A 58 -3.36 26.62 17.92
N CYS A 59 -4.15 25.55 17.86
CA CYS A 59 -3.55 24.22 17.85
C CYS A 59 -4.07 23.42 16.68
N ASP A 60 -3.41 22.28 16.41
CA ASP A 60 -3.84 21.39 15.30
C ASP A 60 -3.21 19.97 15.45
N GLU A 61 -3.69 18.99 14.68
CA GLU A 61 -2.97 17.72 14.57
C GLU A 61 -2.35 17.62 13.17
N VAL A 62 -1.20 16.98 13.10
CA VAL A 62 -0.45 16.82 11.85
C VAL A 62 -0.23 15.32 11.69
N ASP A 63 -0.46 14.81 10.48
CA ASP A 63 -0.31 13.42 10.18
C ASP A 63 1.13 13.17 9.70
N LEU A 64 1.91 12.59 10.60
CA LEU A 64 3.31 12.31 10.35
C LEU A 64 3.64 10.93 9.79
N THR A 65 2.62 10.18 9.35
CA THR A 65 2.84 8.79 8.82
C THR A 65 3.94 8.81 7.75
N GLU A 66 3.83 9.71 6.76
CA GLU A 66 4.86 9.79 5.70
C GLU A 66 6.24 10.19 6.25
N LEU A 67 6.29 11.18 7.15
CA LEU A 67 7.58 11.64 7.74
C LEU A 67 8.29 10.58 8.57
N VAL A 68 7.52 9.86 9.38
CA VAL A 68 8.01 8.71 10.11
C VAL A 68 8.71 7.71 9.18
N LYS A 69 8.07 7.41 8.06
CA LYS A 69 8.63 6.50 7.06
C LYS A 69 9.89 7.14 6.45
N LEU A 70 9.77 8.38 6.00
CA LEU A 70 10.90 9.13 5.51
C LEU A 70 12.11 9.09 6.45
N ARG A 71 11.89 9.40 7.73
CA ARG A 71 12.99 9.44 8.68
C ARG A 71 13.67 8.07 8.85
N GLU A 72 12.86 7.01 8.91
CA GLU A 72 13.40 5.64 8.96
C GLU A 72 14.28 5.33 7.77
N GLU A 73 13.88 5.75 6.56
CA GLU A 73 14.78 5.57 5.42
C GLU A 73 16.06 6.41 5.44
N LEU A 74 16.01 7.56 6.11
CA LEU A 74 17.16 8.45 6.20
C LEU A 74 18.11 8.22 7.38
N LYS A 75 17.64 7.48 8.40
CA LYS A 75 18.38 7.20 9.63
C LYS A 75 19.76 6.59 9.45
N PRO A 76 19.90 5.49 8.65
CA PRO A 76 21.19 4.89 8.30
C PRO A 76 22.15 5.76 7.52
N ILE A 77 21.67 6.82 6.86
CA ILE A 77 22.56 7.69 6.11
C ILE A 77 23.15 8.66 7.12
N ALA A 78 22.31 9.15 8.03
CA ALA A 78 22.71 10.03 9.12
C ALA A 78 23.62 9.31 10.10
N PHE A 79 23.28 8.07 10.46
CA PHE A 79 24.12 7.33 11.35
C PHE A 79 25.48 7.03 10.66
N ALA A 80 25.45 6.73 9.35
CA ALA A 80 26.69 6.51 8.58
C ALA A 80 27.57 7.75 8.50
N ARG A 81 26.96 8.93 8.68
CA ARG A 81 27.67 10.21 8.79
C ARG A 81 27.96 10.65 10.25
N GLY A 82 27.52 9.86 11.24
CA GLY A 82 27.87 10.10 12.64
C GLY A 82 26.95 11.09 13.33
N ILE A 83 25.78 11.32 12.73
CA ILE A 83 24.74 12.22 13.24
C ILE A 83 23.50 11.40 13.57
N LYS A 84 22.85 11.72 14.69
CA LYS A 84 21.54 11.19 15.01
C LYS A 84 20.53 12.16 14.41
N LEU A 85 19.56 11.62 13.71
CA LEU A 85 18.53 12.42 13.01
C LEU A 85 17.18 12.16 13.63
N SER A 86 16.67 13.12 14.40
CA SER A 86 15.38 12.96 15.01
C SER A 86 14.33 13.58 14.07
N PHE A 87 13.13 13.88 14.58
CA PHE A 87 12.17 14.61 13.82
C PHE A 87 12.43 16.12 13.84
N MET A 88 13.18 16.62 14.84
CA MET A 88 13.34 18.08 15.02
C MET A 88 13.89 18.85 13.79
N PRO A 89 14.96 18.31 13.15
CA PRO A 89 15.49 18.98 11.94
C PRO A 89 14.46 19.17 10.85
N PHE A 90 13.53 18.24 10.73
CA PHE A 90 12.42 18.38 9.80
C PHE A 90 11.48 19.47 10.25
N PHE A 91 11.06 19.45 11.53
CA PHE A 91 10.16 20.46 12.07
C PHE A 91 10.75 21.86 11.89
N LEU A 92 12.07 21.97 12.08
CA LEU A 92 12.80 23.26 12.04
C LEU A 92 12.90 23.78 10.59
N LYS A 93 13.21 22.88 9.66
CA LYS A 93 13.33 23.30 8.27
C LYS A 93 11.96 23.75 7.73
N ALA A 94 10.92 23.02 8.07
CA ALA A 94 9.55 23.40 7.71
C ALA A 94 9.13 24.72 8.35
N ALA A 95 9.49 24.97 9.62
CA ALA A 95 9.13 26.24 10.27
C ALA A 95 9.83 27.39 9.55
N SER A 96 11.08 27.19 9.13
CA SER A 96 11.86 28.18 8.39
C SER A 96 11.24 28.47 7.07
N LEU A 97 10.86 27.43 6.32
CA LEU A 97 10.17 27.62 5.06
C LEU A 97 8.85 28.39 5.25
N GLY A 98 8.11 28.09 6.33
CA GLY A 98 6.88 28.82 6.61
C GLY A 98 7.19 30.26 7.01
N LEU A 99 8.24 30.46 7.79
CA LEU A 99 8.54 31.80 8.26
C LEU A 99 8.98 32.74 7.13
N LEU A 100 9.45 32.17 6.02
CA LEU A 100 9.76 32.98 4.82
C LEU A 100 8.48 33.54 4.17
N GLN A 101 7.39 32.78 4.32
CA GLN A 101 6.09 33.22 3.75
C GLN A 101 5.33 34.13 4.72
N PHE A 102 5.58 33.96 6.03
CA PHE A 102 4.93 34.71 7.10
C PHE A 102 6.01 35.32 7.99
N PRO A 103 6.73 36.36 7.47
CA PRO A 103 7.92 36.82 8.18
C PRO A 103 7.61 37.54 9.48
N ILE A 104 6.38 38.04 9.67
CA ILE A 104 5.92 38.65 10.93
C ILE A 104 6.00 37.72 12.15
N LEU A 105 6.00 36.40 11.93
CA LEU A 105 6.22 35.43 13.03
C LEU A 105 7.67 35.31 13.52
N ASN A 106 8.60 35.83 12.71
CA ASN A 106 10.04 35.86 13.02
C ASN A 106 10.46 37.34 13.16
N ALA A 107 9.87 37.99 14.15
CA ALA A 107 9.93 39.44 14.36
C ALA A 107 9.94 39.69 15.88
N SER A 108 10.21 40.93 16.24
CA SER A 108 10.19 41.39 17.60
C SER A 108 9.45 42.69 17.63
N VAL A 109 9.00 43.01 18.82
CA VAL A 109 8.16 44.13 19.06
C VAL A 109 8.83 44.95 20.18
N ASP A 110 8.71 46.27 20.14
CA ASP A 110 9.30 47.11 21.19
C ASP A 110 8.40 47.32 22.43
N GLU A 111 8.95 48.05 23.42
CA GLU A 111 8.36 48.31 24.74
C GLU A 111 6.84 48.36 24.70
N ASN A 112 6.26 49.36 24.04
CA ASN A 112 4.80 49.30 24.01
C ASN A 112 4.14 48.88 22.68
N CYS A 113 4.75 47.89 22.04
CA CYS A 113 4.31 47.40 20.74
C CYS A 113 4.00 48.52 19.74
N GLN A 114 5.00 49.36 19.49
CA GLN A 114 4.86 50.52 18.64
C GLN A 114 5.51 50.30 17.26
N ASN A 115 6.59 49.52 17.24
CA ASN A 115 7.35 49.24 16.02
C ASN A 115 7.71 47.76 16.00
N ILE A 116 7.70 47.17 14.80
CA ILE A 116 7.99 45.75 14.58
C ILE A 116 9.33 45.67 13.86
N THR A 117 10.24 44.85 14.39
CA THR A 117 11.50 44.51 13.71
C THR A 117 11.41 43.12 13.11
N TYR A 118 11.32 43.12 11.78
CA TYR A 118 11.34 41.92 10.97
C TYR A 118 12.79 41.51 10.93
N LYS A 119 13.03 40.29 11.38
CA LYS A 119 14.37 39.76 11.55
C LYS A 119 14.60 38.75 10.43
N ALA A 120 15.76 38.87 9.80
CA ALA A 120 16.12 38.19 8.57
C ALA A 120 16.62 36.76 8.82
N SER A 121 17.43 36.60 9.86
CA SER A 121 17.96 35.33 10.29
C SER A 121 16.86 34.52 10.96
N HIS A 122 16.76 33.22 10.65
CA HIS A 122 15.88 32.33 11.42
C HIS A 122 16.76 31.61 12.39
N ASN A 123 16.87 32.18 13.60
CA ASN A 123 17.66 31.58 14.66
C ASN A 123 16.68 30.95 15.59
N ILE A 124 16.50 29.66 15.41
CA ILE A 124 15.35 29.02 16.03
C ILE A 124 15.73 28.27 17.30
N GLY A 125 15.05 28.64 18.38
CA GLY A 125 15.27 28.18 19.77
C GLY A 125 14.79 26.76 19.94
N ILE A 126 15.60 25.95 20.61
CA ILE A 126 15.21 24.61 21.03
C ILE A 126 15.05 24.70 22.55
N ALA A 127 13.82 24.76 23.08
CA ALA A 127 13.67 24.74 24.53
C ALA A 127 14.15 23.38 25.05
N MET A 128 15.12 23.38 25.96
CA MET A 128 15.56 22.17 26.66
C MET A 128 15.59 22.46 28.15
N ASP A 129 15.31 21.46 28.98
CA ASP A 129 15.39 21.71 30.45
C ASP A 129 16.57 20.89 30.87
N THR A 130 17.49 21.49 31.61
CA THR A 130 18.64 20.69 31.98
C THR A 130 18.48 20.36 33.47
N GLU A 131 19.47 19.69 34.06
CA GLU A 131 19.53 19.58 35.52
C GLU A 131 19.82 20.96 36.15
N GLN A 132 19.17 22.00 35.61
CA GLN A 132 19.36 23.40 36.02
C GLN A 132 18.22 24.26 35.48
N GLY A 133 17.21 23.59 34.92
CA GLY A 133 16.04 24.29 34.39
C GLY A 133 16.17 24.70 32.93
N LEU A 134 15.61 25.88 32.62
CA LEU A 134 15.31 26.21 31.24
C LEU A 134 16.47 26.82 30.49
N ILE A 135 16.86 26.11 29.42
CA ILE A 135 17.83 26.64 28.50
C ILE A 135 17.33 26.54 27.07
N VAL A 136 17.47 27.65 26.34
CA VAL A 136 16.92 27.78 25.01
C VAL A 136 18.02 28.22 24.03
N PRO A 137 18.88 27.24 23.64
CA PRO A 137 19.88 27.56 22.63
C PRO A 137 19.15 27.59 21.29
N ASN A 138 19.76 28.22 20.27
CA ASN A 138 19.15 28.27 18.95
C ASN A 138 20.07 27.76 17.84
N VAL A 139 19.43 27.26 16.79
CA VAL A 139 20.16 26.99 15.54
C VAL A 139 20.13 28.27 14.73
N LYS A 140 21.29 28.83 14.44
CA LYS A 140 21.47 30.04 13.63
C LYS A 140 21.17 29.82 12.16
N ASN A 141 20.53 30.82 11.54
CA ASN A 141 20.31 30.86 10.12
C ASN A 141 19.83 29.55 9.51
N VAL A 142 18.76 29.02 10.06
CA VAL A 142 18.12 27.80 9.57
C VAL A 142 17.72 27.93 8.11
N GLN A 143 17.38 29.15 7.71
CA GLN A 143 16.98 29.39 6.34
C GLN A 143 18.08 29.00 5.32
N ILE A 144 19.35 28.98 5.70
CA ILE A 144 20.40 28.64 4.73
C ILE A 144 21.06 27.30 5.06
N ARG A 145 20.35 26.46 5.81
CA ARG A 145 20.92 25.23 6.26
C ARG A 145 20.05 24.10 5.75
N SER A 146 20.70 22.99 5.39
CA SER A 146 20.01 21.77 4.98
C SER A 146 19.54 21.02 6.20
N ILE A 147 18.56 20.12 6.02
CA ILE A 147 18.06 19.32 7.11
C ILE A 147 19.22 18.59 7.81
N PHE A 148 20.18 18.13 7.02
CA PHE A 148 21.37 17.51 7.58
C PHE A 148 22.26 18.42 8.41
N GLU A 149 22.56 19.64 7.94
CA GLU A 149 23.28 20.63 8.76
C GLU A 149 22.54 20.97 10.07
N ILE A 150 21.23 21.02 10.00
CA ILE A 150 20.41 21.32 11.21
C ILE A 150 20.56 20.18 12.22
N ALA A 151 20.49 18.94 11.72
CA ALA A 151 20.66 17.78 12.57
C ALA A 151 22.06 17.87 13.19
N THR A 152 23.07 18.10 12.37
CA THR A 152 24.41 18.27 12.88
C THR A 152 24.46 19.30 14.05
N GLU A 153 23.92 20.47 13.80
CA GLU A 153 23.98 21.53 14.79
C GLU A 153 23.14 21.19 16.05
N LEU A 154 22.06 20.42 15.87
CA LEU A 154 21.26 19.97 16.98
C LEU A 154 21.99 19.04 17.89
N ASN A 155 22.76 18.14 17.29
CA ASN A 155 23.58 17.21 18.05
C ASN A 155 24.68 17.95 18.85
N ARG A 156 25.20 19.03 18.27
CA ARG A 156 26.27 19.82 18.91
C ARG A 156 25.65 20.53 20.12
N LEU A 157 24.48 21.12 19.95
CA LEU A 157 23.75 21.80 21.04
C LEU A 157 23.29 20.83 22.17
N GLN A 158 22.71 19.66 21.82
CA GLN A 158 22.42 18.60 22.81
C GLN A 158 23.68 18.13 23.56
N LYS A 159 24.77 17.93 22.86
CA LYS A 159 25.96 17.47 23.56
C LYS A 159 26.43 18.49 24.61
N LEU A 160 26.50 19.75 24.21
CA LEU A 160 26.88 20.84 25.10
C LEU A 160 25.82 21.13 26.18
N GLY A 161 24.54 21.02 25.83
CA GLY A 161 23.45 21.18 26.77
C GLY A 161 23.55 20.22 27.93
N SER A 162 23.74 18.94 27.62
CA SER A 162 23.77 17.89 28.61
C SER A 162 25.04 17.95 29.46
N ALA A 163 26.05 18.66 28.94
CA ALA A 163 27.29 18.90 29.64
C ALA A 163 27.21 20.20 30.44
N GLY A 164 26.19 21.00 30.20
CA GLY A 164 26.12 22.32 30.81
C GLY A 164 27.22 23.25 30.30
N GLN A 165 27.64 23.05 29.06
CA GLN A 165 28.73 23.81 28.46
C GLN A 165 28.30 24.63 27.23
N LEU A 166 27.01 24.88 27.06
CA LEU A 166 26.52 25.80 26.03
C LEU A 166 27.10 27.20 26.25
N SER A 167 27.54 27.87 25.19
CA SER A 167 28.21 29.17 25.31
C SER A 167 27.19 30.29 25.12
N THR A 168 27.57 31.54 25.41
CA THR A 168 26.70 32.74 25.17
C THR A 168 26.18 32.90 23.74
N ASN A 169 27.01 32.58 22.77
N ASN A 169 27.01 32.61 22.74
CA ASN A 169 26.63 32.73 21.39
CA ASN A 169 26.56 32.73 21.34
C ASN A 169 25.61 31.69 20.91
C ASN A 169 25.45 31.76 21.04
N ASP A 170 25.54 30.57 21.63
CA ASP A 170 24.53 29.54 21.37
C ASP A 170 23.12 29.94 21.90
N LEU A 171 23.14 30.84 22.88
CA LEU A 171 21.96 31.19 23.67
C LEU A 171 21.30 32.49 23.21
N ILE A 172 22.06 33.41 22.64
CA ILE A 172 21.53 34.72 22.19
C ILE A 172 21.05 34.75 20.72
N GLY A 173 20.31 35.80 20.36
CA GLY A 173 19.91 36.00 18.98
C GLY A 173 18.76 35.12 18.50
N GLY A 174 18.06 34.43 19.42
CA GLY A 174 16.87 33.63 19.05
C GLY A 174 15.79 34.50 18.44
N THR A 175 15.05 33.99 17.45
CA THR A 175 14.01 34.79 16.78
C THR A 175 12.65 34.10 16.77
N PHE A 176 12.65 32.81 17.04
CA PHE A 176 11.48 31.94 17.05
C PHE A 176 11.88 30.75 17.85
N THR A 177 10.94 30.09 18.54
CA THR A 177 11.24 28.88 19.33
C THR A 177 10.29 27.69 19.09
N LEU A 178 10.83 26.49 19.13
CA LEU A 178 10.04 25.29 19.21
C LEU A 178 10.37 24.57 20.48
N SER A 179 9.34 24.00 21.12
CA SER A 179 9.50 23.20 22.32
C SER A 179 8.96 21.78 22.06
N ASN A 180 9.85 20.82 21.95
CA ASN A 180 9.44 19.45 21.73
C ASN A 180 9.04 18.86 23.07
N ILE A 181 7.87 19.26 23.61
CA ILE A 181 7.44 18.67 24.90
C ILE A 181 7.29 17.12 24.71
N GLY A 182 6.87 16.70 23.50
CA GLY A 182 6.62 15.28 23.22
C GLY A 182 7.79 14.34 23.28
N SER A 183 9.03 14.83 23.44
CA SER A 183 10.16 13.92 23.63
C SER A 183 10.00 13.28 24.98
N ILE A 184 9.21 13.94 25.83
CA ILE A 184 8.81 13.40 27.14
C ILE A 184 7.33 12.91 27.22
N GLY A 185 6.37 13.73 26.79
CA GLY A 185 4.96 13.24 26.83
C GLY A 185 4.07 14.35 26.30
N GLY A 186 2.76 14.14 26.28
CA GLY A 186 1.82 15.24 26.11
C GLY A 186 1.10 15.27 24.79
N THR A 187 0.04 16.08 24.72
CA THR A 187 -0.66 16.24 23.48
C THR A 187 -0.55 17.70 23.10
N TYR A 188 -1.52 18.47 23.54
CA TYR A 188 -1.54 19.93 23.41
C TYR A 188 -0.86 20.60 24.61
N ALA A 189 -0.61 21.90 24.46
CA ALA A 189 0.14 22.64 25.47
C ALA A 189 -0.20 24.11 25.27
N LYS A 190 0.25 24.95 26.19
CA LYS A 190 0.10 26.40 26.00
C LYS A 190 1.50 26.88 26.34
N PRO A 191 2.35 26.90 25.33
CA PRO A 191 3.70 27.38 25.62
C PRO A 191 3.70 28.91 25.85
N VAL A 192 4.73 29.39 26.54
CA VAL A 192 4.85 30.78 26.84
C VAL A 192 5.89 31.40 25.87
N ILE A 193 5.54 32.56 25.32
CA ILE A 193 6.39 33.20 24.32
C ILE A 193 7.58 33.78 25.04
N LEU A 194 8.76 33.68 24.42
CA LEU A 194 9.98 34.19 25.03
C LEU A 194 10.31 35.58 24.51
N PRO A 195 9.99 36.65 25.28
CA PRO A 195 10.31 38.03 24.88
C PRO A 195 11.79 38.13 24.45
N PRO A 196 12.13 38.89 23.38
CA PRO A 196 11.26 39.66 22.52
C PRO A 196 10.73 38.85 21.31
N GLU A 197 10.66 37.53 21.40
CA GLU A 197 10.08 36.76 20.30
C GLU A 197 8.58 37.00 20.26
N VAL A 198 7.93 36.66 19.16
CA VAL A 198 6.47 36.87 19.08
C VAL A 198 5.67 35.55 18.96
N ALA A 199 6.38 34.44 18.82
CA ALA A 199 5.71 33.16 18.70
C ALA A 199 6.56 32.01 19.16
N ILE A 200 5.91 30.86 19.44
CA ILE A 200 6.49 29.60 19.96
C ILE A 200 5.54 28.44 19.61
N GLY A 201 6.09 27.30 19.23
CA GLY A 201 5.26 26.13 19.06
C GLY A 201 5.70 25.00 20.01
N ALA A 202 4.72 24.28 20.51
CA ALA A 202 5.00 23.09 21.29
C ALA A 202 4.50 21.86 20.54
N LEU A 203 5.34 20.84 20.44
CA LEU A 203 5.06 19.59 19.74
C LEU A 203 4.80 18.49 20.72
N GLY A 204 3.70 17.78 20.52
CA GLY A 204 3.31 16.72 21.43
C GLY A 204 3.92 15.41 21.03
N THR A 205 3.51 14.35 21.73
CA THR A 205 3.98 13.00 21.45
C THR A 205 3.34 12.53 20.14
N ILE A 206 4.18 12.04 19.21
CA ILE A 206 3.70 11.30 18.03
C ILE A 206 3.13 9.96 18.47
N LYS A 207 1.90 9.69 18.07
CA LYS A 207 1.07 8.57 18.60
C LYS A 207 0.36 7.89 17.42
N ALA A 208 0.32 6.56 17.38
CA ALA A 208 -0.53 5.89 16.36
C ALA A 208 -2.00 5.94 16.75
N LEU A 209 -2.80 6.53 15.86
CA LEU A 209 -4.27 6.63 16.07
C LEU A 209 -5.04 6.15 14.85
N PRO A 210 -6.26 5.61 15.07
CA PRO A 210 -7.06 5.23 13.92
C PRO A 210 -7.63 6.44 13.22
N ARG A 211 -7.36 6.53 11.93
CA ARG A 211 -7.82 7.63 11.12
C ARG A 211 -8.27 7.12 9.76
N PHE A 212 -9.22 7.83 9.16
CA PHE A 212 -9.70 7.49 7.85
C PHE A 212 -8.73 7.86 6.72
N ASN A 213 -8.54 6.95 5.77
CA ASN A 213 -7.90 7.36 4.51
C ASN A 213 -8.91 7.88 3.46
N GLU A 214 -8.40 8.14 2.25
CA GLU A 214 -9.22 8.64 1.12
C GLU A 214 -10.40 7.73 0.81
N LYS A 215 -10.16 6.40 0.74
CA LYS A 215 -11.24 5.41 0.52
C LYS A 215 -12.19 5.16 1.70
N GLY A 216 -11.97 5.87 2.82
CA GLY A 216 -12.81 5.77 4.01
C GLY A 216 -12.61 4.50 4.83
N GLU A 217 -11.40 3.95 4.74
CA GLU A 217 -10.96 2.77 5.49
C GLU A 217 -10.23 3.29 6.71
N VAL A 218 -10.41 2.61 7.83
CA VAL A 218 -9.74 2.94 9.07
C VAL A 218 -8.29 2.48 8.98
N CYS A 219 -7.35 3.44 9.07
CA CYS A 219 -5.92 3.13 8.95
CA CYS A 219 -5.92 3.15 8.93
C CYS A 219 -5.15 3.59 10.18
N LYS A 220 -3.93 3.07 10.33
CA LYS A 220 -3.00 3.51 11.38
C LYS A 220 -2.37 4.78 10.92
N ALA A 221 -2.58 5.89 11.66
CA ALA A 221 -1.91 7.12 11.31
C ALA A 221 -1.04 7.61 12.44
N GLN A 222 0.14 8.14 12.09
CA GLN A 222 1.06 8.66 13.10
C GLN A 222 0.76 10.14 13.27
N ILE A 223 0.08 10.48 14.36
CA ILE A 223 -0.50 11.80 14.57
C ILE A 223 0.32 12.55 15.63
N MET A 224 0.55 13.85 15.41
CA MET A 224 1.22 14.69 16.35
C MET A 224 0.42 15.94 16.55
N ASN A 225 0.33 16.39 17.77
CA ASN A 225 -0.31 17.66 17.99
C ASN A 225 0.73 18.78 18.01
N VAL A 226 0.27 19.96 17.60
CA VAL A 226 1.09 21.17 17.65
C VAL A 226 0.22 22.23 18.29
N SER A 227 0.83 23.02 19.19
CA SER A 227 0.18 24.09 19.90
C SER A 227 1.00 25.34 19.68
N TRP A 228 0.39 26.37 19.10
CA TRP A 228 1.18 27.59 18.81
C TRP A 228 0.69 28.68 19.74
N SER A 229 1.59 29.49 20.31
CA SER A 229 1.15 30.75 20.95
C SER A 229 1.74 31.93 20.15
N ALA A 230 0.99 33.03 19.99
CA ALA A 230 1.47 34.16 19.20
C ALA A 230 1.08 35.38 19.94
N ASP A 231 1.87 36.43 19.76
CA ASP A 231 1.60 37.70 20.40
C ASP A 231 0.47 38.36 19.62
N HIS A 232 -0.75 38.36 20.15
CA HIS A 232 -1.90 38.86 19.40
C HIS A 232 -1.97 40.40 19.24
N ARG A 233 -1.02 41.14 19.81
CA ARG A 233 -1.04 42.58 19.56
C ARG A 233 -0.71 42.82 18.07
N ILE A 234 0.11 41.93 17.50
CA ILE A 234 0.60 42.13 16.13
C ILE A 234 0.35 40.95 15.20
N ILE A 235 0.02 39.80 15.76
CA ILE A 235 -0.18 38.58 14.97
C ILE A 235 -1.62 38.16 15.07
N ASP A 236 -2.33 38.13 13.95
CA ASP A 236 -3.75 37.79 13.99
C ASP A 236 -3.95 36.29 13.77
N GLY A 237 -5.20 35.84 13.92
CA GLY A 237 -5.50 34.40 14.00
C GLY A 237 -5.20 33.73 12.68
N ALA A 238 -5.46 34.46 11.60
CA ALA A 238 -5.30 33.99 10.22
C ALA A 238 -3.87 33.81 9.83
N THR A 239 -2.98 34.72 10.26
CA THR A 239 -1.57 34.53 10.05
C THR A 239 -1.01 33.23 10.68
N VAL A 240 -1.33 32.99 11.96
CA VAL A 240 -0.81 31.79 12.66
C VAL A 240 -1.38 30.54 12.01
N SER A 241 -2.66 30.57 11.64
CA SER A 241 -3.35 29.47 11.07
C SER A 241 -2.79 29.09 9.67
N ARG A 242 -2.69 30.07 8.79
CA ARG A 242 -2.05 29.88 7.48
C ARG A 242 -0.57 29.42 7.60
N PHE A 243 0.17 30.05 8.51
CA PHE A 243 1.55 29.59 8.77
C PHE A 243 1.54 28.11 9.16
N SER A 244 0.65 27.77 10.10
CA SER A 244 0.55 26.41 10.63
C SER A 244 0.16 25.38 9.57
N ASN A 245 -0.85 25.68 8.75
CA ASN A 245 -1.21 24.90 7.56
C ASN A 245 -0.07 24.72 6.57
N LEU A 246 0.82 25.70 6.46
CA LEU A 246 1.91 25.60 5.52
C LEU A 246 2.98 24.67 6.10
N TRP A 247 3.29 24.89 7.38
CA TRP A 247 4.28 24.10 8.12
C TRP A 247 3.76 22.67 8.05
N LYS A 248 2.49 22.48 8.42
CA LYS A 248 1.86 21.17 8.38
C LYS A 248 1.88 20.53 6.96
N SER A 249 1.55 21.23 5.88
CA SER A 249 1.66 20.60 4.52
C SER A 249 3.10 20.12 4.14
N TYR A 250 4.12 20.81 4.60
CA TYR A 250 5.50 20.38 4.40
C TYR A 250 5.83 19.07 5.12
N LEU A 251 5.19 18.82 6.27
CA LEU A 251 5.51 17.60 7.06
C LEU A 251 4.66 16.43 6.64
N GLU A 252 3.43 16.73 6.26
CA GLU A 252 2.53 15.72 5.73
C GLU A 252 2.99 15.27 4.36
N ASN A 253 3.49 16.22 3.59
CA ASN A 253 3.93 15.98 2.23
C ASN A 253 5.35 16.51 2.05
N PRO A 254 6.36 15.78 2.55
CA PRO A 254 7.76 16.30 2.56
C PRO A 254 8.35 16.62 1.20
N ALA A 255 7.65 16.20 0.15
CA ALA A 255 8.07 16.41 -1.22
C ALA A 255 7.81 17.84 -1.58
N PHE A 256 6.90 18.47 -0.86
CA PHE A 256 6.60 19.87 -1.07
C PHE A 256 7.81 20.67 -0.68
N MET A 257 8.56 20.18 0.31
CA MET A 257 9.82 20.82 0.73
C MET A 257 10.88 20.83 -0.35
N LEU A 258 11.05 19.71 -1.08
CA LEU A 258 11.98 19.56 -2.22
C LEU A 258 11.89 20.57 -3.33
N LEU A 259 10.67 21.00 -3.63
CA LEU A 259 10.42 21.86 -4.76
C LEU A 259 11.33 23.07 -4.68
N ASP A 260 11.44 23.69 -3.51
CA ASP A 260 12.12 24.99 -3.43
C ASP A 260 13.47 25.03 -2.73
N LEU A 261 14.02 23.86 -2.37
CA LEU A 261 15.37 23.77 -1.82
C LEU A 261 16.44 23.67 -2.89
N LYS A 262 17.61 24.24 -2.61
CA LYS A 262 18.69 24.46 -3.58
C LYS A 262 19.95 23.68 -3.18
N GLY B 29 -34.48 41.45 28.81
CA GLY B 29 -35.49 42.46 28.28
C GLY B 29 -34.94 43.81 27.83
N LYS B 30 -34.22 44.45 28.76
CA LYS B 30 -33.42 45.68 28.56
C LYS B 30 -32.14 45.47 29.40
N ASP B 31 -31.13 46.35 29.26
CA ASP B 31 -29.87 46.15 30.00
C ASP B 31 -30.08 46.44 31.49
N ARG B 32 -29.47 45.60 32.32
CA ARG B 32 -29.59 45.68 33.75
C ARG B 32 -28.18 45.57 34.36
N THR B 33 -27.70 46.68 34.94
CA THR B 33 -26.40 46.73 35.64
C THR B 33 -26.58 46.37 37.13
N GLU B 34 -25.59 45.71 37.71
CA GLU B 34 -25.79 45.11 39.01
C GLU B 34 -24.48 44.84 39.79
N PRO B 35 -24.41 45.30 41.06
CA PRO B 35 -23.21 45.04 41.88
C PRO B 35 -22.83 43.58 41.98
N VAL B 36 -21.53 43.31 41.88
CA VAL B 36 -20.93 42.07 42.33
C VAL B 36 -20.81 42.21 43.85
N LYS B 37 -21.32 41.24 44.58
CA LYS B 37 -21.42 41.41 46.02
C LYS B 37 -21.24 40.15 46.80
N GLY B 38 -21.02 40.32 48.10
CA GLY B 38 -20.89 39.23 49.06
C GLY B 38 -19.83 38.27 48.62
N PHE B 39 -20.18 37.00 48.55
CA PHE B 39 -19.21 35.99 48.25
C PHE B 39 -18.66 36.06 46.82
N HIS B 40 -19.43 36.64 45.91
CA HIS B 40 -18.94 36.79 44.54
C HIS B 40 -17.65 37.62 44.44
N LYS B 41 -17.38 38.46 45.45
CA LYS B 41 -16.19 39.32 45.51
C LYS B 41 -14.89 38.52 45.59
N ALA B 42 -14.94 37.31 46.13
CA ALA B 42 -13.74 36.55 46.39
C ALA B 42 -13.15 35.96 45.11
N MET B 43 -14.03 35.54 44.19
CA MET B 43 -13.55 34.97 42.94
C MET B 43 -12.91 36.12 42.10
N VAL B 44 -13.50 37.30 42.16
CA VAL B 44 -12.91 38.49 41.53
C VAL B 44 -11.47 38.68 42.05
N LYS B 45 -11.30 38.71 43.38
CA LYS B 45 -9.99 38.90 44.01
C LYS B 45 -9.01 37.77 43.70
N THR B 46 -9.50 36.55 43.75
CA THR B 46 -8.68 35.37 43.52
C THR B 46 -8.18 35.28 42.07
N MET B 47 -9.10 35.44 41.13
CA MET B 47 -8.73 35.35 39.75
C MET B 47 -7.84 36.54 39.28
N SER B 48 -8.06 37.75 39.82
CA SER B 48 -7.25 38.92 39.50
C SER B 48 -5.80 38.75 40.00
N ALA B 49 -5.62 38.13 41.17
CA ALA B 49 -4.31 37.82 41.73
C ALA B 49 -3.59 36.79 40.85
N ALA B 50 -4.34 35.94 40.17
CA ALA B 50 -3.75 34.92 39.32
C ALA B 50 -3.14 35.49 38.05
N LEU B 51 -3.52 36.70 37.67
CA LEU B 51 -2.88 37.43 36.57
C LEU B 51 -1.34 37.58 36.76
N LYS B 52 -0.87 37.48 37.99
CA LYS B 52 0.55 37.67 38.26
C LYS B 52 1.36 36.40 37.97
N ILE B 53 0.66 35.31 37.69
CA ILE B 53 1.29 34.03 37.46
C ILE B 53 1.37 33.78 35.94
N PRO B 54 2.62 33.65 35.42
CA PRO B 54 2.81 33.21 34.04
C PRO B 54 2.41 31.74 33.89
N HIS B 55 1.22 31.49 33.38
CA HIS B 55 0.70 30.12 33.29
C HIS B 55 1.36 29.38 32.11
N PHE B 56 1.86 28.16 32.34
CA PHE B 56 2.28 27.24 31.25
C PHE B 56 1.23 26.14 31.19
N GLY B 57 0.72 25.81 30.00
CA GLY B 57 -0.24 24.71 29.87
C GLY B 57 0.46 23.48 29.31
N TYR B 58 0.17 22.32 29.86
CA TYR B 58 0.64 21.04 29.34
C TYR B 58 -0.55 20.05 29.45
N CYS B 59 -0.94 19.44 28.33
CA CYS B 59 -2.08 18.52 28.32
C CYS B 59 -1.70 17.14 27.90
N ASP B 60 -2.57 16.17 28.17
CA ASP B 60 -2.36 14.79 27.73
C ASP B 60 -3.68 14.00 27.69
N GLU B 61 -3.67 12.80 27.13
CA GLU B 61 -4.79 11.91 27.30
C GLU B 61 -4.33 10.72 28.12
N VAL B 62 -5.23 10.19 28.92
CA VAL B 62 -4.95 9.06 29.77
C VAL B 62 -5.92 7.94 29.38
N ASP B 63 -5.41 6.72 29.27
CA ASP B 63 -6.25 5.60 29.01
C ASP B 63 -6.76 4.99 30.37
N LEU B 64 -8.04 5.27 30.67
CA LEU B 64 -8.65 4.78 31.92
C LEU B 64 -9.46 3.48 31.82
N THR B 65 -9.29 2.72 30.74
CA THR B 65 -10.01 1.42 30.59
C THR B 65 -9.83 0.53 31.83
N GLU B 66 -8.59 0.40 32.33
CA GLU B 66 -8.36 -0.49 33.49
C GLU B 66 -8.91 0.10 34.80
N LEU B 67 -8.78 1.40 34.96
CA LEU B 67 -9.41 2.09 36.11
C LEU B 67 -10.94 2.01 36.11
N VAL B 68 -11.55 2.15 34.92
CA VAL B 68 -13.02 2.07 34.85
C VAL B 68 -13.47 0.71 35.37
N LYS B 69 -12.79 -0.34 34.90
CA LYS B 69 -13.02 -1.72 35.30
C LYS B 69 -12.74 -1.93 36.84
N LEU B 70 -11.59 -1.45 37.30
CA LEU B 70 -11.26 -1.47 38.69
C LEU B 70 -12.30 -0.74 39.60
N ARG B 71 -12.74 0.46 39.22
CA ARG B 71 -13.77 1.18 39.98
C ARG B 71 -15.05 0.36 40.05
N GLU B 72 -15.43 -0.30 38.96
CA GLU B 72 -16.60 -1.23 39.00
C GLU B 72 -16.44 -2.41 39.97
N GLU B 73 -15.23 -2.93 40.09
CA GLU B 73 -14.97 -3.99 41.08
C GLU B 73 -15.11 -3.45 42.52
N LEU B 74 -14.68 -2.21 42.74
CA LEU B 74 -14.64 -1.62 44.09
C LEU B 74 -15.92 -0.95 44.55
N LYS B 75 -16.74 -0.51 43.59
CA LYS B 75 -18.03 0.15 43.84
C LYS B 75 -18.94 -0.53 44.87
N PRO B 76 -19.18 -1.85 44.75
CA PRO B 76 -19.93 -2.64 45.72
C PRO B 76 -19.38 -2.67 47.16
N ILE B 77 -18.06 -2.57 47.32
CA ILE B 77 -17.45 -2.58 48.66
C ILE B 77 -17.68 -1.22 49.28
N ALA B 78 -17.36 -0.15 48.54
CA ALA B 78 -17.54 1.22 49.03
C ALA B 78 -19.01 1.48 49.36
N PHE B 79 -19.89 0.98 48.50
CA PHE B 79 -21.31 1.09 48.74
C PHE B 79 -21.78 0.41 50.03
N ALA B 80 -21.41 -0.85 50.22
CA ALA B 80 -21.63 -1.54 51.50
C ALA B 80 -21.15 -0.73 52.74
N ARG B 81 -20.06 0.02 52.60
CA ARG B 81 -19.56 0.91 53.65
C ARG B 81 -20.21 2.30 53.63
N GLY B 82 -21.24 2.49 52.82
CA GLY B 82 -21.96 3.78 52.76
C GLY B 82 -21.29 4.93 52.01
N ILE B 83 -20.28 4.59 51.21
CA ILE B 83 -19.53 5.60 50.46
C ILE B 83 -19.83 5.49 48.95
N LYS B 84 -20.04 6.60 48.29
CA LYS B 84 -19.98 6.63 46.84
C LYS B 84 -18.48 6.74 46.43
N LEU B 85 -18.06 5.79 45.60
CA LEU B 85 -16.70 5.78 45.05
C LEU B 85 -16.72 6.26 43.58
N SER B 86 -16.20 7.48 43.36
CA SER B 86 -16.12 8.04 42.05
C SER B 86 -14.66 7.87 41.57
N PHE B 87 -14.25 8.61 40.55
CA PHE B 87 -12.86 8.46 40.03
C PHE B 87 -11.92 9.37 40.80
N MET B 88 -12.46 10.44 41.34
CA MET B 88 -11.66 11.45 42.06
C MET B 88 -10.67 10.91 43.14
N PRO B 89 -11.12 10.02 44.03
CA PRO B 89 -10.20 9.46 45.04
C PRO B 89 -8.97 8.82 44.37
N PHE B 90 -9.17 8.18 43.22
CA PHE B 90 -8.03 7.68 42.43
C PHE B 90 -7.14 8.76 41.88
N PHE B 91 -7.71 9.77 41.23
CA PHE B 91 -6.93 10.91 40.66
C PHE B 91 -6.14 11.60 41.75
N LEU B 92 -6.71 11.72 42.92
CA LEU B 92 -6.13 12.43 44.06
C LEU B 92 -4.95 11.65 44.66
N LYS B 93 -5.17 10.35 44.89
CA LYS B 93 -4.10 9.49 45.35
C LYS B 93 -2.94 9.37 44.36
N ALA B 94 -3.22 9.14 43.10
CA ALA B 94 -2.17 9.22 42.11
C ALA B 94 -1.48 10.61 42.09
N ALA B 95 -2.22 11.72 42.21
CA ALA B 95 -1.59 13.06 42.27
C ALA B 95 -0.66 13.13 43.46
N SER B 96 -1.11 12.71 44.62
CA SER B 96 -0.25 12.71 45.82
C SER B 96 1.04 11.91 45.62
N LEU B 97 0.90 10.66 45.17
CA LEU B 97 2.08 9.85 44.84
C LEU B 97 3.03 10.55 43.84
N GLY B 98 2.46 11.22 42.85
CA GLY B 98 3.30 11.96 41.89
C GLY B 98 4.00 13.15 42.56
N LEU B 99 3.30 13.80 43.49
CA LEU B 99 3.86 14.95 44.16
C LEU B 99 4.98 14.60 45.12
N LEU B 100 5.04 13.34 45.57
CA LEU B 100 6.16 12.90 46.38
C LEU B 100 7.45 12.92 45.55
N GLN B 101 7.29 12.71 44.25
CA GLN B 101 8.45 12.61 43.38
C GLN B 101 8.83 13.96 42.81
N PHE B 102 7.83 14.83 42.68
CA PHE B 102 7.99 16.17 42.14
C PHE B 102 7.47 17.17 43.17
N PRO B 103 8.21 17.29 44.33
CA PRO B 103 7.67 18.09 45.43
C PRO B 103 7.47 19.59 45.11
N ILE B 104 8.16 20.14 44.11
CA ILE B 104 8.05 21.54 43.69
C ILE B 104 6.67 21.93 43.17
N LEU B 105 5.88 20.94 42.69
CA LEU B 105 4.46 21.14 42.33
C LEU B 105 3.53 21.37 43.53
N ASN B 106 4.01 21.01 44.72
CA ASN B 106 3.26 21.17 45.99
C ASN B 106 4.03 22.17 46.84
N ALA B 107 4.06 23.40 46.39
CA ALA B 107 4.94 24.44 46.90
C ALA B 107 4.27 25.78 46.62
N SER B 108 4.74 26.81 47.30
CA SER B 108 4.30 28.19 47.10
C SER B 108 5.49 29.08 46.89
N VAL B 109 5.23 30.21 46.22
CA VAL B 109 6.20 31.26 46.02
C VAL B 109 5.68 32.56 46.60
N ASP B 110 6.61 33.47 46.90
CA ASP B 110 6.29 34.81 47.43
C ASP B 110 5.98 35.79 46.30
N GLU B 111 5.61 37.00 46.66
CA GLU B 111 5.28 38.04 45.68
C GLU B 111 6.32 38.10 44.55
N ASN B 112 7.58 38.33 44.90
CA ASN B 112 8.61 38.44 43.86
C ASN B 112 9.00 37.10 43.19
N CYS B 113 8.64 35.98 43.82
CA CYS B 113 9.10 34.67 43.41
C CYS B 113 10.59 34.65 43.66
N GLN B 114 10.93 35.10 44.86
CA GLN B 114 12.29 35.14 45.34
C GLN B 114 12.60 33.89 46.16
N ASN B 115 11.56 33.33 46.78
CA ASN B 115 11.70 32.16 47.63
C ASN B 115 10.55 31.20 47.44
N ILE B 116 10.87 29.93 47.52
CA ILE B 116 9.94 28.86 47.37
C ILE B 116 9.79 28.17 48.73
N THR B 117 8.54 27.94 49.12
CA THR B 117 8.19 27.08 50.24
C THR B 117 7.59 25.78 49.72
N TYR B 118 8.38 24.73 49.82
CA TYR B 118 7.94 23.36 49.68
C TYR B 118 7.11 22.98 50.86
N LYS B 119 5.90 22.50 50.55
CA LYS B 119 4.89 22.22 51.56
C LYS B 119 4.75 20.70 51.73
N ALA B 120 4.90 20.25 52.96
CA ALA B 120 4.98 18.83 53.22
C ALA B 120 3.62 18.11 53.10
N SER B 121 2.54 18.75 53.54
CA SER B 121 1.22 18.13 53.50
C SER B 121 0.69 18.27 52.11
N HIS B 122 0.12 17.19 51.58
CA HIS B 122 -0.62 17.27 50.33
C HIS B 122 -2.04 17.61 50.65
N ASN B 123 -2.35 18.91 50.66
CA ASN B 123 -3.74 19.34 50.97
C ASN B 123 -4.36 19.70 49.67
N ILE B 124 -5.06 18.72 49.09
CA ILE B 124 -5.40 18.85 47.69
C ILE B 124 -6.81 19.36 47.56
N GLY B 125 -6.90 20.52 46.89
CA GLY B 125 -8.16 21.25 46.72
C GLY B 125 -9.03 20.63 45.67
N ILE B 126 -10.36 20.73 45.87
CA ILE B 126 -11.34 20.18 44.99
C ILE B 126 -12.17 21.32 44.49
N ALA B 127 -11.96 21.79 43.25
CA ALA B 127 -12.71 23.01 42.89
C ALA B 127 -14.18 22.57 42.70
N MET B 128 -15.09 23.31 43.29
CA MET B 128 -16.53 23.08 43.09
C MET B 128 -17.22 24.43 42.91
N ASP B 129 -18.31 24.44 42.15
CA ASP B 129 -19.12 25.66 42.02
C ASP B 129 -20.41 25.48 42.80
N THR B 130 -20.72 26.50 43.58
CA THR B 130 -22.04 26.53 44.20
C THR B 130 -22.74 27.81 43.74
N GLU B 131 -23.92 28.08 44.29
CA GLU B 131 -24.73 29.17 43.75
C GLU B 131 -24.10 30.50 44.10
N GLN B 132 -23.22 30.47 45.11
CA GLN B 132 -22.43 31.64 45.53
C GLN B 132 -21.04 31.61 44.88
N GLY B 133 -20.88 30.80 43.84
CA GLY B 133 -19.63 30.77 43.12
C GLY B 133 -18.65 29.69 43.55
N LEU B 134 -17.38 30.03 43.39
CA LEU B 134 -16.29 29.11 43.47
C LEU B 134 -15.85 28.84 44.88
N ILE B 135 -15.77 27.54 45.16
CA ILE B 135 -15.47 27.09 46.46
C ILE B 135 -14.47 25.94 46.26
N VAL B 136 -13.33 26.02 46.94
CA VAL B 136 -12.26 25.03 46.81
C VAL B 136 -11.84 24.49 48.20
N PRO B 137 -12.66 23.57 48.78
CA PRO B 137 -12.16 22.96 50.01
C PRO B 137 -11.04 22.00 49.66
N ASN B 138 -10.27 21.53 50.62
CA ASN B 138 -9.23 20.55 50.28
C ASN B 138 -9.29 19.34 51.22
N VAL B 139 -8.80 18.20 50.72
CA VAL B 139 -8.60 16.98 51.51
C VAL B 139 -7.20 17.09 52.11
N LYS B 140 -7.12 17.09 53.45
CA LYS B 140 -5.85 17.25 54.15
C LYS B 140 -4.98 15.99 54.03
N ASN B 141 -3.66 16.19 53.93
CA ASN B 141 -2.73 15.09 54.10
C ASN B 141 -3.09 13.87 53.27
N VAL B 142 -3.37 14.06 51.98
CA VAL B 142 -3.70 12.96 51.10
C VAL B 142 -2.60 11.91 51.15
N GLN B 143 -1.37 12.33 51.44
CA GLN B 143 -0.26 11.40 51.36
C GLN B 143 -0.33 10.25 52.41
N ILE B 144 -1.17 10.38 53.45
CA ILE B 144 -1.29 9.33 54.48
C ILE B 144 -2.69 8.77 54.58
N ARG B 145 -3.50 9.03 53.56
CA ARG B 145 -4.85 8.58 53.47
C ARG B 145 -4.98 7.59 52.31
N SER B 146 -5.87 6.64 52.47
CA SER B 146 -6.04 5.62 51.48
C SER B 146 -7.12 6.12 50.56
N ILE B 147 -7.26 5.47 49.39
CA ILE B 147 -8.28 5.81 48.39
C ILE B 147 -9.67 5.82 49.02
N PHE B 148 -9.92 4.92 49.98
CA PHE B 148 -11.24 4.82 50.64
C PHE B 148 -11.47 5.96 51.63
N GLU B 149 -10.44 6.31 52.39
CA GLU B 149 -10.53 7.49 53.25
C GLU B 149 -10.62 8.76 52.40
N ILE B 150 -9.98 8.81 51.23
CA ILE B 150 -10.09 10.00 50.38
C ILE B 150 -11.58 10.14 49.91
N ALA B 151 -12.17 9.04 49.45
CA ALA B 151 -13.57 9.01 49.03
C ALA B 151 -14.51 9.46 50.16
N THR B 152 -14.23 9.03 51.38
CA THR B 152 -15.06 9.41 52.56
C THR B 152 -15.02 10.93 52.79
N GLU B 153 -13.80 11.48 52.77
CA GLU B 153 -13.59 12.90 52.99
C GLU B 153 -14.18 13.74 51.84
N LEU B 154 -14.07 13.24 50.60
CA LEU B 154 -14.70 13.89 49.43
C LEU B 154 -16.19 13.97 49.58
N ASN B 155 -16.81 12.84 49.88
CA ASN B 155 -18.21 12.77 50.21
C ASN B 155 -18.60 13.81 51.30
N ARG B 156 -17.80 13.94 52.36
CA ARG B 156 -18.08 14.86 53.50
C ARG B 156 -18.03 16.31 52.98
N LEU B 157 -16.95 16.67 52.29
CA LEU B 157 -16.79 17.97 51.61
C LEU B 157 -17.88 18.34 50.57
N GLN B 158 -18.31 17.39 49.74
CA GLN B 158 -19.44 17.62 48.81
C GLN B 158 -20.72 17.98 49.56
N LYS B 159 -21.08 17.19 50.57
CA LYS B 159 -22.31 17.44 51.33
C LYS B 159 -22.31 18.80 51.98
N LEU B 160 -21.26 19.05 52.76
CA LEU B 160 -21.01 20.34 53.38
C LEU B 160 -21.00 21.49 52.37
N GLY B 161 -20.25 21.31 51.31
CA GLY B 161 -20.20 22.27 50.20
C GLY B 161 -21.57 22.64 49.64
N SER B 162 -22.41 21.64 49.39
CA SER B 162 -23.71 21.90 48.83
C SER B 162 -24.65 22.51 49.85
N ALA B 163 -24.41 22.22 51.13
CA ALA B 163 -25.19 22.80 52.19
C ALA B 163 -24.66 24.17 52.68
N GLY B 164 -23.60 24.67 52.08
CA GLY B 164 -23.00 25.94 52.54
C GLY B 164 -22.47 25.87 53.96
N GLN B 165 -21.86 24.73 54.30
CA GLN B 165 -21.48 24.48 55.68
C GLN B 165 -20.01 24.17 55.84
N LEU B 166 -19.19 24.45 54.81
CA LEU B 166 -17.76 24.21 54.94
C LEU B 166 -17.14 25.07 56.06
N SER B 167 -16.19 24.51 56.79
CA SER B 167 -15.56 25.28 57.85
C SER B 167 -14.45 26.06 57.20
N THR B 168 -13.94 27.01 57.96
CA THR B 168 -12.72 27.73 57.58
C THR B 168 -11.59 26.74 57.38
N ASN B 169 -11.44 25.77 58.28
N ASN B 169 -11.43 25.79 58.30
CA ASN B 169 -10.34 24.80 58.18
CA ASN B 169 -10.37 24.79 58.18
C ASN B 169 -10.43 23.82 57.00
C ASN B 169 -10.43 24.08 56.84
N ASP B 170 -11.63 23.61 56.47
CA ASP B 170 -11.86 22.90 55.19
C ASP B 170 -11.37 23.71 53.96
N LEU B 171 -11.46 25.03 54.04
CA LEU B 171 -11.11 25.93 52.94
C LEU B 171 -9.61 26.35 52.95
N ILE B 172 -9.03 26.50 54.13
CA ILE B 172 -7.64 27.00 54.14
C ILE B 172 -6.59 25.93 53.94
N GLY B 173 -5.34 26.35 53.67
CA GLY B 173 -4.20 25.44 53.69
C GLY B 173 -4.01 24.59 52.45
N GLY B 174 -4.74 24.85 51.35
CA GLY B 174 -4.63 23.95 50.16
C GLY B 174 -3.25 24.12 49.54
N THR B 175 -2.70 23.07 48.91
CA THR B 175 -1.32 23.16 48.40
C THR B 175 -1.25 22.83 46.92
N PHE B 176 -2.36 22.33 46.38
CA PHE B 176 -2.46 21.79 45.00
C PHE B 176 -3.93 21.58 44.69
N THR B 177 -4.38 21.83 43.45
CA THR B 177 -5.81 21.74 43.12
C THR B 177 -6.13 20.82 41.94
N LEU B 178 -7.23 20.09 42.04
CA LEU B 178 -7.81 19.40 40.89
C LEU B 178 -9.21 19.93 40.65
N SER B 179 -9.57 20.07 39.39
CA SER B 179 -10.93 20.52 38.99
C SER B 179 -11.49 19.45 38.03
N ASN B 180 -12.48 18.73 38.48
CA ASN B 180 -13.16 17.74 37.65
C ASN B 180 -14.23 18.42 36.82
N ILE B 181 -13.81 19.12 35.77
CA ILE B 181 -14.81 19.80 34.90
C ILE B 181 -15.67 18.70 34.22
N GLY B 182 -15.05 17.53 34.02
CA GLY B 182 -15.64 16.41 33.30
C GLY B 182 -16.83 15.76 33.99
N SER B 183 -17.07 16.15 35.23
CA SER B 183 -18.34 15.79 35.86
C SER B 183 -19.47 16.51 35.15
N ILE B 184 -19.20 17.58 34.41
CA ILE B 184 -20.24 18.24 33.63
C ILE B 184 -19.99 18.03 32.09
N GLY B 185 -18.78 18.31 31.62
CA GLY B 185 -18.51 18.22 30.18
C GLY B 185 -17.02 18.50 29.94
N GLY B 186 -16.61 18.49 28.69
CA GLY B 186 -15.31 19.06 28.28
C GLY B 186 -14.30 18.02 27.91
N THR B 187 -13.22 18.48 27.26
CA THR B 187 -12.11 17.60 26.94
C THR B 187 -10.93 18.25 27.64
N TYR B 188 -10.30 19.20 26.93
CA TYR B 188 -9.20 20.00 27.48
C TYR B 188 -9.74 21.28 28.11
N ALA B 189 -8.90 21.94 28.86
CA ALA B 189 -9.28 23.21 29.46
C ALA B 189 -7.99 23.96 29.74
N LYS B 190 -8.10 25.21 30.19
CA LYS B 190 -6.97 25.94 30.70
C LYS B 190 -7.39 26.45 32.10
N PRO B 191 -7.13 25.64 33.16
CA PRO B 191 -7.53 26.04 34.53
C PRO B 191 -6.64 27.18 35.05
N VAL B 192 -7.20 27.99 35.94
CA VAL B 192 -6.47 29.09 36.49
C VAL B 192 -5.87 28.66 37.84
N ILE B 193 -4.57 28.92 38.03
CA ILE B 193 -3.87 28.55 39.29
C ILE B 193 -4.40 29.48 40.35
N LEU B 194 -4.56 28.92 41.54
CA LEU B 194 -5.05 29.60 42.73
C LEU B 194 -3.88 29.99 43.62
N PRO B 195 -3.48 31.27 43.63
CA PRO B 195 -2.38 31.73 44.48
C PRO B 195 -2.70 31.41 45.96
N PRO B 196 -1.69 30.98 46.78
CA PRO B 196 -0.30 30.87 46.42
C PRO B 196 0.16 29.54 45.87
N GLU B 197 -0.75 28.72 45.35
CA GLU B 197 -0.31 27.44 44.75
C GLU B 197 0.41 27.73 43.45
N VAL B 198 1.06 26.70 42.92
CA VAL B 198 1.88 26.82 41.68
C VAL B 198 1.35 25.96 40.52
N ALA B 199 0.34 25.10 40.79
CA ALA B 199 -0.19 24.23 39.77
C ALA B 199 -1.66 23.84 40.03
N ILE B 200 -2.34 23.44 38.95
CA ILE B 200 -3.75 22.96 39.01
C ILE B 200 -3.97 22.01 37.84
N GLY B 201 -4.77 20.97 38.02
CA GLY B 201 -5.14 20.08 36.89
C GLY B 201 -6.64 20.12 36.67
N ALA B 202 -7.08 20.10 35.39
CA ALA B 202 -8.51 19.99 35.02
C ALA B 202 -8.67 18.65 34.36
N LEU B 203 -9.69 17.91 34.75
CA LEU B 203 -9.93 16.55 34.21
C LEU B 203 -11.17 16.62 33.35
N GLY B 204 -11.08 16.15 32.12
CA GLY B 204 -12.21 16.16 31.22
C GLY B 204 -13.11 14.94 31.32
N THR B 205 -14.10 14.86 30.45
CA THR B 205 -15.08 13.77 30.48
C THR B 205 -14.41 12.49 29.98
N ILE B 206 -14.60 11.40 30.70
CA ILE B 206 -14.17 10.07 30.25
C ILE B 206 -15.11 9.61 29.16
N LYS B 207 -14.57 9.27 27.99
CA LYS B 207 -15.38 8.98 26.80
C LYS B 207 -14.76 7.75 26.15
N ALA B 208 -15.58 6.88 25.58
CA ALA B 208 -15.11 5.73 24.76
C ALA B 208 -14.71 6.12 23.36
N LEU B 209 -13.44 5.81 23.01
CA LEU B 209 -12.90 6.14 21.67
C LEU B 209 -12.18 4.97 21.05
N PRO B 210 -12.17 4.91 19.70
CA PRO B 210 -11.47 3.80 19.08
C PRO B 210 -9.98 4.03 19.17
N ARG B 211 -9.26 3.09 19.78
CA ARG B 211 -7.80 3.20 19.92
C ARG B 211 -7.18 1.84 19.59
N PHE B 212 -5.94 1.84 19.13
CA PHE B 212 -5.20 0.58 18.89
C PHE B 212 -4.71 -0.07 20.19
N ASN B 213 -4.76 -1.40 20.25
CA ASN B 213 -4.02 -2.07 21.31
C ASN B 213 -2.65 -2.47 20.74
N GLU B 214 -1.83 -3.16 21.53
CA GLU B 214 -0.49 -3.63 21.08
C GLU B 214 -0.52 -4.61 19.91
N LYS B 215 -1.59 -5.40 19.79
CA LYS B 215 -1.77 -6.24 18.59
C LYS B 215 -2.00 -5.37 17.35
N GLY B 216 -2.39 -4.11 17.56
CA GLY B 216 -2.69 -3.19 16.45
C GLY B 216 -4.12 -3.28 15.95
N GLU B 217 -5.04 -3.67 16.83
CA GLU B 217 -6.46 -3.84 16.52
C GLU B 217 -7.22 -2.71 17.16
N VAL B 218 -8.26 -2.24 16.47
CA VAL B 218 -9.09 -1.15 16.97
C VAL B 218 -9.96 -1.63 18.12
N CYS B 219 -9.71 -1.06 19.31
CA CYS B 219 -10.37 -1.44 20.56
CA CYS B 219 -10.44 -1.47 20.51
C CYS B 219 -11.17 -0.27 21.12
N LYS B 220 -12.05 -0.56 22.09
CA LYS B 220 -12.84 0.46 22.79
C LYS B 220 -12.03 0.91 23.99
N ALA B 221 -11.50 2.14 23.97
CA ALA B 221 -10.72 2.65 25.08
C ALA B 221 -11.49 3.71 25.79
N GLN B 222 -11.41 3.72 27.11
CA GLN B 222 -12.01 4.80 27.92
C GLN B 222 -10.95 5.88 28.10
N ILE B 223 -11.10 6.96 27.37
CA ILE B 223 -10.06 7.98 27.30
C ILE B 223 -10.45 9.21 28.10
N MET B 224 -9.52 9.76 28.85
CA MET B 224 -9.84 11.04 29.56
C MET B 224 -8.77 12.04 29.27
N ASN B 225 -9.14 13.29 29.13
CA ASN B 225 -8.07 14.28 28.94
C ASN B 225 -7.71 14.92 30.24
N VAL B 226 -6.45 15.29 30.37
CA VAL B 226 -5.96 16.09 31.50
C VAL B 226 -5.26 17.37 31.01
N SER B 227 -5.53 18.50 31.70
CA SER B 227 -4.90 19.77 31.40
C SER B 227 -4.29 20.30 32.65
N TRP B 228 -2.97 20.46 32.66
CA TRP B 228 -2.28 21.04 33.81
C TRP B 228 -1.88 22.48 33.49
N SER B 229 -2.01 23.38 34.45
CA SER B 229 -1.43 24.75 34.38
C SER B 229 -0.39 24.85 35.49
N ALA B 230 0.75 25.48 35.22
CA ALA B 230 1.81 25.50 36.19
C ALA B 230 2.48 26.86 36.14
N ASP B 231 2.98 27.31 37.28
CA ASP B 231 3.55 28.66 37.39
C ASP B 231 4.91 28.53 36.77
N HIS B 232 5.08 29.09 35.57
CA HIS B 232 6.34 28.89 34.81
C HIS B 232 7.60 29.65 35.29
N ARG B 233 7.46 30.54 36.25
CA ARG B 233 8.59 31.19 36.90
C ARG B 233 9.51 30.20 37.65
N ILE B 234 8.93 29.11 38.15
CA ILE B 234 9.64 28.12 38.94
C ILE B 234 9.42 26.70 38.47
N ILE B 235 8.37 26.48 37.69
CA ILE B 235 8.08 25.12 37.17
C ILE B 235 8.42 25.01 35.69
N ASP B 236 9.34 24.14 35.30
CA ASP B 236 9.59 24.03 33.86
C ASP B 236 8.76 22.91 33.23
N GLY B 237 8.87 22.80 31.91
CA GLY B 237 8.01 21.91 31.14
C GLY B 237 8.24 20.46 31.44
N ALA B 238 9.49 20.15 31.75
CA ALA B 238 9.92 18.77 31.96
C ALA B 238 9.36 18.26 33.25
N THR B 239 9.44 19.07 34.30
CA THR B 239 8.86 18.72 35.57
C THR B 239 7.38 18.42 35.46
N VAL B 240 6.63 19.31 34.80
CA VAL B 240 5.19 19.09 34.78
C VAL B 240 4.86 17.86 33.90
N SER B 241 5.65 17.63 32.87
CA SER B 241 5.44 16.55 31.93
C SER B 241 5.81 15.20 32.61
N ARG B 242 6.93 15.15 33.34
CA ARG B 242 7.30 13.93 34.05
C ARG B 242 6.32 13.58 35.18
N PHE B 243 5.93 14.60 35.94
CA PHE B 243 4.86 14.43 36.93
C PHE B 243 3.58 13.86 36.32
N SER B 244 3.08 14.53 35.28
CA SER B 244 1.93 14.04 34.48
C SER B 244 2.08 12.62 33.99
N ASN B 245 3.26 12.21 33.49
CA ASN B 245 3.47 10.85 32.99
C ASN B 245 3.40 9.81 34.14
N LEU B 246 3.90 10.23 35.31
CA LEU B 246 3.83 9.42 36.51
C LEU B 246 2.40 9.25 37.04
N TRP B 247 1.70 10.36 37.27
CA TRP B 247 0.29 10.36 37.61
C TRP B 247 -0.45 9.41 36.61
N LYS B 248 -0.17 9.58 35.32
CA LYS B 248 -0.87 8.86 34.29
C LYS B 248 -0.50 7.36 34.29
N SER B 249 0.72 7.01 34.66
CA SER B 249 1.09 5.58 34.72
C SER B 249 0.43 4.87 35.88
N TYR B 250 0.25 5.55 36.99
CA TYR B 250 -0.51 5.04 38.14
C TYR B 250 -2.01 4.77 37.83
N LEU B 251 -2.59 5.57 36.94
CA LEU B 251 -4.01 5.44 36.62
C LEU B 251 -4.25 4.47 35.48
N GLU B 252 -3.28 4.39 34.57
CA GLU B 252 -3.35 3.45 33.45
C GLU B 252 -2.99 2.06 33.97
N ASN B 253 -2.05 2.01 34.93
CA ASN B 253 -1.52 0.76 35.54
C ASN B 253 -1.73 0.82 37.03
N PRO B 254 -3.00 0.65 37.51
CA PRO B 254 -3.24 0.84 38.95
C PRO B 254 -2.43 -0.11 39.87
N ALA B 255 -1.92 -1.19 39.30
CA ALA B 255 -1.05 -2.12 40.04
C ALA B 255 0.15 -1.35 40.59
N PHE B 256 0.60 -0.35 39.81
CA PHE B 256 1.75 0.46 40.15
C PHE B 256 1.57 1.11 41.53
N MET B 257 0.34 1.54 41.83
CA MET B 257 0.05 2.21 43.10
C MET B 257 0.24 1.31 44.29
N LEU B 258 -0.12 0.02 44.12
CA LEU B 258 -0.10 -1.00 45.15
C LEU B 258 1.32 -1.27 45.71
N LEU B 259 2.33 -1.05 44.88
CA LEU B 259 3.70 -1.44 45.23
C LEU B 259 4.18 -0.72 46.48
N ASP B 260 3.91 0.58 46.57
CA ASP B 260 4.44 1.43 47.66
C ASP B 260 3.44 1.93 48.73
N LEU B 261 2.17 1.50 48.65
CA LEU B 261 1.19 1.78 49.70
C LEU B 261 1.28 0.80 50.87
N LYS B 262 0.95 1.28 52.10
CA LYS B 262 1.13 0.55 53.34
C LYS B 262 -0.16 0.40 54.18
N GLY C 29 17.69 39.96 3.31
CA GLY C 29 18.58 39.27 4.31
C GLY C 29 19.13 40.32 5.27
N LYS C 30 18.29 41.31 5.57
CA LYS C 30 18.60 42.34 6.56
C LYS C 30 17.35 42.58 7.40
N ASP C 31 17.52 42.94 8.67
CA ASP C 31 16.38 43.28 9.53
C ASP C 31 15.76 44.59 9.08
N ARG C 32 14.47 44.75 9.37
CA ARG C 32 13.75 45.94 8.99
C ARG C 32 12.79 46.34 10.12
N THR C 33 12.94 47.55 10.63
CA THR C 33 12.04 48.09 11.63
C THR C 33 11.02 48.94 10.90
N GLU C 34 9.79 48.79 11.34
CA GLU C 34 8.62 49.27 10.65
C GLU C 34 7.64 49.71 11.75
N PRO C 35 7.10 50.94 11.65
CA PRO C 35 6.02 51.30 12.60
C PRO C 35 4.79 50.42 12.49
N VAL C 36 4.19 50.13 13.63
CA VAL C 36 2.80 49.74 13.65
C VAL C 36 2.03 51.04 13.49
N LYS C 37 1.21 51.14 12.45
CA LYS C 37 0.37 52.32 12.32
C LYS C 37 -0.98 51.97 11.76
N GLY C 38 -1.89 52.96 11.75
CA GLY C 38 -3.21 52.81 11.13
C GLY C 38 -4.14 51.87 11.87
N PHE C 39 -4.90 51.06 11.14
CA PHE C 39 -5.79 50.12 11.81
C PHE C 39 -5.02 48.99 12.48
N HIS C 40 -3.70 49.06 12.44
CA HIS C 40 -2.92 48.04 13.14
C HIS C 40 -2.79 48.40 14.61
N LYS C 41 -2.87 49.70 14.90
CA LYS C 41 -2.89 50.22 16.26
C LYS C 41 -4.04 49.71 17.10
N ALA C 42 -5.20 49.43 16.49
CA ALA C 42 -6.39 49.03 17.24
C ALA C 42 -6.25 47.63 17.83
N MET C 43 -5.66 46.70 17.09
CA MET C 43 -5.44 45.37 17.64
C MET C 43 -4.45 45.41 18.80
N VAL C 44 -3.44 46.29 18.77
CA VAL C 44 -2.50 46.39 19.89
C VAL C 44 -3.29 46.77 21.18
N LYS C 45 -4.15 47.79 21.05
CA LYS C 45 -4.92 48.35 22.16
C LYS C 45 -5.92 47.36 22.76
N THR C 46 -6.69 46.73 21.88
CA THR C 46 -7.68 45.73 22.27
C THR C 46 -7.03 44.59 23.02
N MET C 47 -6.01 44.01 22.39
CA MET C 47 -5.33 42.86 22.98
C MET C 47 -4.56 43.18 24.27
N SER C 48 -4.03 44.40 24.39
CA SER C 48 -3.41 44.80 25.63
C SER C 48 -4.46 44.98 26.73
N ALA C 49 -5.64 45.51 26.42
CA ALA C 49 -6.70 45.67 27.43
C ALA C 49 -7.17 44.29 27.93
N ALA C 50 -7.08 43.28 27.06
CA ALA C 50 -7.47 41.92 27.41
C ALA C 50 -6.55 41.26 28.42
N LEU C 51 -5.36 41.80 28.62
CA LEU C 51 -4.45 41.29 29.65
C LEU C 51 -5.01 41.44 31.11
N LYS C 52 -5.98 42.34 31.27
CA LYS C 52 -6.63 42.57 32.57
C LYS C 52 -7.70 41.50 32.85
N ILE C 53 -8.06 40.70 31.85
CA ILE C 53 -9.05 39.65 32.04
C ILE C 53 -8.33 38.33 32.36
N PRO C 54 -8.60 37.76 33.56
CA PRO C 54 -8.16 36.38 33.87
C PRO C 54 -8.97 35.34 33.05
N HIS C 55 -8.35 34.75 32.03
CA HIS C 55 -9.09 33.93 31.06
C HIS C 55 -9.12 32.54 31.65
N PHE C 56 -10.29 31.97 31.76
CA PHE C 56 -10.40 30.51 31.97
C PHE C 56 -10.69 29.87 30.62
N GLY C 57 -10.03 28.77 30.27
CA GLY C 57 -10.40 28.08 29.03
C GLY C 57 -11.09 26.76 29.27
N TYR C 58 -12.13 26.50 28.48
CA TYR C 58 -12.84 25.24 28.57
C TYR C 58 -13.11 24.73 27.14
N CYS C 59 -12.71 23.47 26.85
CA CYS C 59 -12.85 22.94 25.48
C CYS C 59 -13.70 21.71 25.39
N ASP C 60 -14.17 21.40 24.17
CA ASP C 60 -15.00 20.22 23.96
C ASP C 60 -14.94 19.78 22.49
N GLU C 61 -15.39 18.57 22.21
CA GLU C 61 -15.67 18.16 20.83
C GLU C 61 -17.19 17.99 20.66
N VAL C 62 -17.70 18.38 19.50
CA VAL C 62 -19.09 18.39 19.11
C VAL C 62 -19.22 17.45 17.89
N ASP C 63 -20.23 16.59 17.90
CA ASP C 63 -20.41 15.67 16.81
C ASP C 63 -21.41 16.29 15.84
N LEU C 64 -20.90 16.77 14.71
CA LEU C 64 -21.74 17.55 13.80
C LEU C 64 -22.34 16.74 12.63
N THR C 65 -22.30 15.40 12.76
CA THR C 65 -22.78 14.51 11.68
C THR C 65 -24.20 14.84 11.22
N GLU C 66 -25.15 14.94 12.16
CA GLU C 66 -26.52 15.32 11.83
C GLU C 66 -26.63 16.72 11.16
N LEU C 67 -25.92 17.72 11.72
CA LEU C 67 -25.87 19.11 11.17
C LEU C 67 -25.27 19.21 9.76
N VAL C 68 -24.13 18.54 9.55
CA VAL C 68 -23.57 18.43 8.20
C VAL C 68 -24.65 17.95 7.23
N LYS C 69 -25.38 16.88 7.59
CA LYS C 69 -26.51 16.37 6.78
C LYS C 69 -27.67 17.41 6.65
N LEU C 70 -28.09 17.99 7.78
CA LEU C 70 -29.10 19.05 7.78
C LEU C 70 -28.73 20.23 6.84
N ARG C 71 -27.51 20.77 6.96
CA ARG C 71 -27.04 21.87 6.10
C ARG C 71 -27.05 21.48 4.61
N GLU C 72 -26.67 20.24 4.32
CA GLU C 72 -26.69 19.74 2.94
C GLU C 72 -28.12 19.74 2.39
N GLU C 73 -29.10 19.38 3.21
CA GLU C 73 -30.47 19.47 2.73
C GLU C 73 -31.02 20.91 2.62
N LEU C 74 -30.57 21.84 3.48
CA LEU C 74 -31.04 23.24 3.38
C LEU C 74 -30.30 24.08 2.33
N LYS C 75 -29.03 23.76 2.08
CA LYS C 75 -28.22 24.39 1.02
C LYS C 75 -28.92 24.71 -0.30
N PRO C 76 -29.71 23.77 -0.87
CA PRO C 76 -30.42 24.10 -2.08
C PRO C 76 -31.59 25.08 -1.90
N ILE C 77 -32.15 25.19 -0.69
CA ILE C 77 -33.24 26.16 -0.44
C ILE C 77 -32.60 27.54 -0.26
N ALA C 78 -31.40 27.53 0.36
CA ALA C 78 -30.58 28.73 0.53
C ALA C 78 -30.13 29.30 -0.81
N PHE C 79 -29.59 28.48 -1.70
CA PHE C 79 -29.15 28.91 -3.03
C PHE C 79 -30.28 29.54 -3.81
N ALA C 80 -31.44 28.89 -3.81
CA ALA C 80 -32.63 29.40 -4.48
C ALA C 80 -32.99 30.80 -4.01
N ARG C 81 -32.69 31.10 -2.75
CA ARG C 81 -33.03 32.41 -2.17
C ARG C 81 -31.91 33.41 -2.33
N GLY C 82 -30.80 32.99 -2.95
CA GLY C 82 -29.64 33.85 -3.21
C GLY C 82 -28.66 34.03 -2.05
N ILE C 83 -28.72 33.09 -1.09
CA ILE C 83 -27.96 33.13 0.16
C ILE C 83 -26.99 31.93 0.26
N LYS C 84 -25.74 32.15 0.64
CA LYS C 84 -24.84 31.05 0.97
C LYS C 84 -25.06 30.75 2.47
N LEU C 85 -25.32 29.48 2.76
CA LEU C 85 -25.64 29.01 4.12
C LEU C 85 -24.52 28.11 4.60
N SER C 86 -23.64 28.66 5.45
CA SER C 86 -22.55 27.88 6.07
C SER C 86 -23.02 27.27 7.39
N PHE C 87 -22.07 26.87 8.24
CA PHE C 87 -22.47 26.39 9.56
C PHE C 87 -22.67 27.54 10.53
N MET C 88 -22.05 28.68 10.28
CA MET C 88 -22.09 29.80 11.27
C MET C 88 -23.48 30.23 11.74
N PRO C 89 -24.47 30.31 10.82
CA PRO C 89 -25.82 30.65 11.27
C PRO C 89 -26.34 29.67 12.30
N PHE C 90 -26.02 28.39 12.16
CA PHE C 90 -26.47 27.40 13.15
C PHE C 90 -25.74 27.64 14.49
N PHE C 91 -24.40 27.79 14.44
CA PHE C 91 -23.57 28.07 15.60
C PHE C 91 -24.03 29.32 16.35
N LEU C 92 -24.37 30.36 15.59
CA LEU C 92 -24.88 31.64 16.10
C LEU C 92 -26.25 31.49 16.76
N LYS C 93 -27.19 30.86 16.05
CA LYS C 93 -28.53 30.64 16.69
C LYS C 93 -28.43 29.73 17.93
N ALA C 94 -27.69 28.64 17.85
CA ALA C 94 -27.52 27.79 19.09
C ALA C 94 -26.85 28.54 20.28
N ALA C 95 -25.94 29.49 19.98
CA ALA C 95 -25.27 30.32 21.01
C ALA C 95 -26.23 31.27 21.64
N SER C 96 -27.01 31.95 20.81
CA SER C 96 -28.04 32.80 21.31
C SER C 96 -29.05 32.04 22.20
N LEU C 97 -29.50 30.88 21.74
CA LEU C 97 -30.32 30.02 22.62
C LEU C 97 -29.66 29.71 23.95
N GLY C 98 -28.40 29.28 23.98
CA GLY C 98 -27.71 29.04 25.27
C GLY C 98 -27.56 30.30 26.13
N LEU C 99 -27.37 31.45 25.51
CA LEU C 99 -27.19 32.73 26.21
C LEU C 99 -28.43 33.20 26.94
N LEU C 100 -29.61 32.86 26.40
CA LEU C 100 -30.87 33.00 27.12
C LEU C 100 -30.94 32.24 28.46
N GLN C 101 -30.29 31.09 28.55
CA GLN C 101 -30.30 30.34 29.81
C GLN C 101 -29.18 30.78 30.74
N PHE C 102 -28.10 31.30 30.15
CA PHE C 102 -26.89 31.70 30.87
C PHE C 102 -26.57 33.13 30.49
N PRO C 103 -27.44 34.11 30.91
CA PRO C 103 -27.26 35.49 30.45
C PRO C 103 -25.96 36.15 30.97
N ILE C 104 -25.34 35.62 32.02
CA ILE C 104 -24.06 36.19 32.49
C ILE C 104 -22.95 36.16 31.40
N LEU C 105 -23.07 35.22 30.47
CA LEU C 105 -22.12 35.06 29.35
C LEU C 105 -22.25 36.18 28.29
N ASN C 106 -23.39 36.87 28.31
CA ASN C 106 -23.66 38.03 27.44
C ASN C 106 -23.78 39.34 28.27
N ALA C 107 -22.70 39.67 28.97
CA ALA C 107 -22.66 40.68 29.98
C ALA C 107 -21.30 41.37 29.85
N SER C 108 -21.18 42.52 30.51
CA SER C 108 -19.92 43.24 30.58
C SER C 108 -19.65 43.55 32.03
N VAL C 109 -18.39 43.74 32.38
CA VAL C 109 -18.00 44.21 33.72
C VAL C 109 -17.29 45.59 33.65
N ASP C 110 -17.25 46.34 34.75
CA ASP C 110 -16.54 47.61 34.75
C ASP C 110 -15.00 47.51 34.88
N GLU C 111 -14.37 48.63 35.22
CA GLU C 111 -12.91 48.69 35.35
C GLU C 111 -12.44 47.74 36.44
N ASN C 112 -12.84 47.98 37.68
CA ASN C 112 -12.36 47.08 38.74
C ASN C 112 -13.28 45.85 38.99
N CYS C 113 -14.18 45.57 38.06
CA CYS C 113 -15.10 44.42 38.12
C CYS C 113 -15.96 44.47 39.40
N GLN C 114 -16.64 45.60 39.60
CA GLN C 114 -17.52 45.72 40.74
C GLN C 114 -19.01 45.67 40.38
N ASN C 115 -19.31 45.71 39.07
CA ASN C 115 -20.70 45.69 38.61
C ASN C 115 -20.81 44.97 37.30
N ILE C 116 -21.87 44.19 37.17
CA ILE C 116 -22.15 43.44 35.96
C ILE C 116 -23.23 44.19 35.20
N THR C 117 -23.07 44.31 33.89
CA THR C 117 -24.19 44.74 33.06
C THR C 117 -24.62 43.58 32.20
N TYR C 118 -25.81 43.06 32.48
CA TYR C 118 -26.41 41.99 31.70
C TYR C 118 -27.02 42.67 30.48
N LYS C 119 -26.64 42.23 29.30
CA LYS C 119 -27.01 42.93 28.08
C LYS C 119 -28.11 42.12 27.41
N ALA C 120 -29.20 42.78 27.06
CA ALA C 120 -30.38 42.12 26.52
C ALA C 120 -30.25 41.64 25.06
N SER C 121 -29.60 42.43 24.20
CA SER C 121 -29.49 42.12 22.78
C SER C 121 -28.40 41.07 22.60
N HIS C 122 -28.59 40.03 21.79
CA HIS C 122 -27.44 39.17 21.44
C HIS C 122 -26.81 39.71 20.19
N ASN C 123 -25.78 40.54 20.38
CA ASN C 123 -25.05 41.10 19.25
C ASN C 123 -23.79 40.30 19.09
N ILE C 124 -23.82 39.27 18.25
CA ILE C 124 -22.74 38.30 18.29
C ILE C 124 -21.73 38.62 17.21
N GLY C 125 -20.48 38.87 17.65
CA GLY C 125 -19.36 39.23 16.77
C GLY C 125 -18.83 38.01 16.03
N ILE C 126 -18.40 38.24 14.80
CA ILE C 126 -17.80 37.21 13.95
C ILE C 126 -16.41 37.74 13.73
N ALA C 127 -15.41 37.13 14.37
CA ALA C 127 -14.04 37.61 14.23
C ALA C 127 -13.61 37.32 12.79
N MET C 128 -13.16 38.36 12.10
CA MET C 128 -12.64 38.33 10.71
C MET C 128 -11.23 38.96 10.65
N ASP C 129 -10.32 38.38 9.89
CA ASP C 129 -9.04 39.08 9.59
C ASP C 129 -9.14 39.46 8.11
N THR C 130 -8.86 40.70 7.75
CA THR C 130 -9.12 41.01 6.33
C THR C 130 -7.84 41.06 5.47
N GLU C 131 -7.52 42.26 4.98
CA GLU C 131 -6.13 42.58 4.67
C GLU C 131 -5.76 43.74 5.59
N GLN C 132 -6.71 44.12 6.46
CA GLN C 132 -6.66 45.40 7.19
C GLN C 132 -5.92 45.45 8.59
N GLY C 133 -6.08 44.49 9.54
CA GLY C 133 -7.55 44.25 10.03
C GLY C 133 -7.86 42.96 10.82
N LEU C 134 -7.76 43.05 12.16
CA LEU C 134 -8.63 42.22 12.95
C LEU C 134 -9.90 43.06 12.95
N ILE C 135 -10.95 42.53 12.32
CA ILE C 135 -12.25 43.19 12.35
C ILE C 135 -13.34 42.24 12.86
N VAL C 136 -14.21 42.77 13.73
CA VAL C 136 -15.17 41.94 14.41
C VAL C 136 -16.56 42.62 14.24
N PRO C 137 -17.18 42.49 13.03
CA PRO C 137 -18.57 42.98 12.87
C PRO C 137 -19.47 42.02 13.63
N ASN C 138 -20.67 42.46 14.03
CA ASN C 138 -21.58 41.53 14.72
C ASN C 138 -22.97 41.47 14.07
N VAL C 139 -23.65 40.35 14.29
CA VAL C 139 -25.05 40.22 13.92
C VAL C 139 -25.88 40.72 15.10
N LYS C 140 -26.56 41.86 14.91
CA LYS C 140 -27.45 42.44 15.91
C LYS C 140 -28.63 41.54 16.27
N ASN C 141 -28.95 41.43 17.57
CA ASN C 141 -30.24 40.89 18.02
C ASN C 141 -30.49 39.49 17.47
N VAL C 142 -29.47 38.64 17.54
CA VAL C 142 -29.60 37.25 17.09
C VAL C 142 -30.85 36.56 17.71
N GLN C 143 -31.23 36.97 18.91
CA GLN C 143 -32.34 36.29 19.62
C GLN C 143 -33.69 36.41 18.92
N ILE C 144 -33.85 37.38 18.02
CA ILE C 144 -35.09 37.54 17.26
C ILE C 144 -34.97 37.21 15.77
N ARG C 145 -33.88 36.53 15.36
CA ARG C 145 -33.63 36.28 13.96
C ARG C 145 -33.70 34.79 13.69
N SER C 146 -34.21 34.38 12.52
CA SER C 146 -34.16 32.97 12.10
C SER C 146 -32.76 32.65 11.64
N ILE C 147 -32.41 31.35 11.56
CA ILE C 147 -31.14 30.90 10.99
C ILE C 147 -30.92 31.54 9.58
N PHE C 148 -31.98 31.66 8.79
CA PHE C 148 -31.90 32.21 7.43
C PHE C 148 -31.65 33.74 7.42
N GLU C 149 -32.38 34.48 8.26
CA GLU C 149 -32.02 35.86 8.53
C GLU C 149 -30.55 36.04 9.04
N ILE C 150 -30.06 35.16 9.93
CA ILE C 150 -28.63 35.23 10.36
C ILE C 150 -27.67 35.00 9.16
N ALA C 151 -27.97 34.02 8.31
CA ALA C 151 -27.20 33.73 7.11
C ALA C 151 -27.22 34.96 6.17
N THR C 152 -28.40 35.53 5.94
CA THR C 152 -28.50 36.78 5.17
C THR C 152 -27.55 37.89 5.69
N GLU C 153 -27.61 38.17 6.98
CA GLU C 153 -26.76 39.22 7.58
C GLU C 153 -25.23 38.83 7.56
N LEU C 154 -24.93 37.56 7.75
CA LEU C 154 -23.58 37.07 7.61
C LEU C 154 -23.01 37.30 6.20
N ASN C 155 -23.79 36.96 5.17
CA ASN C 155 -23.46 37.25 3.80
C ASN C 155 -23.21 38.73 3.51
N ARG C 156 -24.08 39.59 4.03
CA ARG C 156 -23.91 41.05 3.96
C ARG C 156 -22.58 41.45 4.64
N LEU C 157 -22.35 40.99 5.88
CA LEU C 157 -21.13 41.34 6.60
C LEU C 157 -19.87 40.80 5.90
N GLN C 158 -19.92 39.57 5.38
CA GLN C 158 -18.82 39.03 4.54
C GLN C 158 -18.60 39.90 3.27
N LYS C 159 -19.66 40.31 2.60
CA LYS C 159 -19.49 41.10 1.40
C LYS C 159 -18.77 42.42 1.70
N LEU C 160 -19.24 43.16 2.70
CA LEU C 160 -18.63 44.44 3.04
C LEU C 160 -17.27 44.26 3.68
N GLY C 161 -17.14 43.20 4.48
CA GLY C 161 -15.89 42.80 5.11
C GLY C 161 -14.73 42.69 4.14
N SER C 162 -14.97 41.97 3.04
CA SER C 162 -13.94 41.73 2.07
C SER C 162 -13.70 42.91 1.16
N ALA C 163 -14.62 43.86 1.13
CA ALA C 163 -14.41 45.09 0.39
C ALA C 163 -13.85 46.21 1.29
N GLY C 164 -13.63 45.94 2.57
CA GLY C 164 -13.16 47.01 3.48
C GLY C 164 -14.21 48.10 3.66
N GLN C 165 -15.47 47.74 3.41
CA GLN C 165 -16.54 48.73 3.52
C GLN C 165 -17.49 48.56 4.70
N LEU C 166 -17.14 47.74 5.67
CA LEU C 166 -17.94 47.64 6.89
C LEU C 166 -18.07 49.01 7.54
N SER C 167 -19.29 49.32 8.00
CA SER C 167 -19.57 50.62 8.62
C SER C 167 -19.41 50.57 10.14
N THR C 168 -19.35 51.73 10.76
CA THR C 168 -19.28 51.86 12.23
C THR C 168 -20.37 51.05 12.95
N ASN C 169 -21.61 51.15 12.49
CA ASN C 169 -22.72 50.48 13.16
C ASN C 169 -22.61 48.97 13.13
N ASP C 170 -21.97 48.43 12.10
CA ASP C 170 -21.70 47.00 12.02
C ASP C 170 -20.65 46.52 13.05
N LEU C 171 -19.83 47.45 13.53
CA LEU C 171 -18.66 47.12 14.36
C LEU C 171 -18.89 47.28 15.85
N ILE C 172 -19.82 48.13 16.23
CA ILE C 172 -20.08 48.45 17.64
C ILE C 172 -21.23 47.64 18.23
N GLY C 173 -21.38 47.71 19.55
CA GLY C 173 -22.50 47.06 20.23
C GLY C 173 -22.30 45.57 20.46
N GLY C 174 -21.12 45.03 20.16
CA GLY C 174 -20.91 43.58 20.31
C GLY C 174 -21.05 43.11 21.76
N THR C 175 -21.63 41.92 22.01
CA THR C 175 -21.84 41.41 23.38
C THR C 175 -21.24 40.02 23.65
N PHE C 176 -20.92 39.29 22.59
CA PHE C 176 -20.37 37.91 22.68
C PHE C 176 -19.70 37.69 21.32
N THR C 177 -18.64 36.88 21.26
CA THR C 177 -17.96 36.67 20.00
C THR C 177 -17.72 35.21 19.71
N LEU C 178 -17.85 34.88 18.42
CA LEU C 178 -17.41 33.59 17.90
C LEU C 178 -16.32 33.78 16.84
N SER C 179 -15.35 32.88 16.84
CA SER C 179 -14.25 32.96 15.91
C SER C 179 -14.12 31.62 15.18
N ASN C 180 -14.50 31.64 13.91
CA ASN C 180 -14.44 30.47 13.09
C ASN C 180 -13.02 30.28 12.55
N ILE C 181 -12.05 29.93 13.41
CA ILE C 181 -10.70 29.69 12.91
C ILE C 181 -10.69 28.51 11.88
N GLY C 182 -11.60 27.55 12.05
CA GLY C 182 -11.65 26.33 11.22
C GLY C 182 -12.01 26.53 9.77
N SER C 183 -12.49 27.72 9.42
CA SER C 183 -12.57 28.08 8.01
C SER C 183 -11.19 28.00 7.33
N ILE C 184 -10.10 28.25 8.10
CA ILE C 184 -8.71 28.08 7.63
C ILE C 184 -8.09 26.77 8.15
N GLY C 185 -8.16 26.52 9.45
CA GLY C 185 -7.56 25.26 9.95
C GLY C 185 -7.75 25.16 11.44
N GLY C 186 -7.19 24.12 12.06
CA GLY C 186 -7.18 24.03 13.50
C GLY C 186 -8.07 23.01 14.19
N THR C 187 -7.71 22.73 15.42
CA THR C 187 -8.53 21.91 16.24
C THR C 187 -8.92 22.81 17.41
N TYR C 188 -8.14 22.78 18.48
CA TYR C 188 -8.36 23.64 19.62
C TYR C 188 -7.65 24.98 19.47
N ALA C 189 -8.02 25.93 20.33
CA ALA C 189 -7.39 27.24 20.32
C ALA C 189 -7.47 27.84 21.70
N LYS C 190 -6.79 28.98 21.95
CA LYS C 190 -7.06 29.79 23.15
C LYS C 190 -7.42 31.19 22.67
N PRO C 191 -8.73 31.44 22.46
CA PRO C 191 -9.04 32.78 21.92
C PRO C 191 -8.98 33.86 23.03
N VAL C 192 -8.80 35.11 22.61
CA VAL C 192 -8.66 36.19 23.53
C VAL C 192 -9.98 36.96 23.59
N ILE C 193 -10.48 37.14 24.81
CA ILE C 193 -11.70 37.89 25.05
C ILE C 193 -11.53 39.35 24.64
N LEU C 194 -12.57 39.85 24.01
CA LEU C 194 -12.62 41.19 23.51
C LEU C 194 -13.33 42.11 24.51
N PRO C 195 -12.58 42.88 25.31
CA PRO C 195 -13.19 43.79 26.28
C PRO C 195 -14.21 44.76 25.57
N PRO C 196 -15.34 45.08 26.19
CA PRO C 196 -15.77 44.69 27.52
C PRO C 196 -16.59 43.38 27.54
N GLU C 197 -16.44 42.52 26.54
CA GLU C 197 -17.13 41.22 26.55
C GLU C 197 -16.52 40.32 27.62
N VAL C 198 -17.23 39.26 28.00
CA VAL C 198 -16.72 38.31 29.03
C VAL C 198 -16.45 36.87 28.54
N ALA C 199 -16.82 36.59 27.29
CA ALA C 199 -16.63 35.27 26.69
C ALA C 199 -16.46 35.38 25.18
N ILE C 200 -15.74 34.39 24.64
CA ILE C 200 -15.50 34.15 23.22
C ILE C 200 -15.30 32.63 22.98
N GLY C 201 -15.82 32.15 21.84
CA GLY C 201 -15.62 30.79 21.41
C GLY C 201 -14.88 30.67 20.11
N ALA C 202 -13.93 29.74 20.01
CA ALA C 202 -13.28 29.48 18.73
C ALA C 202 -13.64 28.10 18.21
N LEU C 203 -13.95 28.02 16.92
CA LEU C 203 -14.46 26.78 16.30
C LEU C 203 -13.41 26.27 15.40
N GLY C 204 -13.05 25.01 15.60
CA GLY C 204 -12.04 24.38 14.77
C GLY C 204 -12.60 23.82 13.47
N THR C 205 -11.71 23.14 12.74
CA THR C 205 -12.04 22.49 11.47
C THR C 205 -12.88 21.23 11.73
N ILE C 206 -14.03 21.17 11.07
CA ILE C 206 -14.86 19.97 11.02
C ILE C 206 -14.15 18.89 10.24
N LYS C 207 -13.97 17.71 10.82
CA LYS C 207 -13.14 16.65 10.25
C LYS C 207 -13.83 15.30 10.54
N ALA C 208 -13.81 14.36 9.59
CA ALA C 208 -14.34 13.01 9.80
C ALA C 208 -13.35 12.21 10.60
N LEU C 209 -13.80 11.63 11.71
CA LEU C 209 -12.95 10.78 12.62
C LEU C 209 -13.69 9.49 12.93
N PRO C 210 -12.95 8.37 13.14
CA PRO C 210 -13.68 7.17 13.55
C PRO C 210 -14.16 7.35 14.97
N ARG C 211 -15.45 7.07 15.17
CA ARG C 211 -16.10 7.17 16.48
C ARG C 211 -17.08 6.03 16.59
N PHE C 212 -17.32 5.60 17.83
CA PHE C 212 -18.33 4.60 18.13
C PHE C 212 -19.71 5.16 18.08
N ASN C 213 -20.64 4.37 17.51
CA ASN C 213 -22.08 4.60 17.69
C ASN C 213 -22.64 3.84 18.90
N GLU C 214 -23.93 3.98 19.21
CA GLU C 214 -24.54 3.31 20.39
C GLU C 214 -24.30 1.81 20.38
N LYS C 215 -24.32 1.23 19.17
CA LYS C 215 -24.07 -0.19 19.01
C LYS C 215 -22.60 -0.62 19.27
N GLY C 216 -21.72 0.35 19.51
CA GLY C 216 -20.28 0.11 19.64
C GLY C 216 -19.62 -0.31 18.33
N GLU C 217 -20.15 0.21 17.21
CA GLU C 217 -19.60 -0.01 15.88
C GLU C 217 -18.83 1.26 15.48
N VAL C 218 -17.70 1.07 14.81
CA VAL C 218 -16.89 2.20 14.37
C VAL C 218 -17.51 2.87 13.16
N CYS C 219 -17.97 4.11 13.37
CA CYS C 219 -18.64 4.92 12.35
CA CYS C 219 -18.62 4.89 12.33
C CYS C 219 -17.82 6.14 11.97
N LYS C 220 -18.20 6.80 10.88
CA LYS C 220 -17.65 8.07 10.41
C LYS C 220 -18.42 9.21 11.11
N ALA C 221 -17.71 10.00 11.91
CA ALA C 221 -18.38 11.07 12.62
C ALA C 221 -17.75 12.37 12.19
N GLN C 222 -18.55 13.38 11.88
CA GLN C 222 -17.99 14.73 11.58
C GLN C 222 -17.82 15.44 12.90
N ILE C 223 -16.58 15.58 13.34
CA ILE C 223 -16.27 16.14 14.66
C ILE C 223 -15.67 17.56 14.52
N MET C 224 -16.14 18.49 15.36
CA MET C 224 -15.61 19.84 15.39
C MET C 224 -15.17 20.18 16.83
N ASN C 225 -14.06 20.89 16.97
CA ASN C 225 -13.66 21.27 18.34
C ASN C 225 -14.15 22.64 18.62
N VAL C 226 -14.53 22.86 19.88
CA VAL C 226 -14.84 24.22 20.32
C VAL C 226 -13.96 24.56 21.56
N SER C 227 -13.44 25.81 21.56
CA SER C 227 -12.63 26.34 22.63
C SER C 227 -13.25 27.62 23.11
N TRP C 228 -13.73 27.63 24.35
CA TRP C 228 -14.30 28.81 24.96
C TRP C 228 -13.30 29.46 25.93
N SER C 229 -13.23 30.79 25.93
CA SER C 229 -12.52 31.57 26.95
C SER C 229 -13.53 32.43 27.68
N ALA C 230 -13.37 32.61 29.00
CA ALA C 230 -14.37 33.36 29.78
C ALA C 230 -13.63 34.00 30.94
N ASP C 231 -14.19 35.11 31.38
CA ASP C 231 -13.59 36.00 32.35
C ASP C 231 -13.92 35.34 33.66
N HIS C 232 -12.93 34.65 34.24
CA HIS C 232 -13.19 33.89 35.48
C HIS C 232 -13.34 34.77 36.77
N ARG C 233 -13.25 36.11 36.67
CA ARG C 233 -13.64 36.97 37.79
C ARG C 233 -15.13 36.84 38.15
N ILE C 234 -15.98 36.74 37.14
CA ILE C 234 -17.43 36.61 37.31
C ILE C 234 -18.06 35.37 36.67
N ILE C 235 -17.32 34.68 35.82
CA ILE C 235 -17.83 33.44 35.21
C ILE C 235 -17.17 32.19 35.77
N ASP C 236 -17.93 31.30 36.40
CA ASP C 236 -17.30 30.04 36.88
C ASP C 236 -17.23 28.94 35.84
N GLY C 237 -16.52 27.85 36.16
CA GLY C 237 -16.32 26.74 35.25
C GLY C 237 -17.59 26.02 34.89
N ALA C 238 -18.51 25.94 35.84
CA ALA C 238 -19.78 25.20 35.70
C ALA C 238 -20.69 25.86 34.72
N THR C 239 -20.80 27.20 34.80
CA THR C 239 -21.54 28.04 33.84
C THR C 239 -21.10 27.92 32.39
N VAL C 240 -19.80 28.09 32.11
CA VAL C 240 -19.29 27.94 30.75
C VAL C 240 -19.51 26.49 30.27
N SER C 241 -19.35 25.52 31.15
CA SER C 241 -19.52 24.16 30.77
C SER C 241 -20.99 23.72 30.48
N ARG C 242 -21.91 24.18 31.31
CA ARG C 242 -23.31 23.93 31.07
C ARG C 242 -23.82 24.67 29.84
N PHE C 243 -23.31 25.89 29.65
CA PHE C 243 -23.64 26.63 28.46
C PHE C 243 -23.14 25.87 27.25
N SER C 244 -21.89 25.44 27.28
CA SER C 244 -21.31 24.66 26.20
C SER C 244 -22.03 23.37 25.90
N ASN C 245 -22.41 22.62 26.93
CA ASN C 245 -23.24 21.41 26.81
C ASN C 245 -24.61 21.68 26.15
N LEU C 246 -25.21 22.83 26.48
CA LEU C 246 -26.50 23.26 25.88
C LEU C 246 -26.36 23.62 24.36
N TRP C 247 -25.39 24.51 24.07
CA TRP C 247 -25.00 24.88 22.72
C TRP C 247 -24.78 23.60 21.93
N LYS C 248 -23.98 22.70 22.47
CA LYS C 248 -23.60 21.46 21.83
C LYS C 248 -24.79 20.49 21.63
N SER C 249 -25.72 20.42 22.58
CA SER C 249 -26.91 19.56 22.38
C SER C 249 -27.76 20.07 21.20
N TYR C 250 -27.86 21.39 21.06
CA TYR C 250 -28.63 22.01 19.99
C TYR C 250 -28.05 21.71 18.62
N LEU C 251 -26.75 21.50 18.56
CA LEU C 251 -26.05 21.28 17.30
C LEU C 251 -25.98 19.83 16.94
N GLU C 252 -25.80 18.99 17.96
CA GLU C 252 -25.83 17.52 17.86
C GLU C 252 -27.22 17.01 17.63
N ASN C 253 -28.21 17.67 18.22
CA ASN C 253 -29.62 17.31 17.99
C ASN C 253 -30.41 18.55 17.56
N PRO C 254 -30.34 18.90 16.25
CA PRO C 254 -30.94 20.18 15.84
C PRO C 254 -32.46 20.23 15.97
N ALA C 255 -33.07 19.07 16.14
CA ALA C 255 -34.47 18.95 16.46
C ALA C 255 -34.78 19.71 17.75
N PHE C 256 -33.81 19.73 18.68
CA PHE C 256 -34.01 20.42 19.94
C PHE C 256 -34.26 21.92 19.66
N MET C 257 -33.60 22.50 18.65
CA MET C 257 -33.88 23.90 18.29
C MET C 257 -35.31 24.10 17.80
N LEU C 258 -35.84 23.16 17.02
CA LEU C 258 -37.23 23.25 16.49
C LEU C 258 -38.27 23.44 17.56
N LEU C 259 -38.07 22.80 18.72
CA LEU C 259 -39.10 22.73 19.78
C LEU C 259 -39.54 24.13 20.21
N ASP C 260 -38.56 25.00 20.43
CA ASP C 260 -38.79 26.29 21.06
C ASP C 260 -38.74 27.51 20.16
N LEU C 261 -38.47 27.31 18.87
CA LEU C 261 -38.54 28.43 17.90
C LEU C 261 -39.95 28.75 17.44
N LYS C 262 -40.17 30.02 17.09
CA LYS C 262 -41.51 30.57 16.84
C LYS C 262 -41.72 31.11 15.39
N GLY D 29 49.23 -24.86 -28.31
CA GLY D 29 50.26 -24.49 -27.30
C GLY D 29 51.40 -23.67 -27.90
N LYS D 30 51.09 -22.93 -28.96
CA LYS D 30 51.98 -21.93 -29.56
C LYS D 30 51.16 -20.92 -30.40
N ASP D 31 51.53 -19.65 -30.35
CA ASP D 31 50.79 -18.65 -31.14
C ASP D 31 51.12 -18.78 -32.63
N ARG D 32 50.07 -18.83 -33.44
CA ARG D 32 50.22 -18.90 -34.88
C ARG D 32 49.83 -17.54 -35.53
N THR D 33 50.79 -16.93 -36.25
CA THR D 33 50.54 -15.74 -37.03
C THR D 33 50.26 -16.09 -38.48
N GLU D 34 49.19 -15.54 -39.04
CA GLU D 34 48.93 -15.73 -40.45
C GLU D 34 48.32 -14.53 -41.17
N PRO D 35 48.65 -14.33 -42.47
CA PRO D 35 48.02 -13.24 -43.23
C PRO D 35 46.50 -13.28 -43.19
N VAL D 36 45.90 -12.12 -43.05
CA VAL D 36 44.52 -11.96 -43.31
C VAL D 36 44.52 -11.92 -44.83
N LYS D 37 43.87 -12.89 -45.44
CA LYS D 37 43.89 -12.84 -46.88
C LYS D 37 42.56 -12.88 -47.57
N GLY D 38 42.63 -12.75 -48.88
CA GLY D 38 41.53 -13.04 -49.76
C GLY D 38 40.33 -12.23 -49.46
N PHE D 39 39.20 -12.88 -49.35
CA PHE D 39 37.99 -12.12 -49.28
C PHE D 39 37.70 -11.49 -47.90
N HIS D 40 38.54 -11.82 -46.92
CA HIS D 40 38.57 -11.14 -45.62
C HIS D 40 39.10 -9.71 -45.66
N LYS D 41 39.91 -9.39 -46.66
CA LYS D 41 40.38 -8.01 -46.88
C LYS D 41 39.24 -6.99 -46.94
N ALA D 42 38.10 -7.37 -47.52
CA ALA D 42 36.99 -6.45 -47.73
C ALA D 42 36.32 -5.96 -46.44
N MET D 43 36.18 -6.85 -45.45
CA MET D 43 35.59 -6.44 -44.18
C MET D 43 36.56 -5.50 -43.47
N VAL D 44 37.86 -5.73 -43.64
CA VAL D 44 38.89 -4.86 -43.03
C VAL D 44 38.71 -3.45 -43.62
N LYS D 45 38.64 -3.39 -44.97
CA LYS D 45 38.50 -2.12 -45.64
C LYS D 45 37.22 -1.39 -45.21
N THR D 46 36.09 -2.07 -45.32
CA THR D 46 34.78 -1.49 -44.98
C THR D 46 34.63 -0.97 -43.55
N MET D 47 35.08 -1.78 -42.57
CA MET D 47 34.92 -1.40 -41.17
C MET D 47 35.92 -0.30 -40.83
N SER D 48 37.13 -0.36 -41.37
CA SER D 48 38.05 0.71 -41.23
C SER D 48 37.41 2.05 -41.72
N ALA D 49 36.67 2.05 -42.84
CA ALA D 49 36.13 3.31 -43.39
C ALA D 49 35.00 3.84 -42.48
N ALA D 50 34.35 2.94 -41.76
CA ALA D 50 33.26 3.33 -40.85
C ALA D 50 33.73 4.13 -39.64
N LEU D 51 35.01 4.01 -39.35
CA LEU D 51 35.63 4.84 -38.34
C LEU D 51 35.46 6.38 -38.58
N LYS D 52 35.21 6.79 -39.83
CA LYS D 52 35.12 8.22 -40.15
C LYS D 52 33.72 8.69 -39.76
N ILE D 53 32.86 7.75 -39.43
CA ILE D 53 31.45 8.06 -39.17
C ILE D 53 31.16 8.12 -37.68
N PRO D 54 30.76 9.31 -37.18
CA PRO D 54 30.37 9.50 -35.78
C PRO D 54 29.06 8.77 -35.51
N HIS D 55 29.14 7.59 -34.88
CA HIS D 55 27.94 6.75 -34.71
C HIS D 55 27.13 7.23 -33.51
N PHE D 56 25.85 7.46 -33.71
CA PHE D 56 24.95 7.70 -32.60
C PHE D 56 24.07 6.45 -32.49
N GLY D 57 23.83 5.94 -31.29
CA GLY D 57 22.94 4.79 -31.18
C GLY D 57 21.65 5.10 -30.48
N TYR D 58 20.60 4.45 -30.92
CA TYR D 58 19.26 4.67 -30.43
C TYR D 58 18.54 3.31 -30.50
N CYS D 59 18.03 2.84 -29.36
CA CYS D 59 17.48 1.48 -29.28
C CYS D 59 16.06 1.53 -28.74
N ASP D 60 15.33 0.44 -28.96
CA ASP D 60 13.96 0.34 -28.38
C ASP D 60 13.51 -1.12 -28.28
N GLU D 61 12.35 -1.34 -27.68
CA GLU D 61 11.73 -2.64 -27.71
C GLU D 61 10.46 -2.57 -28.51
N VAL D 62 10.12 -3.65 -29.16
CA VAL D 62 8.97 -3.69 -30.06
C VAL D 62 8.13 -4.87 -29.64
N ASP D 63 6.85 -4.62 -29.47
CA ASP D 63 5.91 -5.64 -29.11
C ASP D 63 5.40 -6.25 -30.41
N LEU D 64 5.96 -7.41 -30.76
CA LEU D 64 5.57 -8.19 -31.97
C LEU D 64 4.52 -9.28 -31.75
N THR D 65 3.70 -9.17 -30.72
CA THR D 65 2.72 -10.22 -30.39
C THR D 65 1.75 -10.41 -31.56
N GLU D 66 1.24 -9.31 -32.10
CA GLU D 66 0.30 -9.31 -33.23
C GLU D 66 0.97 -9.76 -34.55
N LEU D 67 2.20 -9.31 -34.79
CA LEU D 67 3.00 -9.75 -35.94
C LEU D 67 3.30 -11.26 -35.92
N VAL D 68 3.70 -11.77 -34.77
CA VAL D 68 3.88 -13.19 -34.62
C VAL D 68 2.57 -13.93 -34.98
N LYS D 69 1.43 -13.41 -34.53
CA LYS D 69 0.14 -14.06 -34.81
C LYS D 69 -0.12 -13.94 -36.33
N LEU D 70 0.04 -12.75 -36.85
CA LEU D 70 -0.16 -12.51 -38.27
C LEU D 70 0.72 -13.41 -39.16
N ARG D 71 2.02 -13.46 -38.88
CA ARG D 71 2.93 -14.35 -39.61
C ARG D 71 2.58 -15.83 -39.56
N GLU D 72 2.07 -16.31 -38.41
CA GLU D 72 1.58 -17.68 -38.27
C GLU D 72 0.41 -17.99 -39.21
N GLU D 73 -0.51 -17.05 -39.35
CA GLU D 73 -1.63 -17.28 -40.24
C GLU D 73 -1.28 -17.08 -41.71
N LEU D 74 -0.26 -16.26 -41.99
CA LEU D 74 0.26 -16.11 -43.36
C LEU D 74 1.23 -17.21 -43.82
N LYS D 75 2.05 -17.70 -42.89
CA LYS D 75 3.04 -18.76 -43.17
C LYS D 75 2.56 -19.82 -44.21
N PRO D 76 1.39 -20.48 -43.99
CA PRO D 76 0.90 -21.51 -44.93
C PRO D 76 0.37 -21.06 -46.33
N ILE D 77 0.16 -19.77 -46.54
CA ILE D 77 -0.19 -19.29 -47.86
C ILE D 77 1.15 -19.15 -48.60
N ALA D 78 2.16 -18.67 -47.86
CA ALA D 78 3.51 -18.60 -48.37
C ALA D 78 4.05 -20.01 -48.68
N PHE D 79 3.87 -20.98 -47.78
CA PHE D 79 4.39 -22.32 -48.02
C PHE D 79 3.81 -22.90 -49.32
N ALA D 80 2.48 -22.82 -49.47
CA ALA D 80 1.74 -23.22 -50.68
C ALA D 80 2.16 -22.49 -51.97
N ARG D 81 2.80 -21.35 -51.83
CA ARG D 81 3.35 -20.62 -52.96
C ARG D 81 4.84 -20.94 -53.19
N GLY D 82 5.42 -21.77 -52.32
CA GLY D 82 6.82 -22.18 -52.45
C GLY D 82 7.82 -21.23 -51.78
N ILE D 83 7.31 -20.36 -50.90
CA ILE D 83 8.13 -19.37 -50.18
C ILE D 83 8.13 -19.51 -48.65
N LYS D 84 9.33 -19.36 -48.07
CA LYS D 84 9.53 -19.31 -46.63
C LYS D 84 9.36 -17.84 -46.25
N LEU D 85 8.40 -17.62 -45.36
CA LEU D 85 8.07 -16.30 -44.88
C LEU D 85 8.56 -16.15 -43.44
N SER D 86 9.69 -15.45 -43.26
CA SER D 86 10.19 -15.09 -41.93
C SER D 86 9.61 -13.74 -41.49
N PHE D 87 10.23 -13.08 -40.51
CA PHE D 87 9.78 -11.78 -40.08
C PHE D 87 10.39 -10.68 -40.92
N MET D 88 11.52 -10.96 -41.54
CA MET D 88 12.32 -9.96 -42.24
C MET D 88 11.55 -9.19 -43.35
N PRO D 89 10.75 -9.88 -44.19
CA PRO D 89 9.98 -9.10 -45.22
C PRO D 89 9.08 -8.01 -44.58
N PHE D 90 8.48 -8.32 -43.43
CA PHE D 90 7.75 -7.32 -42.59
C PHE D 90 8.65 -6.19 -42.08
N PHE D 91 9.84 -6.54 -41.57
CA PHE D 91 10.78 -5.56 -41.03
C PHE D 91 11.21 -4.66 -42.19
N LEU D 92 11.53 -5.27 -43.34
CA LEU D 92 11.93 -4.51 -44.53
C LEU D 92 10.81 -3.60 -45.09
N LYS D 93 9.60 -4.15 -45.28
CA LYS D 93 8.46 -3.33 -45.77
C LYS D 93 8.19 -2.17 -44.80
N ALA D 94 8.15 -2.45 -43.48
CA ALA D 94 8.01 -1.36 -42.51
C ALA D 94 9.12 -0.28 -42.57
N ALA D 95 10.38 -0.73 -42.78
CA ALA D 95 11.55 0.16 -42.94
C ALA D 95 11.33 1.03 -44.16
N SER D 96 10.96 0.43 -45.28
CA SER D 96 10.68 1.21 -46.51
C SER D 96 9.63 2.31 -46.30
N LEU D 97 8.50 1.95 -45.69
CA LEU D 97 7.46 2.88 -45.31
C LEU D 97 7.95 4.02 -44.39
N GLY D 98 8.75 3.69 -43.35
CA GLY D 98 9.36 4.77 -42.48
C GLY D 98 10.30 5.65 -43.32
N LEU D 99 11.04 5.04 -44.22
CA LEU D 99 11.96 5.76 -45.08
C LEU D 99 11.32 6.78 -46.05
N LEU D 100 10.08 6.53 -46.44
CA LEU D 100 9.32 7.45 -47.27
C LEU D 100 9.03 8.72 -46.53
N GLN D 101 8.84 8.58 -45.21
CA GLN D 101 8.57 9.70 -44.32
C GLN D 101 9.86 10.40 -43.92
N PHE D 102 10.93 9.62 -43.77
CA PHE D 102 12.21 10.15 -43.37
C PHE D 102 13.30 9.85 -44.42
N PRO D 103 13.31 10.57 -45.56
CA PRO D 103 14.20 10.17 -46.65
C PRO D 103 15.69 10.37 -46.38
N ILE D 104 16.03 11.29 -45.49
CA ILE D 104 17.39 11.51 -45.10
C ILE D 104 18.09 10.23 -44.58
N LEU D 105 17.34 9.27 -44.03
CA LEU D 105 17.90 7.95 -43.56
C LEU D 105 18.33 6.98 -44.67
N ASN D 106 17.89 7.30 -45.89
CA ASN D 106 18.19 6.49 -47.05
C ASN D 106 19.10 7.30 -47.97
N ALA D 107 19.85 8.22 -47.41
CA ALA D 107 20.77 9.04 -48.16
C ALA D 107 22.21 8.61 -48.00
N SER D 108 23.11 9.26 -48.73
CA SER D 108 24.54 9.07 -48.59
C SER D 108 25.19 10.41 -48.42
N VAL D 109 26.34 10.47 -47.75
CA VAL D 109 27.13 11.71 -47.78
C VAL D 109 28.52 11.49 -48.33
N ASP D 110 29.21 12.57 -48.72
CA ASP D 110 30.59 12.40 -49.16
C ASP D 110 31.60 12.37 -48.01
N GLU D 111 32.86 12.48 -48.38
CA GLU D 111 33.97 12.27 -47.47
C GLU D 111 33.80 13.06 -46.17
N ASN D 112 33.81 14.37 -46.29
CA ASN D 112 33.74 15.20 -45.11
C ASN D 112 32.34 15.77 -44.91
N CYS D 113 31.35 15.04 -45.45
CA CYS D 113 29.95 15.34 -45.21
C CYS D 113 29.63 16.78 -45.62
N GLN D 114 30.05 17.13 -46.84
CA GLN D 114 29.75 18.45 -47.39
C GLN D 114 28.58 18.44 -48.37
N ASN D 115 28.27 17.27 -48.92
CA ASN D 115 27.15 17.05 -49.85
C ASN D 115 26.41 15.77 -49.46
N ILE D 116 25.09 15.81 -49.58
CA ILE D 116 24.20 14.71 -49.35
C ILE D 116 23.51 14.28 -50.66
N THR D 117 23.43 12.97 -50.90
CA THR D 117 22.65 12.41 -52.01
C THR D 117 21.44 11.65 -51.48
N TYR D 118 20.27 12.24 -51.70
CA TYR D 118 19.01 11.56 -51.44
C TYR D 118 18.80 10.52 -52.55
N LYS D 119 18.43 9.32 -52.15
CA LYS D 119 18.35 8.18 -53.05
C LYS D 119 16.90 7.72 -52.99
N ALA D 120 16.31 7.57 -54.16
CA ALA D 120 14.89 7.33 -54.29
C ALA D 120 14.57 5.83 -54.13
N SER D 121 15.51 4.96 -54.52
CA SER D 121 15.33 3.53 -54.38
C SER D 121 15.65 3.07 -52.97
N HIS D 122 14.74 2.29 -52.38
CA HIS D 122 15.00 1.66 -51.08
C HIS D 122 15.67 0.32 -51.37
N ASN D 123 16.98 0.32 -51.58
CA ASN D 123 17.70 -0.93 -51.82
C ASN D 123 18.26 -1.38 -50.50
N ILE D 124 17.47 -2.18 -49.80
CA ILE D 124 17.76 -2.42 -48.41
C ILE D 124 18.64 -3.65 -48.27
N GLY D 125 19.78 -3.49 -47.60
CA GLY D 125 20.77 -4.56 -47.43
C GLY D 125 20.45 -5.50 -46.29
N ILE D 126 20.85 -6.76 -46.44
CA ILE D 126 20.64 -7.80 -45.44
C ILE D 126 22.05 -8.27 -45.09
N ALA D 127 22.59 -7.84 -43.94
CA ALA D 127 23.91 -8.29 -43.53
C ALA D 127 23.83 -9.78 -43.24
N MET D 128 24.71 -10.55 -43.87
CA MET D 128 24.88 -12.00 -43.66
C MET D 128 26.39 -12.24 -43.44
N ASP D 129 26.70 -13.31 -42.76
CA ASP D 129 28.06 -13.81 -42.70
C ASP D 129 28.08 -15.17 -43.41
N THR D 130 29.14 -15.40 -44.18
CA THR D 130 29.39 -16.72 -44.74
C THR D 130 30.85 -17.05 -44.30
N GLU D 131 31.45 -18.10 -44.84
CA GLU D 131 32.84 -18.38 -44.46
C GLU D 131 33.79 -17.28 -44.96
N GLN D 132 33.36 -16.59 -46.01
CA GLN D 132 34.09 -15.41 -46.50
C GLN D 132 33.89 -14.22 -45.55
N GLY D 133 33.01 -14.37 -44.56
CA GLY D 133 32.68 -13.28 -43.63
C GLY D 133 31.55 -12.41 -44.15
N LEU D 134 31.67 -11.10 -43.93
CA LEU D 134 30.58 -10.17 -44.16
C LEU D 134 30.16 -10.07 -45.64
N ILE D 135 28.86 -10.27 -45.89
CA ILE D 135 28.30 -10.19 -47.22
C ILE D 135 26.95 -9.46 -47.05
N VAL D 136 26.73 -8.39 -47.83
CA VAL D 136 25.52 -7.61 -47.65
C VAL D 136 24.82 -7.38 -48.98
N PRO D 137 24.11 -8.40 -49.48
CA PRO D 137 23.32 -8.15 -50.65
C PRO D 137 22.09 -7.33 -50.22
N ASN D 138 21.37 -6.75 -51.18
CA ASN D 138 20.22 -5.89 -50.86
C ASN D 138 19.01 -6.26 -51.75
N VAL D 139 17.82 -5.91 -51.30
CA VAL D 139 16.59 -6.11 -52.06
C VAL D 139 16.35 -4.77 -52.78
N LYS D 140 16.16 -4.80 -54.08
CA LYS D 140 16.03 -3.58 -54.84
C LYS D 140 14.65 -2.97 -54.69
N ASN D 141 14.57 -1.65 -54.64
CA ASN D 141 13.25 -0.98 -54.71
C ASN D 141 12.19 -1.66 -53.84
N VAL D 142 12.48 -1.83 -52.57
CA VAL D 142 11.52 -2.39 -51.60
C VAL D 142 10.21 -1.60 -51.67
N GLN D 143 10.27 -0.32 -52.01
CA GLN D 143 9.10 0.58 -51.92
C GLN D 143 7.98 0.20 -52.92
N ILE D 144 8.30 -0.61 -53.93
CA ILE D 144 7.31 -1.06 -54.95
C ILE D 144 7.10 -2.57 -54.93
N ARG D 145 7.58 -3.21 -53.86
CA ARG D 145 7.46 -4.63 -53.68
C ARG D 145 6.48 -4.98 -52.54
N SER D 146 5.67 -6.02 -52.73
CA SER D 146 4.86 -6.55 -51.64
C SER D 146 5.69 -7.35 -50.61
N ILE D 147 5.16 -7.50 -49.39
CA ILE D 147 5.78 -8.41 -48.40
C ILE D 147 6.12 -9.79 -49.02
N PHE D 148 5.22 -10.31 -49.88
CA PHE D 148 5.43 -11.59 -50.54
C PHE D 148 6.57 -11.60 -51.57
N GLU D 149 6.66 -10.54 -52.37
CA GLU D 149 7.78 -10.40 -53.30
C GLU D 149 9.09 -10.13 -52.56
N ILE D 150 9.05 -9.41 -51.45
CA ILE D 150 10.24 -9.22 -50.62
C ILE D 150 10.74 -10.60 -50.09
N ALA D 151 9.83 -11.44 -49.58
CA ALA D 151 10.12 -12.80 -49.09
C ALA D 151 10.77 -13.65 -50.18
N THR D 152 10.18 -13.61 -51.37
CA THR D 152 10.73 -14.25 -52.57
C THR D 152 12.17 -13.82 -52.85
N GLU D 153 12.43 -12.52 -52.85
CA GLU D 153 13.79 -12.05 -53.11
C GLU D 153 14.79 -12.44 -51.97
N LEU D 154 14.34 -12.34 -50.72
CA LEU D 154 15.16 -12.81 -49.59
C LEU D 154 15.59 -14.24 -49.72
N ASN D 155 14.64 -15.13 -50.05
CA ASN D 155 14.94 -16.56 -50.28
C ASN D 155 15.95 -16.75 -51.40
N ARG D 156 15.79 -15.99 -52.48
CA ARG D 156 16.68 -16.03 -53.64
C ARG D 156 18.10 -15.60 -53.23
N LEU D 157 18.19 -14.49 -52.49
CA LEU D 157 19.46 -13.95 -52.00
C LEU D 157 20.12 -14.87 -50.95
N GLN D 158 19.32 -15.42 -50.03
CA GLN D 158 19.82 -16.43 -49.06
C GLN D 158 20.44 -17.62 -49.80
N LYS D 159 19.71 -18.17 -50.76
CA LYS D 159 20.19 -19.30 -51.55
C LYS D 159 21.51 -19.03 -52.28
N LEU D 160 21.60 -17.91 -53.01
CA LEU D 160 22.83 -17.49 -53.66
C LEU D 160 23.93 -17.19 -52.65
N GLY D 161 23.58 -16.49 -51.57
CA GLY D 161 24.55 -16.11 -50.56
C GLY D 161 25.29 -17.34 -50.06
N SER D 162 24.54 -18.42 -49.83
CA SER D 162 25.08 -19.59 -49.20
C SER D 162 25.80 -20.52 -50.20
N ALA D 163 25.56 -20.31 -51.50
CA ALA D 163 26.35 -20.97 -52.56
C ALA D 163 27.56 -20.13 -52.99
N GLY D 164 27.70 -18.93 -52.43
CA GLY D 164 28.73 -17.99 -52.86
C GLY D 164 28.49 -17.51 -54.28
N GLN D 165 27.21 -17.39 -54.68
CA GLN D 165 26.87 -17.06 -56.07
C GLN D 165 26.13 -15.74 -56.21
N LEU D 166 26.34 -14.81 -55.29
CA LEU D 166 25.64 -13.53 -55.39
C LEU D 166 26.31 -12.72 -56.50
N SER D 167 25.52 -12.06 -57.35
CA SER D 167 26.05 -11.28 -58.47
C SER D 167 26.50 -9.90 -58.01
N THR D 168 27.28 -9.22 -58.84
CA THR D 168 27.58 -7.79 -58.64
C THR D 168 26.34 -6.98 -58.35
N ASN D 169 25.31 -7.16 -59.18
CA ASN D 169 24.12 -6.37 -59.06
C ASN D 169 23.40 -6.58 -57.72
N ASP D 170 23.43 -7.81 -57.20
CA ASP D 170 22.86 -8.15 -55.90
C ASP D 170 23.55 -7.36 -54.78
N LEU D 171 24.85 -7.07 -54.98
CA LEU D 171 25.73 -6.56 -53.96
C LEU D 171 25.86 -5.03 -53.94
N ILE D 172 25.64 -4.38 -55.08
CA ILE D 172 25.86 -2.95 -55.14
C ILE D 172 24.55 -2.20 -54.97
N GLY D 173 24.60 -0.87 -54.83
CA GLY D 173 23.39 -0.01 -54.87
C GLY D 173 22.63 0.11 -53.57
N GLY D 174 23.13 -0.49 -52.50
CA GLY D 174 22.44 -0.49 -51.18
C GLY D 174 22.32 0.92 -50.62
N THR D 175 21.22 1.20 -49.95
CA THR D 175 20.96 2.57 -49.50
C THR D 175 20.70 2.62 -47.97
N PHE D 176 20.47 1.46 -47.36
CA PHE D 176 20.10 1.36 -45.96
C PHE D 176 20.25 -0.13 -45.69
N THR D 177 20.51 -0.55 -44.45
CA THR D 177 20.85 -1.94 -44.10
C THR D 177 20.16 -2.39 -42.81
N LEU D 178 19.75 -3.66 -42.76
CA LEU D 178 19.23 -4.28 -41.54
C LEU D 178 20.01 -5.49 -41.31
N SER D 179 20.36 -5.75 -40.05
CA SER D 179 21.12 -6.96 -39.66
C SER D 179 20.32 -7.74 -38.64
N ASN D 180 19.84 -8.91 -39.02
CA ASN D 180 19.05 -9.76 -38.15
C ASN D 180 19.92 -10.61 -37.22
N ILE D 181 20.51 -9.99 -36.20
CA ILE D 181 21.41 -10.72 -35.28
C ILE D 181 20.67 -11.84 -34.54
N GLY D 182 19.37 -11.60 -34.32
CA GLY D 182 18.48 -12.48 -33.59
C GLY D 182 18.20 -13.82 -34.23
N SER D 183 18.57 -13.98 -35.51
CA SER D 183 18.44 -15.28 -36.14
C SER D 183 19.36 -16.23 -35.42
N ILE D 184 20.40 -15.68 -34.75
CA ILE D 184 21.27 -16.46 -33.90
C ILE D 184 21.03 -16.23 -32.37
N GLY D 185 21.02 -14.98 -31.93
CA GLY D 185 20.86 -14.66 -30.52
C GLY D 185 20.90 -13.14 -30.35
N GLY D 186 20.80 -12.69 -29.11
CA GLY D 186 21.15 -11.33 -28.75
C GLY D 186 19.92 -10.55 -28.44
N THR D 187 20.10 -9.39 -27.84
CA THR D 187 19.02 -8.47 -27.58
C THR D 187 19.42 -7.18 -28.26
N TYR D 188 20.16 -6.31 -27.56
CA TYR D 188 20.69 -5.08 -28.17
C TYR D 188 22.03 -5.30 -28.84
N ALA D 189 22.45 -4.32 -29.62
CA ALA D 189 23.72 -4.38 -30.33
C ALA D 189 24.11 -2.95 -30.69
N LYS D 190 25.36 -2.79 -31.13
CA LYS D 190 25.83 -1.56 -31.76
C LYS D 190 26.29 -1.95 -33.19
N PRO D 191 25.36 -1.87 -34.17
CA PRO D 191 25.78 -2.19 -35.54
C PRO D 191 26.70 -1.07 -36.08
N VAL D 192 27.60 -1.46 -36.98
CA VAL D 192 28.50 -0.55 -37.70
C VAL D 192 27.85 -0.09 -39.06
N ILE D 193 27.70 1.22 -39.22
CA ILE D 193 27.17 1.77 -40.47
C ILE D 193 28.12 1.38 -41.64
N LEU D 194 27.55 1.17 -42.83
CA LEU D 194 28.35 0.72 -43.99
C LEU D 194 28.46 1.90 -44.92
N PRO D 195 29.64 2.57 -44.98
CA PRO D 195 29.79 3.75 -45.85
C PRO D 195 29.49 3.32 -47.30
N PRO D 196 28.82 4.19 -48.10
CA PRO D 196 28.46 5.56 -47.72
C PRO D 196 26.99 5.73 -47.23
N GLU D 197 26.38 4.65 -46.72
CA GLU D 197 25.10 4.76 -46.04
C GLU D 197 25.21 5.56 -44.74
N VAL D 198 24.05 6.00 -44.24
CA VAL D 198 24.00 6.84 -43.04
C VAL D 198 23.36 6.18 -41.83
N ALA D 199 22.76 5.01 -42.05
CA ALA D 199 22.07 4.29 -41.01
C ALA D 199 22.09 2.77 -41.20
N ILE D 200 21.98 2.04 -40.08
CA ILE D 200 21.84 0.58 -40.01
C ILE D 200 20.96 0.19 -38.77
N GLY D 201 20.13 -0.83 -38.89
CA GLY D 201 19.40 -1.35 -37.73
C GLY D 201 19.75 -2.79 -37.47
N ALA D 202 19.89 -3.16 -36.19
CA ALA D 202 20.12 -4.54 -35.81
C ALA D 202 18.90 -5.11 -35.05
N LEU D 203 18.39 -6.28 -35.49
CA LEU D 203 17.21 -6.91 -34.88
C LEU D 203 17.61 -8.04 -33.99
N GLY D 204 17.11 -7.97 -32.77
CA GLY D 204 17.45 -8.95 -31.73
C GLY D 204 16.48 -10.10 -31.76
N THR D 205 16.68 -11.02 -30.81
CA THR D 205 15.84 -12.20 -30.71
C THR D 205 14.46 -11.80 -30.18
N ILE D 206 13.41 -12.26 -30.88
CA ILE D 206 12.04 -12.16 -30.38
C ILE D 206 11.83 -13.14 -29.24
N LYS D 207 11.44 -12.66 -28.07
CA LYS D 207 11.09 -13.61 -27.02
C LYS D 207 9.91 -13.17 -26.15
N ALA D 208 9.31 -14.15 -25.47
CA ALA D 208 8.12 -13.94 -24.65
C ALA D 208 8.54 -13.43 -23.30
N LEU D 209 8.00 -12.28 -22.91
CA LEU D 209 8.32 -11.65 -21.63
C LEU D 209 7.04 -11.24 -20.95
N PRO D 210 7.00 -11.31 -19.60
CA PRO D 210 5.81 -10.77 -18.95
C PRO D 210 5.70 -9.24 -19.18
N ARG D 211 4.53 -8.79 -19.67
CA ARG D 211 4.25 -7.37 -19.96
C ARG D 211 2.80 -7.04 -19.60
N PHE D 212 2.56 -5.79 -19.18
CA PHE D 212 1.21 -5.30 -18.87
C PHE D 212 0.38 -5.02 -20.10
N ASN D 213 -0.83 -5.55 -20.11
CA ASN D 213 -1.80 -5.05 -21.06
C ASN D 213 -2.44 -3.73 -20.57
N GLU D 214 -3.35 -3.21 -21.39
CA GLU D 214 -4.08 -1.97 -21.13
C GLU D 214 -5.04 -2.08 -19.94
N LYS D 215 -5.39 -3.32 -19.57
CA LYS D 215 -6.15 -3.59 -18.33
C LYS D 215 -5.26 -3.60 -17.09
N GLY D 216 -3.94 -3.73 -17.29
CA GLY D 216 -3.02 -3.90 -16.17
C GLY D 216 -2.82 -5.34 -15.71
N GLU D 217 -3.12 -6.30 -16.60
CA GLU D 217 -2.91 -7.72 -16.32
C GLU D 217 -1.57 -8.11 -16.93
N VAL D 218 -0.86 -9.05 -16.32
CA VAL D 218 0.40 -9.58 -16.85
C VAL D 218 0.16 -10.55 -18.01
N CYS D 219 0.61 -10.18 -19.21
CA CYS D 219 0.40 -10.96 -20.41
C CYS D 219 1.72 -11.51 -21.00
N LYS D 220 1.59 -12.55 -21.83
CA LYS D 220 2.66 -13.05 -22.67
C LYS D 220 2.75 -12.04 -23.78
N ALA D 221 3.92 -11.40 -23.90
CA ALA D 221 4.19 -10.53 -25.00
C ALA D 221 5.45 -10.98 -25.70
N GLN D 222 5.41 -11.01 -27.02
CA GLN D 222 6.57 -11.34 -27.86
C GLN D 222 7.33 -10.06 -28.10
N ILE D 223 8.46 -9.92 -27.41
CA ILE D 223 9.25 -8.69 -27.38
C ILE D 223 10.52 -8.86 -28.25
N MET D 224 10.82 -7.85 -29.06
CA MET D 224 12.04 -7.85 -29.84
C MET D 224 12.75 -6.51 -29.59
N ASN D 225 14.06 -6.55 -29.46
CA ASN D 225 14.79 -5.32 -29.41
C ASN D 225 15.25 -4.88 -30.79
N VAL D 226 15.38 -3.56 -30.98
CA VAL D 226 15.96 -2.99 -32.21
C VAL D 226 17.00 -1.98 -31.77
N SER D 227 18.16 -2.03 -32.42
CA SER D 227 19.28 -1.10 -32.18
C SER D 227 19.61 -0.37 -33.50
N TRP D 228 19.38 0.95 -33.58
CA TRP D 228 19.79 1.75 -34.75
C TRP D 228 21.16 2.45 -34.50
N SER D 229 22.01 2.50 -35.52
CA SER D 229 23.16 3.37 -35.54
C SER D 229 22.92 4.32 -36.70
N ALA D 230 23.16 5.62 -36.49
CA ALA D 230 22.97 6.64 -37.56
C ALA D 230 24.17 7.60 -37.55
N ASP D 231 24.54 8.12 -38.73
CA ASP D 231 25.62 9.05 -38.88
C ASP D 231 25.17 10.38 -38.29
N HIS D 232 25.66 10.75 -37.12
CA HIS D 232 25.15 11.97 -36.43
C HIS D 232 25.65 13.32 -36.99
N ARG D 233 26.58 13.31 -37.95
CA ARG D 233 26.96 14.52 -38.67
C ARG D 233 25.78 15.09 -39.43
N ILE D 234 24.91 14.21 -39.93
CA ILE D 234 23.72 14.65 -40.68
C ILE D 234 22.39 14.11 -40.16
N ILE D 235 22.40 13.08 -39.33
CA ILE D 235 21.12 12.50 -38.85
C ILE D 235 21.01 12.90 -37.39
N ASP D 236 19.99 13.68 -37.02
CA ASP D 236 19.82 14.01 -35.66
C ASP D 236 18.98 12.97 -34.90
N GLY D 237 18.93 13.09 -33.58
CA GLY D 237 18.30 12.09 -32.75
C GLY D 237 16.80 12.00 -32.86
N ALA D 238 16.14 13.14 -33.03
CA ALA D 238 14.69 13.19 -33.27
C ALA D 238 14.36 12.45 -34.55
N THR D 239 15.14 12.64 -35.62
CA THR D 239 14.92 11.88 -36.88
C THR D 239 15.00 10.37 -36.71
N VAL D 240 16.03 9.89 -36.04
CA VAL D 240 16.14 8.44 -35.87
C VAL D 240 15.00 7.90 -34.99
N SER D 241 14.60 8.68 -33.99
CA SER D 241 13.58 8.26 -33.03
C SER D 241 12.19 8.25 -33.64
N ARG D 242 11.83 9.34 -34.31
CA ARG D 242 10.63 9.41 -35.07
C ARG D 242 10.58 8.32 -36.14
N PHE D 243 11.67 8.08 -36.86
CA PHE D 243 11.64 6.98 -37.82
C PHE D 243 11.39 5.61 -37.11
N SER D 244 12.09 5.40 -36.01
CA SER D 244 11.98 4.16 -35.30
C SER D 244 10.57 4.00 -34.75
N ASN D 245 9.99 5.06 -34.15
CA ASN D 245 8.57 5.01 -33.72
C ASN D 245 7.56 4.66 -34.81
N LEU D 246 7.81 5.10 -36.04
CA LEU D 246 6.89 4.81 -37.15
C LEU D 246 7.07 3.37 -37.61
N TRP D 247 8.31 2.96 -37.81
CA TRP D 247 8.64 1.60 -38.12
C TRP D 247 7.95 0.64 -37.16
N LYS D 248 8.14 0.88 -35.87
CA LYS D 248 7.55 0.12 -34.75
C LYS D 248 5.99 0.19 -34.72
N SER D 249 5.40 1.35 -34.99
CA SER D 249 3.91 1.40 -35.10
C SER D 249 3.34 0.45 -36.15
N TYR D 250 4.03 0.35 -37.29
CA TYR D 250 3.62 -0.50 -38.42
C TYR D 250 3.74 -1.96 -38.07
N LEU D 251 4.68 -2.28 -37.20
CA LEU D 251 4.92 -3.67 -36.80
C LEU D 251 4.09 -4.07 -35.58
N GLU D 252 3.88 -3.10 -34.68
CA GLU D 252 3.03 -3.34 -33.52
C GLU D 252 1.56 -3.33 -33.92
N ASN D 253 1.23 -2.55 -34.96
CA ASN D 253 -0.16 -2.47 -35.46
C ASN D 253 -0.19 -2.64 -37.00
N PRO D 254 -0.03 -3.88 -37.51
CA PRO D 254 0.17 -4.20 -38.93
C PRO D 254 -0.88 -3.68 -39.91
N ALA D 255 -2.01 -3.28 -39.35
CA ALA D 255 -3.19 -2.90 -40.10
C ALA D 255 -2.91 -1.50 -40.52
N PHE D 256 -1.96 -0.86 -39.82
CA PHE D 256 -1.46 0.45 -40.24
C PHE D 256 -0.82 0.36 -41.62
N MET D 257 -0.21 -0.79 -41.93
CA MET D 257 0.32 -1.07 -43.27
C MET D 257 -0.78 -1.30 -44.31
N LEU D 258 -1.78 -2.10 -43.95
CA LEU D 258 -2.97 -2.22 -44.78
C LEU D 258 -3.53 -0.91 -45.33
N LEU D 259 -3.59 0.14 -44.50
CA LEU D 259 -4.18 1.44 -44.85
C LEU D 259 -3.66 2.02 -46.15
N ASP D 260 -2.34 1.99 -46.36
CA ASP D 260 -1.72 2.71 -47.50
C ASP D 260 -1.01 1.88 -48.56
N LEU D 261 -0.93 0.56 -48.38
CA LEU D 261 -0.44 -0.32 -49.45
C LEU D 261 -1.43 -0.51 -50.60
N LYS D 262 -0.91 -0.77 -51.80
CA LYS D 262 -1.66 -0.73 -53.07
C LYS D 262 -1.69 -2.04 -53.82
N GLY E 29 33.43 27.55 -6.67
CA GLY E 29 33.74 28.88 -7.24
C GLY E 29 34.69 28.78 -8.43
N LYS E 30 35.89 28.28 -8.19
CA LYS E 30 36.98 28.40 -9.15
C LYS E 30 37.21 27.11 -9.94
N ASP E 31 37.42 27.25 -11.25
CA ASP E 31 37.91 26.13 -12.08
C ASP E 31 39.33 25.79 -11.66
N ARG E 32 39.71 24.54 -11.83
CA ARG E 32 40.96 24.02 -11.35
C ARG E 32 41.58 23.06 -12.38
N THR E 33 42.76 23.43 -12.90
CA THR E 33 43.49 22.65 -13.91
C THR E 33 44.64 21.83 -13.29
N GLU E 34 44.79 20.60 -13.78
CA GLU E 34 45.53 19.54 -13.13
C GLU E 34 46.16 18.69 -14.23
N PRO E 35 47.51 18.52 -14.21
CA PRO E 35 48.12 17.56 -15.18
C PRO E 35 47.62 16.15 -14.99
N VAL E 36 47.45 15.42 -16.08
CA VAL E 36 47.26 13.98 -16.02
C VAL E 36 48.67 13.45 -15.79
N LYS E 37 48.81 12.54 -14.82
CA LYS E 37 50.15 12.16 -14.35
C LYS E 37 50.37 10.71 -13.99
N GLY E 38 51.59 10.26 -14.22
CA GLY E 38 52.00 8.91 -13.87
C GLY E 38 51.14 7.81 -14.45
N PHE E 39 50.51 7.04 -13.58
CA PHE E 39 49.72 5.86 -13.99
C PHE E 39 48.46 6.25 -14.77
N HIS E 40 48.05 7.52 -14.68
CA HIS E 40 46.83 7.99 -15.32
C HIS E 40 47.04 8.26 -16.81
N LYS E 41 48.29 8.48 -17.20
CA LYS E 41 48.75 8.65 -18.58
C LYS E 41 48.54 7.39 -19.42
N ALA E 42 48.59 6.23 -18.76
CA ALA E 42 48.48 4.96 -19.42
C ALA E 42 47.08 4.73 -19.97
N MET E 43 46.06 5.15 -19.22
CA MET E 43 44.72 4.96 -19.70
C MET E 43 44.46 5.89 -20.88
N VAL E 44 45.06 7.05 -20.84
CA VAL E 44 45.00 8.03 -21.94
C VAL E 44 45.49 7.35 -23.24
N LYS E 45 46.72 6.83 -23.20
CA LYS E 45 47.33 6.17 -24.34
C LYS E 45 46.60 4.91 -24.80
N THR E 46 46.17 4.07 -23.85
CA THR E 46 45.44 2.83 -24.17
C THR E 46 44.10 3.08 -24.91
N MET E 47 43.30 3.95 -24.31
CA MET E 47 42.01 4.25 -24.89
C MET E 47 42.15 5.06 -26.19
N SER E 48 43.18 5.92 -26.30
CA SER E 48 43.41 6.55 -27.57
C SER E 48 43.77 5.53 -28.70
N ALA E 49 44.49 4.46 -28.38
CA ALA E 49 44.89 3.47 -29.36
C ALA E 49 43.67 2.65 -29.81
N ALA E 50 42.77 2.36 -28.87
CA ALA E 50 41.44 1.78 -29.19
C ALA E 50 40.60 2.48 -30.26
N LEU E 51 40.93 3.72 -30.58
CA LEU E 51 40.14 4.50 -31.55
C LEU E 51 40.37 3.90 -32.96
N LYS E 52 41.40 3.08 -33.10
CA LYS E 52 41.77 2.54 -34.42
C LYS E 52 40.92 1.29 -34.73
N ILE E 53 40.24 0.78 -33.71
CA ILE E 53 39.48 -0.48 -33.77
C ILE E 53 38.02 -0.11 -34.01
N PRO E 54 37.45 -0.54 -35.16
CA PRO E 54 36.01 -0.37 -35.37
C PRO E 54 35.23 -1.38 -34.48
N HIS E 55 34.57 -0.86 -33.43
CA HIS E 55 33.97 -1.71 -32.39
C HIS E 55 32.59 -2.12 -32.90
N PHE E 56 32.28 -3.40 -32.90
CA PHE E 56 30.87 -3.81 -33.07
C PHE E 56 30.40 -4.27 -31.70
N GLY E 57 29.20 -3.89 -31.31
CA GLY E 57 28.67 -4.35 -30.05
C GLY E 57 27.55 -5.34 -30.22
N TYR E 58 27.54 -6.36 -29.36
CA TYR E 58 26.47 -7.36 -29.41
C TYR E 58 26.11 -7.71 -27.95
N CYS E 59 24.83 -7.58 -27.59
CA CYS E 59 24.48 -7.85 -26.21
C CYS E 59 23.44 -8.95 -26.10
N ASP E 60 23.27 -9.42 -24.88
CA ASP E 60 22.27 -10.48 -24.58
C ASP E 60 21.92 -10.50 -23.08
N GLU E 61 20.87 -11.22 -22.70
CA GLU E 61 20.62 -11.52 -21.32
C GLU E 61 20.84 -13.01 -21.07
N VAL E 62 21.26 -13.32 -19.87
CA VAL E 62 21.71 -14.63 -19.50
C VAL E 62 20.87 -15.00 -18.29
N ASP E 63 20.34 -16.23 -18.27
CA ASP E 63 19.50 -16.65 -17.12
C ASP E 63 20.40 -17.42 -16.16
N LEU E 64 20.83 -16.72 -15.11
CA LEU E 64 21.73 -17.28 -14.10
C LEU E 64 21.02 -17.86 -12.87
N THR E 65 19.72 -18.16 -12.98
CA THR E 65 18.98 -18.82 -11.87
C THR E 65 19.70 -20.08 -11.35
N GLU E 66 20.01 -21.02 -12.25
CA GLU E 66 20.73 -22.25 -11.91
C GLU E 66 22.14 -22.00 -11.39
N LEU E 67 22.89 -21.08 -12.02
CA LEU E 67 24.24 -20.74 -11.53
C LEU E 67 24.23 -20.14 -10.12
N VAL E 68 23.25 -19.28 -9.82
CA VAL E 68 23.16 -18.64 -8.51
C VAL E 68 23.07 -19.75 -7.47
N LYS E 69 22.31 -20.80 -7.79
CA LYS E 69 22.08 -21.93 -6.87
C LYS E 69 23.36 -22.79 -6.83
N LEU E 70 23.91 -23.09 -7.99
CA LEU E 70 25.16 -23.82 -8.03
C LEU E 70 26.23 -23.13 -7.14
N ARG E 71 26.42 -21.80 -7.27
CA ARG E 71 27.31 -21.02 -6.38
C ARG E 71 27.01 -21.06 -4.87
N GLU E 72 25.75 -20.86 -4.47
CA GLU E 72 25.37 -21.08 -3.05
C GLU E 72 25.76 -22.47 -2.51
N GLU E 73 25.61 -23.52 -3.32
CA GLU E 73 26.10 -24.81 -2.88
C GLU E 73 27.63 -24.95 -2.86
N LEU E 74 28.36 -24.22 -3.73
CA LEU E 74 29.84 -24.28 -3.69
C LEU E 74 30.55 -23.29 -2.72
N LYS E 75 29.99 -22.08 -2.58
CA LYS E 75 30.44 -21.04 -1.61
C LYS E 75 31.14 -21.61 -0.36
N PRO E 76 30.43 -22.39 0.49
CA PRO E 76 30.94 -23.07 1.70
C PRO E 76 32.10 -24.09 1.60
N ILE E 77 32.30 -24.66 0.41
CA ILE E 77 33.44 -25.53 0.17
C ILE E 77 34.66 -24.63 -0.09
N ALA E 78 34.46 -23.55 -0.86
CA ALA E 78 35.54 -22.62 -1.11
C ALA E 78 35.89 -21.88 0.17
N PHE E 79 34.90 -21.45 0.93
CA PHE E 79 35.17 -20.70 2.14
C PHE E 79 36.06 -21.55 3.06
N ALA E 80 35.79 -22.86 3.09
CA ALA E 80 36.48 -23.80 3.98
C ALA E 80 37.91 -24.10 3.52
N ARG E 81 38.17 -23.83 2.24
CA ARG E 81 39.54 -23.82 1.69
C ARG E 81 40.20 -22.43 1.72
N GLY E 82 39.54 -21.45 2.36
CA GLY E 82 40.07 -20.10 2.54
C GLY E 82 39.90 -19.21 1.32
N ILE E 83 38.93 -19.56 0.46
CA ILE E 83 38.70 -18.86 -0.82
C ILE E 83 37.30 -18.22 -0.93
N LYS E 84 37.22 -16.99 -1.44
CA LYS E 84 35.96 -16.35 -1.70
C LYS E 84 35.58 -16.71 -3.12
N LEU E 85 34.40 -17.30 -3.29
CA LEU E 85 33.96 -17.78 -4.59
C LEU E 85 32.82 -16.92 -5.11
N SER E 86 33.12 -16.09 -6.12
CA SER E 86 32.09 -15.26 -6.73
C SER E 86 31.63 -15.91 -8.04
N PHE E 87 31.00 -15.12 -8.91
CA PHE E 87 30.47 -15.65 -10.15
C PHE E 87 31.56 -15.67 -11.22
N MET E 88 32.58 -14.84 -11.02
CA MET E 88 33.61 -14.59 -12.03
C MET E 88 34.44 -15.82 -12.44
N PRO E 89 34.80 -16.72 -11.49
CA PRO E 89 35.45 -17.96 -11.96
C PRO E 89 34.58 -18.76 -12.90
N PHE E 90 33.27 -18.69 -12.76
CA PHE E 90 32.36 -19.38 -13.68
C PHE E 90 32.34 -18.72 -15.05
N PHE E 91 32.21 -17.39 -15.07
CA PHE E 91 32.23 -16.57 -16.26
C PHE E 91 33.54 -16.78 -17.03
N LEU E 92 34.66 -16.82 -16.32
CA LEU E 92 35.98 -16.99 -16.93
C LEU E 92 36.16 -18.40 -17.52
N LYS E 93 35.75 -19.43 -16.77
CA LYS E 93 35.90 -20.78 -17.31
C LYS E 93 35.00 -20.98 -18.49
N ALA E 94 33.79 -20.40 -18.45
CA ALA E 94 32.83 -20.53 -19.55
C ALA E 94 33.31 -19.79 -20.79
N ALA E 95 33.97 -18.65 -20.57
CA ALA E 95 34.65 -17.87 -21.64
C ALA E 95 35.80 -18.69 -22.24
N SER E 96 36.62 -19.30 -21.40
CA SER E 96 37.76 -20.06 -21.92
C SER E 96 37.25 -21.19 -22.83
N LEU E 97 36.21 -21.90 -22.37
CA LEU E 97 35.65 -23.03 -23.12
C LEU E 97 35.12 -22.54 -24.49
N GLY E 98 34.45 -21.37 -24.48
CA GLY E 98 33.96 -20.73 -25.71
C GLY E 98 35.07 -20.35 -26.70
N LEU E 99 36.19 -19.91 -26.14
CA LEU E 99 37.33 -19.44 -26.90
C LEU E 99 38.09 -20.55 -27.59
N LEU E 100 37.96 -21.77 -27.07
CA LEU E 100 38.48 -22.98 -27.71
C LEU E 100 37.78 -23.28 -29.04
N GLN E 101 36.47 -23.00 -29.07
CA GLN E 101 35.63 -23.15 -30.23
C GLN E 101 35.73 -22.00 -31.20
N PHE E 102 36.03 -20.82 -30.66
CA PHE E 102 36.19 -19.62 -31.43
C PHE E 102 37.55 -18.91 -31.16
N PRO E 103 38.66 -19.52 -31.59
CA PRO E 103 39.95 -18.98 -31.18
C PRO E 103 40.27 -17.58 -31.79
N ILE E 104 39.57 -17.17 -32.85
CA ILE E 104 39.74 -15.84 -33.41
C ILE E 104 39.44 -14.75 -32.39
N LEU E 105 38.57 -15.04 -31.42
CA LEU E 105 38.29 -14.09 -30.36
C LEU E 105 39.44 -13.92 -29.33
N ASN E 106 40.43 -14.81 -29.44
CA ASN E 106 41.58 -14.80 -28.53
C ASN E 106 42.83 -14.52 -29.32
N ALA E 107 42.74 -13.58 -30.25
CA ALA E 107 43.77 -13.31 -31.23
C ALA E 107 44.16 -11.87 -31.13
N SER E 108 45.27 -11.52 -31.80
CA SER E 108 45.61 -10.11 -32.05
C SER E 108 45.77 -9.79 -33.52
N VAL E 109 45.56 -8.51 -33.91
CA VAL E 109 45.95 -8.08 -35.24
C VAL E 109 47.02 -6.99 -35.21
N ASP E 110 47.83 -6.89 -36.28
CA ASP E 110 48.87 -5.87 -36.39
C ASP E 110 48.24 -4.56 -36.79
N GLU E 111 49.04 -3.48 -36.79
CA GLU E 111 48.54 -2.11 -37.06
C GLU E 111 47.58 -2.04 -38.24
N ASN E 112 48.04 -2.52 -39.39
CA ASN E 112 47.26 -2.40 -40.61
C ASN E 112 46.14 -3.45 -40.70
N CYS E 113 46.08 -4.33 -39.69
CA CYS E 113 45.18 -5.48 -39.68
C CYS E 113 45.40 -6.32 -40.95
N GLN E 114 46.67 -6.61 -41.21
CA GLN E 114 47.02 -7.40 -42.37
C GLN E 114 47.44 -8.81 -41.96
N ASN E 115 47.61 -9.01 -40.66
CA ASN E 115 48.07 -10.29 -40.08
C ASN E 115 47.38 -10.51 -38.76
N ILE E 116 47.06 -11.78 -38.48
CA ILE E 116 46.41 -12.23 -37.25
C ILE E 116 47.34 -13.17 -36.51
N THR E 117 47.51 -12.92 -35.21
CA THR E 117 48.18 -13.88 -34.35
C THR E 117 47.12 -14.53 -33.48
N TYR E 118 46.94 -15.83 -33.71
CA TYR E 118 46.12 -16.69 -32.84
C TYR E 118 47.00 -17.00 -31.63
N LYS E 119 46.44 -16.84 -30.43
CA LYS E 119 47.18 -17.00 -29.19
C LYS E 119 46.63 -18.18 -28.42
N ALA E 120 47.52 -19.10 -28.05
CA ALA E 120 47.15 -20.37 -27.41
C ALA E 120 46.69 -20.29 -25.94
N SER E 121 47.38 -19.45 -25.15
CA SER E 121 47.04 -19.23 -23.75
C SER E 121 45.79 -18.35 -23.67
N HIS E 122 44.82 -18.76 -22.86
CA HIS E 122 43.73 -17.89 -22.47
C HIS E 122 44.18 -17.13 -21.24
N ASN E 123 44.75 -15.94 -21.45
CA ASN E 123 45.20 -15.06 -20.39
C ASN E 123 44.15 -13.98 -20.24
N ILE E 124 43.18 -14.23 -19.36
CA ILE E 124 41.97 -13.42 -19.41
C ILE E 124 42.05 -12.29 -18.43
N GLY E 125 41.94 -11.07 -18.95
CA GLY E 125 42.07 -9.81 -18.20
C GLY E 125 40.88 -9.57 -17.33
N ILE E 126 41.13 -9.07 -16.13
CA ILE E 126 40.07 -8.72 -15.20
C ILE E 126 40.13 -7.21 -15.04
N ALA E 127 39.22 -6.48 -15.72
CA ALA E 127 39.19 -5.01 -15.59
C ALA E 127 38.86 -4.74 -14.14
N MET E 128 39.77 -4.09 -13.44
CA MET E 128 39.50 -3.94 -12.00
C MET E 128 39.46 -2.54 -11.40
N ASP E 129 38.51 -2.41 -10.46
CA ASP E 129 38.30 -1.14 -9.77
C ASP E 129 39.32 -1.09 -8.64
N THR E 130 40.06 0.03 -8.53
CA THR E 130 40.98 0.22 -7.37
C THR E 130 40.91 1.67 -6.85
N GLU E 131 41.71 2.01 -5.85
CA GLU E 131 41.70 3.41 -5.44
C GLU E 131 42.53 4.39 -6.29
N GLN E 132 43.25 3.87 -7.29
CA GLN E 132 43.69 4.65 -8.45
C GLN E 132 42.87 4.25 -9.72
N GLY E 133 41.60 3.88 -9.52
CA GLY E 133 40.79 3.23 -10.60
C GLY E 133 41.73 2.15 -11.12
N LEU E 134 41.93 2.04 -12.44
CA LEU E 134 41.24 1.04 -13.24
C LEU E 134 42.55 0.45 -13.79
N ILE E 135 42.69 -0.87 -13.64
CA ILE E 135 43.93 -1.62 -13.96
C ILE E 135 43.50 -3.04 -14.42
N VAL E 136 44.29 -3.68 -15.28
CA VAL E 136 43.82 -4.90 -15.95
C VAL E 136 44.82 -6.05 -15.85
N PRO E 137 44.89 -6.70 -14.66
CA PRO E 137 45.68 -7.93 -14.53
C PRO E 137 44.91 -9.08 -15.19
N ASN E 138 45.55 -10.21 -15.44
CA ASN E 138 44.88 -11.34 -16.11
C ASN E 138 45.24 -12.67 -15.42
N VAL E 139 44.34 -13.64 -15.56
CA VAL E 139 44.59 -15.01 -15.08
C VAL E 139 45.23 -15.77 -16.25
N LYS E 140 46.49 -16.19 -16.08
CA LYS E 140 47.23 -16.93 -17.11
C LYS E 140 46.60 -18.29 -17.38
N ASN E 141 46.55 -18.67 -18.64
CA ASN E 141 46.22 -20.05 -18.94
C ASN E 141 44.95 -20.54 -18.26
N VAL E 142 43.85 -19.82 -18.46
CA VAL E 142 42.58 -20.27 -17.85
C VAL E 142 42.19 -21.65 -18.41
N GLN E 143 42.67 -22.00 -19.61
CA GLN E 143 42.25 -23.24 -20.24
C GLN E 143 42.69 -24.49 -19.43
N ILE E 144 43.70 -24.35 -18.58
CA ILE E 144 44.25 -25.46 -17.84
C ILE E 144 43.92 -25.41 -16.34
N ARG E 145 43.07 -24.45 -15.92
CA ARG E 145 42.75 -24.23 -14.53
C ARG E 145 41.31 -24.66 -14.19
N SER E 146 41.09 -25.09 -12.96
CA SER E 146 39.73 -25.38 -12.54
C SER E 146 39.03 -24.11 -12.07
N ILE E 147 37.71 -24.14 -11.99
CA ILE E 147 36.98 -23.02 -11.41
C ILE E 147 37.55 -22.63 -10.02
N PHE E 148 37.94 -23.63 -9.23
CA PHE E 148 38.57 -23.35 -7.92
C PHE E 148 39.95 -22.65 -7.96
N GLU E 149 40.82 -23.11 -8.85
CA GLU E 149 42.10 -22.46 -9.13
C GLU E 149 41.95 -21.01 -9.71
N ILE E 150 40.95 -20.81 -10.56
CA ILE E 150 40.70 -19.46 -11.14
C ILE E 150 40.28 -18.51 -9.99
N ALA E 151 39.39 -18.99 -9.11
CA ALA E 151 38.93 -18.24 -7.92
C ALA E 151 40.11 -17.94 -6.98
N THR E 152 40.95 -18.94 -6.68
CA THR E 152 42.21 -18.69 -5.99
C THR E 152 43.01 -17.54 -6.62
N GLU E 153 43.22 -17.62 -7.92
CA GLU E 153 44.05 -16.65 -8.61
C GLU E 153 43.36 -15.26 -8.64
N LEU E 154 42.04 -15.24 -8.83
CA LEU E 154 41.24 -14.04 -8.71
C LEU E 154 41.39 -13.37 -7.34
N ASN E 155 41.17 -14.15 -6.27
CA ASN E 155 41.41 -13.72 -4.91
C ASN E 155 42.81 -13.12 -4.76
N ARG E 156 43.85 -13.83 -5.21
CA ARG E 156 45.23 -13.29 -5.16
C ARG E 156 45.36 -11.93 -5.85
N LEU E 157 44.85 -11.85 -7.08
CA LEU E 157 44.94 -10.63 -7.90
C LEU E 157 44.15 -9.49 -7.27
N GLN E 158 42.99 -9.81 -6.70
CA GLN E 158 42.19 -8.80 -5.96
C GLN E 158 42.91 -8.11 -4.80
N LYS E 159 43.59 -8.90 -3.97
CA LYS E 159 44.25 -8.39 -2.80
C LYS E 159 45.39 -7.47 -3.21
N LEU E 160 46.13 -7.88 -4.25
CA LEU E 160 47.26 -7.09 -4.76
C LEU E 160 46.80 -5.81 -5.45
N GLY E 161 45.73 -5.92 -6.26
CA GLY E 161 45.09 -4.79 -6.94
C GLY E 161 44.65 -3.78 -5.90
N SER E 162 43.98 -4.27 -4.86
CA SER E 162 43.50 -3.44 -3.76
C SER E 162 44.62 -2.85 -2.84
N ALA E 163 45.79 -3.51 -2.74
CA ALA E 163 46.97 -2.92 -2.10
C ALA E 163 47.82 -2.03 -3.05
N GLY E 164 47.49 -1.98 -4.31
CA GLY E 164 48.35 -1.31 -5.30
C GLY E 164 49.65 -2.03 -5.63
N GLN E 165 49.68 -3.36 -5.52
CA GLN E 165 50.91 -4.17 -5.59
C GLN E 165 51.01 -5.27 -6.68
N LEU E 166 50.15 -5.17 -7.68
CA LEU E 166 50.23 -6.02 -8.86
C LEU E 166 51.56 -5.80 -9.56
N SER E 167 52.12 -6.90 -10.08
CA SER E 167 53.47 -6.88 -10.62
C SER E 167 53.35 -6.84 -12.13
N THR E 168 54.48 -6.64 -12.79
CA THR E 168 54.50 -6.50 -14.25
C THR E 168 54.00 -7.77 -14.94
N ASN E 169 54.35 -8.91 -14.38
CA ASN E 169 53.86 -10.19 -14.90
C ASN E 169 52.36 -10.43 -14.74
N ASP E 170 51.75 -9.85 -13.71
CA ASP E 170 50.30 -9.97 -13.53
C ASP E 170 49.53 -9.20 -14.62
N LEU E 171 50.22 -8.20 -15.21
CA LEU E 171 49.60 -7.21 -16.10
C LEU E 171 49.79 -7.41 -17.60
N ILE E 172 50.84 -8.12 -18.00
CA ILE E 172 51.15 -8.37 -19.40
C ILE E 172 50.55 -9.69 -19.88
N GLY E 173 50.57 -9.90 -21.21
CA GLY E 173 50.27 -11.21 -21.77
C GLY E 173 48.79 -11.45 -21.99
N GLY E 174 47.96 -10.47 -21.68
CA GLY E 174 46.50 -10.62 -21.77
C GLY E 174 46.02 -10.86 -23.19
N THR E 175 45.01 -11.74 -23.37
CA THR E 175 44.54 -12.12 -24.70
C THR E 175 43.05 -11.84 -24.94
N PHE E 176 42.33 -11.52 -23.88
CA PHE E 176 40.86 -11.35 -23.89
C PHE E 176 40.51 -10.78 -22.52
N THR E 177 39.46 -9.97 -22.39
CA THR E 177 39.17 -9.29 -21.10
C THR E 177 37.69 -9.43 -20.74
N LEU E 178 37.40 -9.60 -19.45
CA LEU E 178 36.03 -9.40 -18.89
C LEU E 178 36.04 -8.22 -17.93
N SER E 179 34.98 -7.42 -17.98
CA SER E 179 34.82 -6.29 -17.08
C SER E 179 33.53 -6.52 -16.31
N ASN E 180 33.63 -6.90 -15.05
CA ASN E 180 32.45 -7.08 -14.24
C ASN E 180 31.97 -5.74 -13.66
N ILE E 181 31.43 -4.86 -14.49
CA ILE E 181 30.93 -3.61 -13.93
C ILE E 181 29.75 -3.83 -12.96
N GLY E 182 29.14 -5.01 -13.06
CA GLY E 182 27.98 -5.36 -12.28
C GLY E 182 28.27 -5.52 -10.80
N SER E 183 29.54 -5.66 -10.44
CA SER E 183 29.89 -5.64 -9.02
C SER E 183 29.51 -4.30 -8.44
N ILE E 184 29.51 -3.24 -9.27
CA ILE E 184 29.06 -1.90 -8.83
C ILE E 184 27.60 -1.62 -9.25
N GLY E 185 27.28 -1.80 -10.53
CA GLY E 185 25.94 -1.47 -11.00
C GLY E 185 25.81 -1.76 -12.48
N GLY E 186 24.61 -1.52 -13.02
CA GLY E 186 24.51 -1.48 -14.49
C GLY E 186 23.71 -2.59 -15.10
N THR E 187 23.35 -2.41 -16.37
CA THR E 187 22.74 -3.48 -17.13
C THR E 187 23.62 -3.71 -18.34
N TYR E 188 23.31 -2.99 -19.45
CA TYR E 188 24.14 -3.05 -20.67
C TYR E 188 25.30 -2.05 -20.59
N ALA E 189 26.28 -2.18 -21.49
CA ALA E 189 27.42 -1.24 -21.52
C ALA E 189 28.05 -1.30 -22.89
N LYS E 190 28.99 -0.37 -23.15
CA LYS E 190 29.82 -0.47 -24.35
C LYS E 190 31.27 -0.44 -23.87
N PRO E 191 31.89 -1.61 -23.59
CA PRO E 191 33.30 -1.69 -23.16
C PRO E 191 34.23 -1.35 -24.32
N VAL E 192 35.42 -0.86 -24.02
CA VAL E 192 36.38 -0.48 -25.03
C VAL E 192 37.39 -1.65 -25.11
N ILE E 193 37.61 -2.16 -26.31
CA ILE E 193 38.57 -3.24 -26.52
C ILE E 193 39.96 -2.70 -26.18
N LEU E 194 40.78 -3.53 -25.52
CA LEU E 194 42.14 -3.18 -25.17
C LEU E 194 43.14 -3.71 -26.17
N PRO E 195 43.69 -2.85 -27.05
CA PRO E 195 44.71 -3.19 -28.03
C PRO E 195 45.88 -3.96 -27.34
N PRO E 196 46.41 -5.05 -27.96
CA PRO E 196 46.09 -5.60 -29.24
C PRO E 196 45.02 -6.73 -29.22
N GLU E 197 44.19 -6.79 -28.19
CA GLU E 197 43.16 -7.82 -28.12
C GLU E 197 42.03 -7.39 -29.08
N VAL E 198 41.11 -8.32 -29.35
CA VAL E 198 40.11 -8.09 -30.38
C VAL E 198 38.68 -8.15 -29.84
N ALA E 199 38.51 -8.43 -28.54
CA ALA E 199 37.19 -8.46 -27.92
C ALA E 199 37.24 -8.22 -26.40
N ILE E 200 36.11 -7.80 -25.84
CA ILE E 200 35.95 -7.65 -24.39
C ILE E 200 34.45 -7.85 -24.04
N GLY E 201 34.14 -8.39 -22.88
CA GLY E 201 32.77 -8.49 -22.41
C GLY E 201 32.58 -7.73 -21.13
N ALA E 202 31.50 -6.93 -21.05
CA ALA E 202 31.09 -6.32 -19.82
C ALA E 202 29.88 -7.07 -19.24
N LEU E 203 29.96 -7.32 -17.94
CA LEU E 203 28.89 -8.06 -17.26
C LEU E 203 28.12 -7.11 -16.36
N GLY E 204 26.80 -7.19 -16.45
CA GLY E 204 25.97 -6.29 -15.72
C GLY E 204 25.60 -6.86 -14.36
N THR E 205 24.73 -6.15 -13.62
CA THR E 205 24.30 -6.63 -12.31
C THR E 205 23.28 -7.75 -12.45
N ILE E 206 23.51 -8.88 -11.77
CA ILE E 206 22.49 -9.92 -11.62
C ILE E 206 21.28 -9.44 -10.79
N LYS E 207 20.09 -9.56 -11.36
CA LYS E 207 18.88 -8.93 -10.83
C LYS E 207 17.73 -9.92 -10.99
N ALA E 208 16.86 -9.96 -9.99
CA ALA E 208 15.69 -10.84 -10.05
C ALA E 208 14.59 -10.18 -10.86
N LEU E 209 14.25 -10.82 -11.98
CA LEU E 209 13.22 -10.31 -12.87
C LEU E 209 12.13 -11.36 -13.08
N PRO E 210 10.87 -10.93 -13.24
CA PRO E 210 9.82 -11.88 -13.61
C PRO E 210 10.02 -12.42 -15.04
N ARG E 211 9.96 -13.73 -15.21
CA ARG E 211 10.13 -14.37 -16.54
C ARG E 211 9.24 -15.61 -16.58
N PHE E 212 8.84 -16.05 -17.79
CA PHE E 212 8.10 -17.28 -17.96
C PHE E 212 8.98 -18.54 -17.93
N ASN E 213 8.51 -19.57 -17.22
CA ASN E 213 9.05 -20.92 -17.41
C ASN E 213 8.48 -21.62 -18.65
N GLU E 214 8.87 -22.88 -18.86
CA GLU E 214 8.41 -23.67 -20.02
C GLU E 214 6.90 -23.93 -19.99
N LYS E 215 6.34 -23.94 -18.78
CA LYS E 215 4.90 -24.05 -18.51
C LYS E 215 4.11 -22.75 -18.74
N GLY E 216 4.82 -21.65 -18.96
CA GLY E 216 4.18 -20.33 -19.06
C GLY E 216 3.70 -19.71 -17.75
N GLU E 217 4.34 -20.08 -16.65
CA GLU E 217 4.13 -19.43 -15.35
C GLU E 217 5.20 -18.32 -15.15
N VAL E 218 4.79 -17.24 -14.49
CA VAL E 218 5.69 -16.14 -14.11
C VAL E 218 6.56 -16.56 -12.92
N CYS E 219 7.88 -16.50 -13.11
CA CYS E 219 8.83 -17.01 -12.13
CA CYS E 219 8.77 -16.97 -12.08
C CYS E 219 9.90 -15.98 -11.78
N LYS E 220 10.54 -16.15 -10.63
CA LYS E 220 11.68 -15.33 -10.28
C LYS E 220 12.80 -15.88 -11.09
N ALA E 221 13.35 -15.06 -12.00
CA ALA E 221 14.55 -15.46 -12.72
C ALA E 221 15.74 -14.55 -12.35
N GLN E 222 16.93 -15.11 -12.17
CA GLN E 222 18.09 -14.26 -11.87
C GLN E 222 18.76 -13.95 -13.19
N ILE E 223 18.59 -12.72 -13.68
CA ILE E 223 18.99 -12.35 -15.04
C ILE E 223 20.22 -11.45 -14.98
N MET E 224 21.21 -11.76 -15.81
CA MET E 224 22.37 -10.89 -15.98
C MET E 224 22.49 -10.41 -17.44
N ASN E 225 22.83 -9.14 -17.66
CA ASN E 225 23.08 -8.71 -19.03
C ASN E 225 24.56 -8.87 -19.38
N VAL E 226 24.84 -9.20 -20.64
CA VAL E 226 26.22 -9.25 -21.13
C VAL E 226 26.34 -8.36 -22.38
N SER E 227 27.45 -7.59 -22.45
CA SER E 227 27.72 -6.70 -23.59
C SER E 227 29.09 -7.01 -24.14
N TRP E 228 29.16 -7.47 -25.39
CA TRP E 228 30.43 -7.84 -26.00
C TRP E 228 30.86 -6.69 -26.97
N SER E 229 32.13 -6.32 -26.98
CA SER E 229 32.63 -5.47 -28.09
C SER E 229 33.66 -6.28 -28.86
N ALA E 230 33.64 -6.20 -30.20
CA ALA E 230 34.62 -6.95 -30.97
C ALA E 230 35.15 -6.11 -32.14
N ASP E 231 36.42 -6.35 -32.48
CA ASP E 231 37.05 -5.71 -33.61
C ASP E 231 36.39 -6.23 -34.90
N HIS E 232 35.47 -5.49 -35.47
CA HIS E 232 34.76 -5.96 -36.67
C HIS E 232 35.59 -5.99 -37.98
N ARG E 233 36.88 -5.67 -37.93
CA ARG E 233 37.74 -5.78 -39.13
C ARG E 233 37.97 -7.22 -39.45
N ILE E 234 38.09 -8.03 -38.38
CA ILE E 234 38.33 -9.46 -38.44
C ILE E 234 37.34 -10.37 -37.72
N ILE E 235 36.50 -9.79 -36.86
CA ILE E 235 35.44 -10.58 -36.20
C ILE E 235 34.08 -10.19 -36.72
N ASP E 236 33.35 -11.17 -37.26
CA ASP E 236 32.03 -10.92 -37.80
C ASP E 236 30.93 -11.14 -36.74
N GLY E 237 29.72 -10.69 -36.98
CA GLY E 237 28.62 -10.77 -35.99
C GLY E 237 28.25 -12.20 -35.63
N ALA E 238 28.24 -13.11 -36.60
CA ALA E 238 27.96 -14.53 -36.33
C ALA E 238 28.95 -15.19 -35.38
N THR E 239 30.24 -14.95 -35.56
CA THR E 239 31.21 -15.39 -34.62
C THR E 239 30.96 -14.88 -33.18
N VAL E 240 30.75 -13.58 -33.00
CA VAL E 240 30.55 -13.07 -31.65
C VAL E 240 29.29 -13.64 -31.02
N SER E 241 28.24 -13.72 -31.83
CA SER E 241 26.92 -14.19 -31.41
C SER E 241 26.92 -15.69 -31.04
N ARG E 242 27.52 -16.50 -31.91
CA ARG E 242 27.70 -17.91 -31.62
C ARG E 242 28.57 -18.16 -30.40
N PHE E 243 29.68 -17.43 -30.28
CA PHE E 243 30.52 -17.54 -29.08
C PHE E 243 29.71 -17.17 -27.82
N SER E 244 28.95 -16.11 -27.93
CA SER E 244 28.18 -15.64 -26.78
C SER E 244 27.13 -16.66 -26.38
N ASN E 245 26.47 -17.28 -27.37
CA ASN E 245 25.47 -18.31 -27.15
C ASN E 245 26.11 -19.54 -26.49
N LEU E 246 27.34 -19.89 -26.87
CA LEU E 246 28.08 -21.00 -26.24
C LEU E 246 28.39 -20.69 -24.76
N TRP E 247 29.02 -19.55 -24.52
CA TRP E 247 29.32 -19.05 -23.18
C TRP E 247 28.06 -19.12 -22.31
N LYS E 248 26.95 -18.58 -22.82
CA LYS E 248 25.70 -18.46 -22.10
C LYS E 248 25.05 -19.82 -21.82
N SER E 249 25.15 -20.75 -22.79
CA SER E 249 24.64 -22.11 -22.57
C SER E 249 25.35 -22.81 -21.40
N TYR E 250 26.65 -22.57 -21.26
CA TYR E 250 27.47 -23.19 -20.18
C TYR E 250 27.11 -22.64 -18.81
N LEU E 251 26.64 -21.39 -18.80
CA LEU E 251 26.24 -20.71 -17.58
C LEU E 251 24.80 -20.95 -17.21
N GLU E 252 23.97 -21.11 -18.24
CA GLU E 252 22.53 -21.42 -18.04
C GLU E 252 22.34 -22.88 -17.72
N ASN E 253 23.28 -23.70 -18.18
CA ASN E 253 23.19 -25.13 -17.99
C ASN E 253 24.57 -25.60 -17.59
N PRO E 254 24.99 -25.35 -16.33
CA PRO E 254 26.36 -25.65 -15.90
C PRO E 254 26.82 -27.09 -16.04
N ALA E 255 25.86 -28.01 -16.16
CA ALA E 255 26.09 -29.42 -16.38
C ALA E 255 26.87 -29.57 -17.66
N PHE E 256 26.61 -28.64 -18.61
CA PHE E 256 27.32 -28.65 -19.88
C PHE E 256 28.83 -28.53 -19.69
N MET E 257 29.31 -27.83 -18.65
CA MET E 257 30.76 -27.73 -18.33
C MET E 257 31.35 -29.02 -17.73
N LEU E 258 30.58 -29.71 -16.89
CA LEU E 258 30.99 -30.93 -16.27
C LEU E 258 31.39 -32.01 -17.28
N LEU E 259 30.72 -32.00 -18.43
CA LEU E 259 30.80 -33.11 -19.39
C LEU E 259 32.21 -33.27 -19.90
N ASP E 260 32.86 -32.16 -20.21
CA ASP E 260 34.20 -32.15 -20.81
C ASP E 260 35.39 -31.72 -19.94
N LEU E 261 35.18 -31.43 -18.67
CA LEU E 261 36.32 -31.12 -17.78
C LEU E 261 36.95 -32.39 -17.24
N LYS E 262 38.24 -32.31 -16.93
CA LYS E 262 39.08 -33.44 -16.56
C LYS E 262 39.71 -33.34 -15.15
N GLY F 29 11.92 9.90 -57.18
CA GLY F 29 12.05 8.84 -58.22
C GLY F 29 13.41 8.85 -58.88
N LYS F 30 14.24 9.83 -58.49
CA LYS F 30 15.60 10.02 -59.01
C LYS F 30 16.44 10.61 -57.86
N ASP F 31 17.75 10.32 -57.85
CA ASP F 31 18.58 10.79 -56.72
C ASP F 31 18.76 12.30 -56.83
N ARG F 32 18.68 13.00 -55.70
CA ARG F 32 19.00 14.42 -55.69
C ARG F 32 20.20 14.69 -54.77
N THR F 33 21.30 15.15 -55.38
CA THR F 33 22.48 15.60 -54.63
C THR F 33 22.43 17.10 -54.32
N GLU F 34 22.77 17.45 -53.08
CA GLU F 34 22.85 18.86 -52.71
C GLU F 34 23.83 19.10 -51.57
N PRO F 35 24.63 20.19 -51.64
CA PRO F 35 25.41 20.68 -50.50
C PRO F 35 24.68 20.61 -49.15
N VAL F 36 25.39 20.14 -48.14
CA VAL F 36 24.85 20.16 -46.81
C VAL F 36 24.71 21.64 -46.39
N LYS F 37 23.49 21.92 -45.91
CA LYS F 37 23.01 23.27 -45.59
C LYS F 37 23.90 24.04 -44.62
N GLY F 38 23.76 25.36 -44.61
CA GLY F 38 24.49 26.28 -43.72
C GLY F 38 24.47 25.94 -42.24
N PHE F 39 23.32 25.98 -41.60
CA PHE F 39 23.35 25.72 -40.18
C PHE F 39 23.37 24.25 -39.77
N HIS F 40 23.42 23.36 -40.77
CA HIS F 40 23.70 21.96 -40.52
C HIS F 40 25.19 21.69 -40.47
N LYS F 41 26.00 22.68 -40.83
CA LYS F 41 27.45 22.52 -40.81
C LYS F 41 27.96 22.39 -39.39
N ALA F 42 27.30 23.04 -38.45
CA ALA F 42 27.72 22.99 -37.06
C ALA F 42 27.67 21.57 -36.47
N MET F 43 26.64 20.81 -36.80
CA MET F 43 26.56 19.42 -36.27
C MET F 43 27.60 18.51 -36.97
N VAL F 44 27.91 18.81 -38.23
CA VAL F 44 28.97 18.07 -38.92
C VAL F 44 30.23 18.31 -38.08
N LYS F 45 30.52 19.57 -37.78
CA LYS F 45 31.74 19.91 -37.07
C LYS F 45 31.83 19.33 -35.63
N THR F 46 30.80 19.55 -34.82
CA THR F 46 30.72 18.99 -33.48
C THR F 46 30.89 17.49 -33.43
N MET F 47 30.15 16.78 -34.28
CA MET F 47 30.16 15.33 -34.26
C MET F 47 31.49 14.79 -34.80
N SER F 48 32.05 15.38 -35.85
CA SER F 48 33.37 14.94 -36.28
C SER F 48 34.43 15.10 -35.16
N ALA F 49 34.33 16.16 -34.35
CA ALA F 49 35.31 16.45 -33.31
C ALA F 49 35.18 15.36 -32.21
N ALA F 50 33.98 14.81 -32.05
CA ALA F 50 33.74 13.74 -31.06
C ALA F 50 34.42 12.37 -31.39
N LEU F 51 34.82 12.17 -32.64
CA LEU F 51 35.58 10.97 -33.04
C LEU F 51 36.96 10.83 -32.34
N LYS F 52 37.47 11.93 -31.82
CA LYS F 52 38.75 11.93 -31.12
C LYS F 52 38.59 11.46 -29.67
N ILE F 53 37.34 11.30 -29.20
CA ILE F 53 37.03 10.88 -27.82
C ILE F 53 36.74 9.37 -27.82
N PRO F 54 37.54 8.57 -27.10
CA PRO F 54 37.19 7.15 -26.90
C PRO F 54 36.02 7.04 -25.94
N HIS F 55 34.83 6.77 -26.50
CA HIS F 55 33.58 6.67 -25.74
C HIS F 55 33.47 5.34 -24.99
N PHE F 56 33.22 5.38 -23.69
CA PHE F 56 32.81 4.20 -22.90
C PHE F 56 31.31 4.35 -22.78
N GLY F 57 30.53 3.28 -22.93
CA GLY F 57 29.13 3.32 -22.55
C GLY F 57 28.80 2.51 -21.32
N TYR F 58 27.94 3.05 -20.47
CA TYR F 58 27.46 2.33 -19.28
C TYR F 58 25.97 2.66 -19.08
N CYS F 59 25.14 1.62 -19.00
CA CYS F 59 23.69 1.81 -18.97
C CYS F 59 23.07 1.21 -17.73
N ASP F 60 21.86 1.66 -17.41
CA ASP F 60 21.16 1.09 -16.26
C ASP F 60 19.66 1.27 -16.42
N GLU F 61 18.89 0.62 -15.57
CA GLU F 61 17.46 0.93 -15.46
C GLU F 61 17.20 1.62 -14.13
N VAL F 62 16.27 2.54 -14.10
CA VAL F 62 15.93 3.27 -12.88
C VAL F 62 14.41 3.12 -12.60
N ASP F 63 14.08 2.82 -11.33
CA ASP F 63 12.70 2.64 -10.92
C ASP F 63 12.21 4.00 -10.49
N LEU F 64 11.44 4.64 -11.36
CA LEU F 64 10.90 5.98 -11.08
C LEU F 64 9.46 5.94 -10.55
N THR F 65 9.03 4.80 -10.00
CA THR F 65 7.65 4.67 -9.51
C THR F 65 7.36 5.79 -8.52
N GLU F 66 8.27 5.97 -7.55
CA GLU F 66 8.16 7.03 -6.54
C GLU F 66 8.16 8.44 -7.17
N LEU F 67 9.13 8.73 -8.06
CA LEU F 67 9.24 10.06 -8.72
C LEU F 67 8.00 10.45 -9.49
N VAL F 68 7.47 9.50 -10.27
CA VAL F 68 6.20 9.66 -11.00
C VAL F 68 5.13 10.10 -10.02
N LYS F 69 5.07 9.43 -8.87
CA LYS F 69 4.06 9.79 -7.86
C LYS F 69 4.36 11.19 -7.35
N LEU F 70 5.61 11.44 -6.99
CA LEU F 70 6.03 12.74 -6.46
C LEU F 70 5.73 13.90 -7.42
N ARG F 71 6.01 13.71 -8.71
CA ARG F 71 5.69 14.69 -9.76
C ARG F 71 4.20 14.93 -9.91
N GLU F 72 3.38 13.87 -9.84
CA GLU F 72 1.92 14.08 -9.83
C GLU F 72 1.43 15.02 -8.72
N GLU F 73 2.01 14.86 -7.54
CA GLU F 73 1.56 15.66 -6.42
C GLU F 73 2.24 17.04 -6.40
N LEU F 74 3.37 17.20 -7.08
CA LEU F 74 3.97 18.54 -7.26
C LEU F 74 3.42 19.37 -8.44
N LYS F 75 2.93 18.69 -9.49
CA LYS F 75 2.34 19.38 -10.68
C LYS F 75 1.32 20.55 -10.44
N PRO F 76 0.30 20.35 -9.58
CA PRO F 76 -0.64 21.45 -9.22
C PRO F 76 -0.04 22.74 -8.61
N ILE F 77 1.08 22.62 -7.89
CA ILE F 77 1.76 23.75 -7.25
C ILE F 77 2.52 24.45 -8.37
N ALA F 78 3.21 23.63 -9.17
CA ALA F 78 3.82 24.08 -10.39
C ALA F 78 2.82 24.80 -11.31
N PHE F 79 1.68 24.16 -11.60
CA PHE F 79 0.68 24.84 -12.43
C PHE F 79 0.36 26.22 -11.85
N ALA F 80 -0.22 26.26 -10.64
CA ALA F 80 -0.49 27.51 -9.91
C ALA F 80 0.56 28.63 -10.12
N ARG F 81 1.84 28.24 -10.20
CA ARG F 81 2.95 29.19 -10.30
C ARG F 81 3.38 29.56 -11.72
N GLY F 82 2.73 28.96 -12.73
CA GLY F 82 2.96 29.30 -14.13
C GLY F 82 3.94 28.40 -14.86
N ILE F 83 4.32 27.29 -14.22
CA ILE F 83 5.37 26.41 -14.74
C ILE F 83 4.90 24.96 -15.06
N LYS F 84 5.37 24.44 -16.20
CA LYS F 84 5.29 23.01 -16.53
C LYS F 84 6.48 22.29 -15.91
N LEU F 85 6.17 21.40 -14.99
CA LEU F 85 7.16 20.62 -14.27
C LEU F 85 7.16 19.23 -14.90
N SER F 86 8.24 18.94 -15.65
CA SER F 86 8.40 17.63 -16.23
C SER F 86 9.37 16.85 -15.32
N PHE F 87 9.96 15.79 -15.83
CA PHE F 87 10.90 14.98 -15.06
C PHE F 87 12.30 15.59 -15.08
N MET F 88 12.59 16.38 -16.12
CA MET F 88 13.94 16.95 -16.35
C MET F 88 14.55 17.75 -15.18
N PRO F 89 13.79 18.70 -14.54
CA PRO F 89 14.38 19.43 -13.40
C PRO F 89 14.89 18.45 -12.32
N PHE F 90 14.18 17.36 -12.10
CA PHE F 90 14.58 16.29 -11.20
C PHE F 90 15.83 15.55 -11.66
N PHE F 91 15.86 15.19 -12.94
CA PHE F 91 17.02 14.51 -13.51
C PHE F 91 18.23 15.45 -13.44
N LEU F 92 18.02 16.72 -13.73
CA LEU F 92 19.08 17.75 -13.68
C LEU F 92 19.63 17.98 -12.27
N LYS F 93 18.72 18.18 -11.29
CA LYS F 93 19.15 18.33 -9.88
C LYS F 93 19.89 17.10 -9.36
N ALA F 94 19.37 15.91 -9.60
CA ALA F 94 20.11 14.73 -9.17
C ALA F 94 21.51 14.57 -9.85
N ALA F 95 21.63 14.94 -11.13
CA ALA F 95 22.96 14.96 -11.83
C ALA F 95 23.89 15.91 -11.14
N SER F 96 23.42 17.12 -10.85
CA SER F 96 24.24 18.12 -10.15
C SER F 96 24.75 17.58 -8.79
N LEU F 97 23.87 16.98 -8.02
CA LEU F 97 24.25 16.43 -6.73
C LEU F 97 25.29 15.30 -6.93
N GLY F 98 25.10 14.47 -7.96
CA GLY F 98 26.09 13.43 -8.25
C GLY F 98 27.42 14.03 -8.72
N LEU F 99 27.34 15.12 -9.50
CA LEU F 99 28.54 15.79 -9.99
C LEU F 99 29.37 16.40 -8.89
N LEU F 100 28.75 16.89 -7.81
CA LEU F 100 29.52 17.32 -6.62
C LEU F 100 30.39 16.24 -6.00
N GLN F 101 29.91 15.00 -6.09
CA GLN F 101 30.64 13.87 -5.54
C GLN F 101 31.66 13.32 -6.55
N PHE F 102 31.34 13.47 -7.84
CA PHE F 102 32.20 13.01 -8.91
C PHE F 102 32.63 14.14 -9.90
N PRO F 103 33.42 15.14 -9.41
CA PRO F 103 33.65 16.32 -10.21
C PRO F 103 34.43 16.13 -11.52
N ILE F 104 35.11 15.02 -11.70
CA ILE F 104 35.79 14.72 -12.92
C ILE F 104 34.80 14.54 -14.11
N LEU F 105 33.52 14.34 -13.83
CA LEU F 105 32.49 14.21 -14.87
C LEU F 105 31.98 15.56 -15.38
N ASN F 106 32.29 16.63 -14.65
CA ASN F 106 32.01 18.01 -15.03
C ASN F 106 33.31 18.78 -15.28
N ALA F 107 34.10 18.33 -16.23
CA ALA F 107 35.49 18.73 -16.43
C ALA F 107 35.71 18.65 -17.93
N SER F 108 36.81 19.23 -18.37
CA SER F 108 37.24 19.12 -19.72
C SER F 108 38.69 18.70 -19.75
N VAL F 109 39.10 18.35 -20.96
CA VAL F 109 40.40 17.81 -21.25
C VAL F 109 40.96 18.60 -22.44
N ASP F 110 42.28 18.78 -22.52
CA ASP F 110 42.89 19.51 -23.66
C ASP F 110 43.21 18.61 -24.87
N GLU F 111 43.80 19.17 -25.92
CA GLU F 111 43.94 18.45 -27.20
C GLU F 111 44.65 17.09 -27.03
N ASN F 112 45.86 17.11 -26.50
CA ASN F 112 46.56 15.85 -26.35
C ASN F 112 46.19 15.09 -25.05
N CYS F 113 45.13 15.54 -24.36
CA CYS F 113 44.62 14.98 -23.11
C CYS F 113 45.72 14.88 -22.06
N GLN F 114 46.39 16.00 -21.85
CA GLN F 114 47.49 16.03 -20.89
C GLN F 114 47.12 16.82 -19.63
N ASN F 115 46.02 17.59 -19.71
CA ASN F 115 45.53 18.34 -18.56
C ASN F 115 44.02 18.31 -18.46
N ILE F 116 43.53 18.18 -17.22
CA ILE F 116 42.12 18.19 -16.89
C ILE F 116 41.79 19.50 -16.20
N THR F 117 40.75 20.17 -16.67
CA THR F 117 40.19 21.35 -16.02
C THR F 117 38.87 20.95 -15.39
N TYR F 118 38.84 20.99 -14.06
CA TYR F 118 37.64 20.73 -13.26
C TYR F 118 36.85 22.01 -13.29
N LYS F 119 35.62 21.91 -13.74
CA LYS F 119 34.78 23.09 -13.85
C LYS F 119 33.80 23.15 -12.68
N ALA F 120 33.76 24.31 -12.02
CA ALA F 120 33.01 24.49 -10.81
C ALA F 120 31.50 24.63 -11.04
N SER F 121 31.11 25.38 -12.08
CA SER F 121 29.72 25.60 -12.39
C SER F 121 29.15 24.35 -13.06
N HIS F 122 27.96 23.92 -12.63
CA HIS F 122 27.26 22.83 -13.36
C HIS F 122 26.37 23.49 -14.37
N ASN F 123 26.86 23.65 -15.61
CA ASN F 123 26.08 24.26 -16.68
C ASN F 123 25.62 23.13 -17.56
N ILE F 124 24.40 22.69 -17.30
CA ILE F 124 24.05 21.36 -17.78
C ILE F 124 23.23 21.55 -19.01
N GLY F 125 23.68 20.93 -20.08
CA GLY F 125 23.07 21.14 -21.40
C GLY F 125 21.91 20.21 -21.59
N ILE F 126 20.95 20.70 -22.35
CA ILE F 126 19.75 19.95 -22.72
C ILE F 126 19.79 19.84 -24.22
N ALA F 127 20.15 18.65 -24.72
CA ALA F 127 20.17 18.41 -26.16
C ALA F 127 18.77 18.43 -26.70
N MET F 128 18.49 19.39 -27.59
CA MET F 128 17.21 19.48 -28.34
C MET F 128 17.53 19.44 -29.86
N ASP F 129 16.50 19.24 -30.68
CA ASP F 129 16.62 19.28 -32.12
C ASP F 129 15.58 20.26 -32.58
N THR F 130 16.01 21.19 -33.39
CA THR F 130 15.03 22.07 -33.99
C THR F 130 15.01 21.77 -35.48
N GLU F 131 14.34 22.62 -36.22
CA GLU F 131 14.20 22.35 -37.62
C GLU F 131 15.57 22.57 -38.27
N GLN F 132 16.49 23.24 -37.56
CA GLN F 132 17.90 23.29 -38.00
C GLN F 132 18.86 22.35 -37.25
N GLY F 133 18.29 21.31 -36.65
CA GLY F 133 19.09 20.22 -36.09
C GLY F 133 19.47 20.45 -34.67
N LEU F 134 20.70 20.09 -34.34
CA LEU F 134 21.11 19.95 -32.96
C LEU F 134 21.37 21.32 -32.33
N ILE F 135 20.68 21.60 -31.23
CA ILE F 135 20.95 22.78 -30.44
C ILE F 135 21.00 22.36 -28.94
N VAL F 136 22.02 22.81 -28.21
CA VAL F 136 22.21 22.41 -26.85
C VAL F 136 22.36 23.62 -25.95
N PRO F 137 21.23 24.25 -25.54
CA PRO F 137 21.40 25.31 -24.54
C PRO F 137 21.65 24.71 -23.15
N ASN F 138 22.14 25.50 -22.19
CA ASN F 138 22.42 24.94 -20.86
C ASN F 138 21.78 25.77 -19.73
N VAL F 139 21.42 25.09 -18.65
CA VAL F 139 20.99 25.75 -17.43
C VAL F 139 22.25 26.06 -16.62
N LYS F 140 22.49 27.32 -16.35
CA LYS F 140 23.66 27.74 -15.59
C LYS F 140 23.65 27.32 -14.11
N ASN F 141 24.81 26.91 -13.60
CA ASN F 141 24.95 26.80 -12.14
C ASN F 141 23.76 26.06 -11.53
N VAL F 142 23.49 24.88 -12.06
CA VAL F 142 22.47 23.98 -11.49
C VAL F 142 22.69 23.74 -10.00
N GLN F 143 23.95 23.78 -9.52
CA GLN F 143 24.27 23.46 -8.13
C GLN F 143 23.63 24.43 -7.14
N ILE F 144 23.27 25.62 -7.60
CA ILE F 144 22.70 26.63 -6.72
C ILE F 144 21.22 26.92 -7.00
N ARG F 145 20.56 26.04 -7.74
CA ARG F 145 19.18 26.25 -8.16
C ARG F 145 18.27 25.16 -7.62
N SER F 146 17.06 25.56 -7.20
CA SER F 146 16.03 24.61 -6.85
C SER F 146 15.43 23.96 -8.09
N ILE F 147 14.78 22.81 -7.88
CA ILE F 147 14.08 22.05 -8.92
C ILE F 147 13.11 22.97 -9.62
N PHE F 148 12.48 23.83 -8.85
CA PHE F 148 11.55 24.79 -9.39
C PHE F 148 12.23 25.90 -10.23
N GLU F 149 13.41 26.36 -9.81
CA GLU F 149 14.21 27.25 -10.65
C GLU F 149 14.68 26.57 -11.94
N ILE F 150 15.16 25.33 -11.83
CA ILE F 150 15.58 24.59 -13.01
C ILE F 150 14.40 24.48 -14.00
N ALA F 151 13.23 24.09 -13.48
CA ALA F 151 12.00 23.99 -14.27
C ALA F 151 11.68 25.29 -14.98
N THR F 152 11.71 26.37 -14.21
CA THR F 152 11.49 27.71 -14.77
C THR F 152 12.44 28.00 -15.93
N GLU F 153 13.73 27.72 -15.72
CA GLU F 153 14.75 28.02 -16.70
C GLU F 153 14.62 27.09 -17.93
N LEU F 154 14.25 25.83 -17.69
CA LEU F 154 13.97 24.85 -18.73
C LEU F 154 12.84 25.32 -19.63
N ASN F 155 11.77 25.82 -19.01
CA ASN F 155 10.62 26.36 -19.75
C ASN F 155 11.04 27.56 -20.60
N ARG F 156 11.88 28.45 -20.05
CA ARG F 156 12.36 29.62 -20.76
C ARG F 156 13.20 29.19 -21.96
N LEU F 157 14.09 28.22 -21.76
CA LEU F 157 14.95 27.75 -22.85
C LEU F 157 14.19 26.98 -23.98
N GLN F 158 13.21 26.12 -23.62
CA GLN F 158 12.32 25.46 -24.60
C GLN F 158 11.61 26.49 -25.49
N LYS F 159 10.99 27.49 -24.88
CA LYS F 159 10.34 28.54 -25.64
C LYS F 159 11.30 29.27 -26.56
N LEU F 160 12.47 29.64 -26.07
CA LEU F 160 13.47 30.30 -26.91
C LEU F 160 13.97 29.41 -28.04
N GLY F 161 14.34 28.16 -27.70
CA GLY F 161 14.86 27.19 -28.65
C GLY F 161 13.95 27.03 -29.86
N SER F 162 12.65 26.93 -29.60
CA SER F 162 11.68 26.63 -30.61
C SER F 162 11.34 27.85 -31.50
N ALA F 163 11.66 29.07 -31.03
CA ALA F 163 11.53 30.32 -31.78
C ALA F 163 12.83 30.81 -32.48
N GLY F 164 13.93 30.09 -32.32
CA GLY F 164 15.21 30.45 -32.92
C GLY F 164 15.91 31.60 -32.22
N GLN F 165 15.57 31.79 -30.94
CA GLN F 165 16.02 32.98 -30.20
C GLN F 165 16.88 32.73 -28.98
N LEU F 166 17.64 31.65 -28.94
CA LEU F 166 18.55 31.40 -27.83
C LEU F 166 19.78 32.30 -27.99
N SER F 167 20.21 32.99 -26.92
CA SER F 167 21.35 33.91 -27.02
C SER F 167 22.64 33.09 -27.04
N THR F 168 23.76 33.74 -27.35
CA THR F 168 25.09 33.12 -27.23
C THR F 168 25.27 32.54 -25.87
N ASN F 169 25.03 33.37 -24.85
CA ASN F 169 25.19 32.98 -23.44
C ASN F 169 24.41 31.70 -23.08
N ASP F 170 23.18 31.54 -23.57
CA ASP F 170 22.34 30.35 -23.29
C ASP F 170 23.01 29.09 -23.82
N LEU F 171 23.83 29.27 -24.86
CA LEU F 171 24.41 28.20 -25.64
C LEU F 171 25.85 27.90 -25.24
N ILE F 172 26.59 28.89 -24.77
CA ILE F 172 28.01 28.63 -24.44
C ILE F 172 28.18 28.10 -23.00
N GLY F 173 29.36 27.54 -22.72
CA GLY F 173 29.77 27.26 -21.34
C GLY F 173 29.21 25.96 -20.74
N GLY F 174 28.56 25.13 -21.54
CA GLY F 174 28.08 23.79 -21.12
C GLY F 174 29.17 22.96 -20.49
N THR F 175 28.83 22.20 -19.42
CA THR F 175 29.84 21.38 -18.74
C THR F 175 29.48 19.92 -18.72
N PHE F 176 28.22 19.63 -19.00
CA PHE F 176 27.70 18.26 -18.92
C PHE F 176 26.43 18.32 -19.71
N THR F 177 25.96 17.23 -20.28
CA THR F 177 24.76 17.24 -21.08
C THR F 177 23.83 16.10 -20.74
N LEU F 178 22.52 16.40 -20.74
CA LEU F 178 21.48 15.36 -20.79
C LEU F 178 20.67 15.42 -22.10
N SER F 179 20.31 14.25 -22.63
CA SER F 179 19.47 14.16 -23.85
C SER F 179 18.27 13.31 -23.50
N ASN F 180 17.09 13.91 -23.54
CA ASN F 180 15.87 13.21 -23.16
C ASN F 180 15.18 12.65 -24.42
N ILE F 181 15.82 11.64 -25.01
CA ILE F 181 15.32 10.99 -26.22
C ILE F 181 13.89 10.43 -25.93
N GLY F 182 13.70 9.98 -24.69
CA GLY F 182 12.46 9.46 -24.21
C GLY F 182 11.27 10.38 -24.31
N SER F 183 11.49 11.68 -24.50
CA SER F 183 10.37 12.55 -24.86
C SER F 183 9.81 12.10 -26.21
N ILE F 184 10.57 11.37 -27.01
CA ILE F 184 10.00 10.83 -28.28
C ILE F 184 9.85 9.32 -28.19
N GLY F 185 10.91 8.62 -27.79
CA GLY F 185 10.79 7.15 -27.68
C GLY F 185 12.11 6.58 -27.20
N GLY F 186 12.20 5.26 -27.20
CA GLY F 186 13.48 4.64 -26.95
C GLY F 186 13.60 3.99 -25.58
N THR F 187 14.58 3.09 -25.48
CA THR F 187 15.07 2.56 -24.24
C THR F 187 16.53 3.01 -24.03
N TYR F 188 17.47 2.18 -24.44
CA TYR F 188 18.88 2.50 -24.37
C TYR F 188 19.30 3.31 -25.61
N ALA F 189 20.50 3.88 -25.53
CA ALA F 189 21.01 4.66 -26.63
C ALA F 189 22.52 4.68 -26.49
N LYS F 190 23.19 5.27 -27.50
CA LYS F 190 24.59 5.56 -27.35
C LYS F 190 24.74 7.03 -27.73
N PRO F 191 24.62 7.93 -26.75
CA PRO F 191 24.79 9.36 -27.04
C PRO F 191 26.28 9.73 -27.35
N VAL F 192 26.47 10.82 -28.10
CA VAL F 192 27.75 11.27 -28.52
C VAL F 192 28.20 12.44 -27.57
N ILE F 193 29.36 12.30 -26.93
CA ILE F 193 29.90 13.37 -26.08
C ILE F 193 30.20 14.63 -26.93
N LEU F 194 29.90 15.80 -26.36
CA LEU F 194 30.07 17.07 -27.02
C LEU F 194 31.34 17.71 -26.53
N PRO F 195 32.39 17.67 -27.34
CA PRO F 195 33.65 18.31 -26.95
C PRO F 195 33.37 19.78 -26.58
N PRO F 196 34.05 20.35 -25.54
CA PRO F 196 35.10 19.79 -24.67
C PRO F 196 34.60 19.04 -23.41
N GLU F 197 33.31 18.71 -23.35
CA GLU F 197 32.76 17.90 -22.25
C GLU F 197 33.30 16.47 -22.31
N VAL F 198 33.16 15.76 -21.21
CA VAL F 198 33.72 14.39 -21.03
C VAL F 198 32.61 13.36 -20.77
N ALA F 199 31.37 13.82 -20.57
CA ALA F 199 30.29 12.89 -20.40
C ALA F 199 28.89 13.41 -20.90
N ILE F 200 27.97 12.45 -21.20
CA ILE F 200 26.56 12.76 -21.59
C ILE F 200 25.63 11.60 -21.16
N GLY F 201 24.38 11.86 -20.82
CA GLY F 201 23.40 10.81 -20.50
C GLY F 201 22.19 10.95 -21.37
N ALA F 202 21.69 9.82 -21.87
CA ALA F 202 20.51 9.81 -22.69
C ALA F 202 19.45 9.09 -21.85
N LEU F 203 18.30 9.74 -21.67
CA LEU F 203 17.20 9.18 -20.87
C LEU F 203 16.18 8.57 -21.78
N GLY F 204 15.72 7.38 -21.48
CA GLY F 204 14.76 6.73 -22.38
C GLY F 204 13.35 6.95 -21.90
N THR F 205 12.39 6.23 -22.51
CA THR F 205 10.94 6.34 -22.19
C THR F 205 10.68 5.70 -20.85
N ILE F 206 9.93 6.42 -20.03
CA ILE F 206 9.39 5.85 -18.78
C ILE F 206 8.21 4.92 -19.10
N LYS F 207 8.28 3.68 -18.64
CA LYS F 207 7.31 2.68 -19.06
C LYS F 207 6.97 1.77 -17.87
N ALA F 208 5.74 1.30 -17.77
CA ALA F 208 5.37 0.42 -16.68
C ALA F 208 5.67 -1.01 -17.08
N LEU F 209 6.45 -1.68 -16.24
CA LEU F 209 6.97 -3.05 -16.46
C LEU F 209 6.69 -3.89 -15.23
N PRO F 210 6.39 -5.21 -15.38
CA PRO F 210 6.29 -6.01 -14.14
C PRO F 210 7.65 -6.16 -13.46
N ARG F 211 7.70 -5.88 -12.16
CA ARG F 211 8.93 -6.01 -11.38
C ARG F 211 8.60 -6.54 -10.01
N PHE F 212 9.56 -7.21 -9.36
CA PHE F 212 9.37 -7.73 -8.02
C PHE F 212 9.51 -6.63 -6.99
N ASN F 213 8.60 -6.61 -6.02
CA ASN F 213 8.80 -5.77 -4.81
C ASN F 213 9.62 -6.52 -3.76
N GLU F 214 9.81 -5.87 -2.60
CA GLU F 214 10.53 -6.42 -1.43
C GLU F 214 9.95 -7.79 -1.04
N LYS F 215 8.62 -7.87 -0.91
CA LYS F 215 7.94 -9.12 -0.55
C LYS F 215 7.98 -10.23 -1.62
N GLY F 216 8.54 -9.93 -2.79
CA GLY F 216 8.61 -10.88 -3.90
C GLY F 216 7.33 -11.02 -4.72
N GLU F 217 6.53 -9.95 -4.74
CA GLU F 217 5.28 -9.92 -5.47
C GLU F 217 5.51 -9.20 -6.80
N VAL F 218 4.74 -9.54 -7.82
CA VAL F 218 4.83 -8.83 -9.09
C VAL F 218 4.08 -7.52 -8.94
N CYS F 219 4.76 -6.41 -9.23
CA CYS F 219 4.16 -5.08 -9.12
CA CYS F 219 4.12 -5.10 -9.14
C CYS F 219 4.29 -4.30 -10.43
N LYS F 220 3.65 -3.13 -10.49
CA LYS F 220 3.70 -2.28 -11.66
C LYS F 220 4.74 -1.27 -11.26
N ALA F 221 5.86 -1.24 -11.98
CA ALA F 221 6.94 -0.26 -11.72
C ALA F 221 7.16 0.64 -12.94
N GLN F 222 7.24 1.95 -12.73
CA GLN F 222 7.61 2.90 -13.81
C GLN F 222 9.11 2.88 -14.01
N ILE F 223 9.54 2.25 -15.09
CA ILE F 223 10.95 2.00 -15.32
C ILE F 223 11.48 2.90 -16.42
N MET F 224 12.66 3.46 -16.20
CA MET F 224 13.30 4.28 -17.19
C MET F 224 14.72 3.80 -17.34
N ASN F 225 15.16 3.67 -18.58
CA ASN F 225 16.55 3.39 -18.87
C ASN F 225 17.36 4.64 -19.00
N VAL F 226 18.63 4.52 -18.62
CA VAL F 226 19.61 5.59 -18.74
C VAL F 226 20.91 5.01 -19.39
N SER F 227 21.47 5.76 -20.33
CA SER F 227 22.69 5.39 -21.06
C SER F 227 23.66 6.55 -20.93
N TRP F 228 24.79 6.31 -20.28
CA TRP F 228 25.86 7.31 -20.15
C TRP F 228 27.00 7.00 -21.12
N SER F 229 27.59 8.02 -21.71
CA SER F 229 28.84 7.82 -22.49
C SER F 229 29.83 8.71 -21.79
N ALA F 230 31.08 8.28 -21.67
CA ALA F 230 32.07 9.03 -20.95
C ALA F 230 33.38 8.90 -21.69
N ASP F 231 34.23 9.90 -21.54
CA ASP F 231 35.53 9.92 -22.19
C ASP F 231 36.46 8.97 -21.43
N HIS F 232 36.82 7.85 -22.03
CA HIS F 232 37.50 6.82 -21.29
C HIS F 232 39.01 7.11 -21.15
N ARG F 233 39.51 8.13 -21.82
CA ARG F 233 40.91 8.51 -21.62
C ARG F 233 41.12 8.95 -20.15
N ILE F 234 40.09 9.58 -19.56
CA ILE F 234 40.18 10.07 -18.19
C ILE F 234 39.11 9.64 -17.21
N ILE F 235 38.01 9.08 -17.71
CA ILE F 235 36.90 8.56 -16.89
C ILE F 235 36.87 7.03 -16.94
N ASP F 236 36.94 6.40 -15.78
CA ASP F 236 36.91 4.96 -15.75
C ASP F 236 35.50 4.49 -15.40
N GLY F 237 35.23 3.21 -15.64
CA GLY F 237 33.85 2.69 -15.50
C GLY F 237 33.25 2.72 -14.10
N ALA F 238 34.10 2.66 -13.10
CA ALA F 238 33.68 2.75 -11.67
C ALA F 238 33.11 4.09 -11.35
N THR F 239 33.82 5.16 -11.77
CA THR F 239 33.36 6.53 -11.61
C THR F 239 31.97 6.75 -12.23
N VAL F 240 31.78 6.35 -13.50
CA VAL F 240 30.47 6.44 -14.15
C VAL F 240 29.41 5.65 -13.42
N SER F 241 29.78 4.43 -13.02
CA SER F 241 28.85 3.57 -12.31
C SER F 241 28.41 4.12 -10.96
N ARG F 242 29.37 4.46 -10.12
CA ARG F 242 29.09 5.10 -8.84
C ARG F 242 28.28 6.39 -9.02
N PHE F 243 28.69 7.23 -9.98
CA PHE F 243 27.92 8.43 -10.29
C PHE F 243 26.49 8.08 -10.63
N SER F 244 26.33 7.07 -11.49
CA SER F 244 25.02 6.68 -11.99
C SER F 244 24.21 6.05 -10.86
N ASN F 245 24.84 5.24 -10.00
CA ASN F 245 24.18 4.72 -8.78
C ASN F 245 23.74 5.82 -7.82
N LEU F 246 24.56 6.85 -7.65
CA LEU F 246 24.17 8.03 -6.79
C LEU F 246 22.94 8.77 -7.37
N TRP F 247 23.08 9.19 -8.61
CA TRP F 247 22.04 9.86 -9.40
C TRP F 247 20.73 9.07 -9.26
N LYS F 248 20.85 7.76 -9.53
CA LYS F 248 19.72 6.85 -9.48
C LYS F 248 19.11 6.71 -8.05
N SER F 249 19.95 6.72 -7.01
CA SER F 249 19.41 6.66 -5.64
C SER F 249 18.57 7.89 -5.33
N TYR F 250 18.98 9.06 -5.80
CA TYR F 250 18.23 10.31 -5.56
C TYR F 250 16.88 10.35 -6.23
N LEU F 251 16.76 9.66 -7.37
CA LEU F 251 15.52 9.54 -8.13
C LEU F 251 14.66 8.37 -7.69
N GLU F 252 15.27 7.26 -7.27
CA GLU F 252 14.52 6.10 -6.73
C GLU F 252 14.02 6.39 -5.34
N ASN F 253 14.82 7.14 -4.57
CA ASN F 253 14.40 7.61 -3.24
C ASN F 253 14.54 9.16 -3.14
N PRO F 254 13.57 9.91 -3.67
CA PRO F 254 13.70 11.39 -3.72
C PRO F 254 13.93 12.09 -2.36
N ALA F 255 13.75 11.34 -1.29
CA ALA F 255 13.87 11.82 0.04
C ALA F 255 15.33 11.95 0.37
N PHE F 256 16.15 11.21 -0.35
CA PHE F 256 17.59 11.36 -0.18
C PHE F 256 18.04 12.76 -0.65
N MET F 257 17.29 13.41 -1.56
CA MET F 257 17.60 14.78 -1.98
C MET F 257 17.26 15.81 -0.92
N LEU F 258 16.17 15.57 -0.21
CA LEU F 258 15.71 16.45 0.85
C LEU F 258 16.72 16.59 2.02
N LEU F 259 17.48 15.53 2.31
CA LEU F 259 18.50 15.54 3.33
C LEU F 259 19.52 16.67 3.21
N ASP F 260 20.07 16.88 2.01
CA ASP F 260 21.17 17.86 1.83
C ASP F 260 20.89 19.19 1.13
N LEU F 261 19.69 19.37 0.58
CA LEU F 261 19.32 20.66 0.01
C LEU F 261 18.99 21.75 1.06
N LYS F 262 19.18 23.02 0.71
CA LYS F 262 19.18 24.15 1.67
C LYS F 262 18.12 25.20 1.35
N GLY G 29 -71.85 11.15 -35.43
CA GLY G 29 -73.11 11.01 -34.64
C GLY G 29 -73.87 12.32 -34.56
N LYS G 30 -75.05 12.29 -33.93
CA LYS G 30 -75.79 13.51 -33.57
C LYS G 30 -76.25 13.40 -32.09
N ASP G 31 -76.51 14.56 -31.46
CA ASP G 31 -77.01 14.61 -30.08
C ASP G 31 -78.46 14.10 -30.04
N ARG G 32 -78.78 13.27 -29.04
CA ARG G 32 -80.12 12.73 -28.86
C ARG G 32 -80.70 13.16 -27.52
N THR G 33 -81.70 14.05 -27.53
CA THR G 33 -82.47 14.31 -26.31
C THR G 33 -83.56 13.25 -26.09
N GLU G 34 -83.80 12.95 -24.82
CA GLU G 34 -84.47 11.73 -24.43
C GLU G 34 -85.00 11.84 -23.01
N PRO G 35 -86.32 11.67 -22.82
CA PRO G 35 -86.93 11.74 -21.47
C PRO G 35 -86.41 10.71 -20.47
N VAL G 36 -86.25 11.14 -19.23
CA VAL G 36 -86.06 10.24 -18.10
C VAL G 36 -87.45 9.68 -17.79
N LYS G 37 -87.59 8.36 -17.83
CA LYS G 37 -88.90 7.70 -17.86
C LYS G 37 -88.96 6.46 -16.98
N GLY G 38 -90.10 6.24 -16.33
CA GLY G 38 -90.29 5.02 -15.54
C GLY G 38 -89.51 5.03 -14.23
N PHE G 39 -89.03 3.86 -13.83
CA PHE G 39 -88.37 3.70 -12.52
C PHE G 39 -87.01 4.41 -12.49
N HIS G 40 -86.67 5.07 -13.60
CA HIS G 40 -85.46 5.91 -13.71
C HIS G 40 -85.64 7.26 -13.04
N LYS G 41 -86.91 7.67 -12.88
CA LYS G 41 -87.35 8.82 -12.10
C LYS G 41 -87.15 8.62 -10.60
N ALA G 42 -87.21 7.39 -10.13
CA ALA G 42 -86.92 7.10 -8.72
C ALA G 42 -85.56 7.58 -8.26
N MET G 43 -84.55 7.43 -9.14
CA MET G 43 -83.16 7.69 -8.72
C MET G 43 -82.96 9.21 -8.67
N VAL G 44 -83.52 9.90 -9.64
CA VAL G 44 -83.54 11.36 -9.68
C VAL G 44 -84.07 11.97 -8.37
N LYS G 45 -85.31 11.62 -8.02
CA LYS G 45 -85.99 12.02 -6.76
C LYS G 45 -85.23 11.62 -5.49
N THR G 46 -84.70 10.40 -5.43
CA THR G 46 -83.91 9.99 -4.24
C THR G 46 -82.61 10.76 -4.05
N MET G 47 -81.92 11.00 -5.15
CA MET G 47 -80.59 11.54 -5.02
C MET G 47 -80.69 13.02 -4.80
N SER G 48 -81.73 13.62 -5.39
CA SER G 48 -82.03 15.03 -5.19
C SER G 48 -82.39 15.25 -3.72
N ALA G 49 -83.06 14.29 -3.09
CA ALA G 49 -83.44 14.42 -1.68
C ALA G 49 -82.18 14.29 -0.76
N ALA G 50 -81.18 13.52 -1.19
CA ALA G 50 -79.96 13.35 -0.42
C ALA G 50 -79.17 14.66 -0.32
N LEU G 51 -79.44 15.60 -1.21
CA LEU G 51 -78.83 16.94 -1.17
C LEU G 51 -79.09 17.69 0.14
N LYS G 52 -80.16 17.34 0.84
CA LYS G 52 -80.49 17.99 2.10
C LYS G 52 -79.63 17.50 3.25
N ILE G 53 -78.87 16.43 3.02
CA ILE G 53 -78.05 15.75 4.03
C ILE G 53 -76.58 16.25 3.93
N PRO G 54 -76.04 16.87 5.00
CA PRO G 54 -74.61 17.18 4.98
C PRO G 54 -73.77 15.89 5.21
N HIS G 55 -73.18 15.36 4.13
CA HIS G 55 -72.45 14.10 4.15
C HIS G 55 -71.10 14.32 4.79
N PHE G 56 -70.73 13.47 5.74
CA PHE G 56 -69.35 13.42 6.22
C PHE G 56 -68.80 12.13 5.65
N GLY G 57 -67.55 12.10 5.17
CA GLY G 57 -66.97 10.87 4.69
C GLY G 57 -65.88 10.38 5.61
N TYR G 58 -65.89 9.09 5.93
CA TYR G 58 -64.83 8.49 6.75
C TYR G 58 -64.45 7.15 6.15
N CYS G 59 -63.15 6.96 5.87
CA CYS G 59 -62.68 5.78 5.12
C CYS G 59 -61.65 5.00 5.91
N ASP G 60 -61.45 3.73 5.55
CA ASP G 60 -60.40 2.91 6.20
C ASP G 60 -59.97 1.75 5.30
N GLU G 61 -58.92 1.03 5.69
CA GLU G 61 -58.64 -0.27 5.07
C GLU G 61 -58.81 -1.35 6.14
N VAL G 62 -59.29 -2.52 5.71
CA VAL G 62 -59.58 -3.62 6.61
C VAL G 62 -58.74 -4.73 6.08
N ASP G 63 -58.11 -5.50 6.98
CA ASP G 63 -57.30 -6.63 6.57
C ASP G 63 -58.15 -7.88 6.67
N LEU G 64 -58.57 -8.40 5.51
CA LEU G 64 -59.40 -9.61 5.47
C LEU G 64 -58.71 -10.92 5.15
N THR G 65 -57.42 -11.00 5.42
CA THR G 65 -56.65 -12.21 5.14
C THR G 65 -57.27 -13.41 5.88
N GLU G 66 -57.59 -13.21 7.16
CA GLU G 66 -58.29 -14.21 7.96
C GLU G 66 -59.68 -14.53 7.41
N LEU G 67 -60.50 -13.51 7.14
CA LEU G 67 -61.85 -13.73 6.55
C LEU G 67 -61.85 -14.44 5.19
N VAL G 68 -60.88 -14.11 4.34
CA VAL G 68 -60.68 -14.82 3.06
C VAL G 68 -60.51 -16.32 3.33
N LYS G 69 -59.61 -16.64 4.25
CA LYS G 69 -59.29 -18.02 4.65
C LYS G 69 -60.53 -18.69 5.27
N LEU G 70 -61.11 -18.02 6.26
CA LEU G 70 -62.27 -18.60 6.93
C LEU G 70 -63.44 -18.87 5.95
N ARG G 71 -63.67 -17.97 5.00
CA ARG G 71 -64.67 -18.18 3.92
C ARG G 71 -64.37 -19.35 2.98
N GLU G 72 -63.11 -19.51 2.58
CA GLU G 72 -62.67 -20.73 1.88
C GLU G 72 -63.02 -22.01 2.64
N GLU G 73 -62.79 -22.01 3.95
CA GLU G 73 -63.18 -23.14 4.82
C GLU G 73 -64.72 -23.31 4.86
N LEU G 74 -65.46 -22.21 4.94
CA LEU G 74 -66.94 -22.27 5.00
C LEU G 74 -67.67 -22.62 3.67
N LYS G 75 -67.20 -22.05 2.55
CA LYS G 75 -67.73 -22.35 1.20
C LYS G 75 -68.24 -23.77 0.93
N PRO G 76 -67.41 -24.81 1.14
CA PRO G 76 -67.90 -26.21 1.04
C PRO G 76 -69.17 -26.59 1.86
N ILE G 77 -69.39 -25.95 3.01
CA ILE G 77 -70.61 -26.23 3.82
C ILE G 77 -71.82 -25.54 3.17
N ALA G 78 -71.62 -24.30 2.70
CA ALA G 78 -72.67 -23.55 2.03
C ALA G 78 -73.05 -24.18 0.67
N PHE G 79 -72.07 -24.57 -0.13
CA PHE G 79 -72.34 -25.22 -1.41
C PHE G 79 -73.15 -26.51 -1.21
N ALA G 80 -72.81 -27.28 -0.17
CA ALA G 80 -73.55 -28.49 0.16
C ALA G 80 -74.95 -28.23 0.71
N ARG G 81 -75.21 -26.97 1.10
CA ARG G 81 -76.54 -26.60 1.56
C ARG G 81 -77.34 -25.84 0.50
N GLY G 82 -76.75 -25.68 -0.71
CA GLY G 82 -77.38 -24.97 -1.82
C GLY G 82 -77.24 -23.43 -1.79
N ILE G 83 -76.18 -22.95 -1.15
CA ILE G 83 -75.98 -21.51 -1.01
C ILE G 83 -74.59 -21.07 -1.50
N LYS G 84 -74.58 -19.95 -2.21
CA LYS G 84 -73.36 -19.22 -2.50
C LYS G 84 -73.13 -18.28 -1.31
N LEU G 85 -72.02 -18.51 -0.61
CA LEU G 85 -71.56 -17.70 0.51
C LEU G 85 -70.49 -16.74 -0.01
N SER G 86 -70.86 -15.46 -0.13
CA SER G 86 -69.89 -14.43 -0.50
C SER G 86 -69.32 -13.82 0.78
N PHE G 87 -68.68 -12.67 0.66
CA PHE G 87 -68.23 -11.93 1.83
C PHE G 87 -69.37 -11.15 2.47
N MET G 88 -70.40 -10.80 1.70
CA MET G 88 -71.44 -9.86 2.20
C MET G 88 -72.14 -10.29 3.50
N PRO G 89 -72.47 -11.61 3.64
CA PRO G 89 -73.12 -12.08 4.87
C PRO G 89 -72.28 -11.79 6.09
N PHE G 90 -70.96 -11.84 5.93
CA PHE G 90 -69.99 -11.48 6.99
C PHE G 90 -70.06 -9.99 7.25
N PHE G 91 -69.96 -9.17 6.19
CA PHE G 91 -69.99 -7.70 6.31
C PHE G 91 -71.31 -7.29 6.90
N LEU G 92 -72.40 -7.98 6.56
CA LEU G 92 -73.73 -7.63 7.05
C LEU G 92 -73.91 -7.96 8.53
N LYS G 93 -73.46 -9.13 8.96
CA LYS G 93 -73.54 -9.51 10.38
C LYS G 93 -72.63 -8.63 11.22
N ALA G 94 -71.42 -8.36 10.73
CA ALA G 94 -70.55 -7.44 11.48
C ALA G 94 -71.15 -6.05 11.63
N ALA G 95 -71.72 -5.50 10.56
CA ALA G 95 -72.49 -4.25 10.62
C ALA G 95 -73.59 -4.29 11.67
N SER G 96 -74.42 -5.33 11.66
CA SER G 96 -75.46 -5.49 12.68
C SER G 96 -74.90 -5.43 14.11
N LEU G 97 -73.85 -6.23 14.38
CA LEU G 97 -73.19 -6.28 15.69
C LEU G 97 -72.69 -4.90 16.05
N GLY G 98 -72.14 -4.17 15.06
CA GLY G 98 -71.70 -2.78 15.26
C GLY G 98 -72.82 -1.79 15.58
N LEU G 99 -73.96 -1.91 14.89
CA LEU G 99 -75.12 -1.04 15.10
C LEU G 99 -75.78 -1.19 16.48
N LEU G 100 -75.73 -2.39 17.07
CA LEU G 100 -76.19 -2.64 18.41
C LEU G 100 -75.45 -1.75 19.42
N GLN G 101 -74.17 -1.48 19.14
CA GLN G 101 -73.34 -0.63 19.96
C GLN G 101 -73.49 0.85 19.63
N PHE G 102 -73.76 1.13 18.35
CA PHE G 102 -73.91 2.50 17.87
C PHE G 102 -75.24 2.64 17.18
N PRO G 103 -76.35 2.58 17.97
CA PRO G 103 -77.69 2.55 17.39
C PRO G 103 -78.08 3.81 16.62
N ILE G 104 -77.39 4.94 16.86
CA ILE G 104 -77.69 6.19 16.13
C ILE G 104 -77.41 6.09 14.61
N LEU G 105 -76.57 5.15 14.21
CA LEU G 105 -76.30 4.84 12.80
C LEU G 105 -77.44 4.12 12.07
N ASN G 106 -78.39 3.57 12.85
CA ASN G 106 -79.56 2.85 12.38
C ASN G 106 -80.82 3.62 12.77
N ALA G 107 -80.90 4.86 12.34
CA ALA G 107 -81.93 5.76 12.77
C ALA G 107 -82.31 6.70 11.62
N SER G 108 -83.36 7.48 11.83
CA SER G 108 -83.78 8.50 10.87
C SER G 108 -83.98 9.83 11.58
N VAL G 109 -83.83 10.92 10.84
CA VAL G 109 -84.21 12.25 11.33
C VAL G 109 -85.43 12.74 10.54
N ASP G 110 -86.18 13.69 11.12
CA ASP G 110 -87.37 14.24 10.45
C ASP G 110 -87.02 15.40 9.52
N GLU G 111 -88.04 16.05 8.97
CA GLU G 111 -87.82 17.04 7.92
C GLU G 111 -86.84 18.13 8.36
N ASN G 112 -86.99 18.64 9.56
CA ASN G 112 -86.10 19.71 10.00
C ASN G 112 -84.88 19.27 10.84
N CYS G 113 -84.73 17.95 11.01
CA CYS G 113 -83.74 17.35 11.90
C CYS G 113 -83.91 17.81 13.36
N GLN G 114 -85.13 17.78 13.88
CA GLN G 114 -85.31 18.12 15.30
C GLN G 114 -85.63 16.92 16.19
N ASN G 115 -85.78 15.76 15.54
CA ASN G 115 -86.14 14.52 16.21
C ASN G 115 -85.45 13.33 15.54
N ILE G 116 -84.88 12.44 16.36
CA ILE G 116 -84.26 11.19 15.92
C ILE G 116 -85.19 10.03 16.29
N THR G 117 -85.40 9.11 15.33
CA THR G 117 -86.07 7.83 15.56
C THR G 117 -85.03 6.73 15.43
N TYR G 118 -84.73 6.06 16.54
CA TYR G 118 -83.80 4.93 16.56
C TYR G 118 -84.64 3.72 16.21
N LYS G 119 -84.12 2.88 15.33
CA LYS G 119 -84.94 1.86 14.74
C LYS G 119 -84.32 0.57 15.22
N ALA G 120 -85.17 -0.27 15.79
CA ALA G 120 -84.77 -1.55 16.36
C ALA G 120 -84.35 -2.61 15.35
N SER G 121 -85.05 -2.71 14.21
CA SER G 121 -84.79 -3.76 13.23
C SER G 121 -83.60 -3.31 12.42
N HIS G 122 -82.62 -4.21 12.23
CA HIS G 122 -81.56 -3.89 11.30
C HIS G 122 -82.02 -4.45 9.97
N ASN G 123 -82.59 -3.59 9.12
CA ASN G 123 -83.01 -3.99 7.78
C ASN G 123 -82.02 -3.39 6.86
N ILE G 124 -81.00 -4.19 6.53
CA ILE G 124 -79.78 -3.66 5.92
C ILE G 124 -79.88 -3.73 4.40
N GLY G 125 -79.78 -2.57 3.77
CA GLY G 125 -80.03 -2.49 2.34
C GLY G 125 -78.81 -2.94 1.62
N ILE G 126 -79.03 -3.50 0.44
CA ILE G 126 -77.97 -4.01 -0.42
C ILE G 126 -78.14 -3.20 -1.70
N ALA G 127 -77.27 -2.22 -1.93
CA ALA G 127 -77.34 -1.46 -3.18
C ALA G 127 -76.98 -2.45 -4.30
N MET G 128 -77.83 -2.52 -5.31
CA MET G 128 -77.55 -3.55 -6.29
C MET G 128 -77.71 -3.12 -7.72
N ASP G 129 -76.78 -3.70 -8.49
CA ASP G 129 -76.58 -3.39 -9.88
C ASP G 129 -77.42 -4.34 -10.69
N THR G 130 -78.34 -3.79 -11.49
CA THR G 130 -79.16 -4.66 -12.37
C THR G 130 -79.04 -4.23 -13.85
N GLU G 131 -79.53 -5.08 -14.76
CA GLU G 131 -79.65 -4.69 -16.16
C GLU G 131 -80.65 -3.52 -16.36
N GLN G 132 -81.51 -3.33 -15.35
CA GLN G 132 -82.58 -2.31 -15.35
C GLN G 132 -82.11 -0.99 -14.70
N GLY G 133 -81.00 -1.10 -13.97
CA GLY G 133 -80.45 0.01 -13.22
C GLY G 133 -80.14 -0.41 -11.79
N LEU G 134 -80.15 0.59 -10.91
CA LEU G 134 -79.74 0.34 -9.54
C LEU G 134 -80.93 0.50 -8.52
N ILE G 135 -81.02 -0.50 -7.62
CA ILE G 135 -82.19 -0.78 -6.74
C ILE G 135 -81.66 -1.27 -5.37
N VAL G 136 -82.41 -1.00 -4.30
CA VAL G 136 -81.93 -1.29 -2.95
C VAL G 136 -82.90 -2.16 -2.10
N PRO G 137 -82.85 -3.50 -2.28
CA PRO G 137 -83.63 -4.36 -1.41
C PRO G 137 -82.88 -4.57 -0.09
N ASN G 138 -83.59 -4.88 0.98
CA ASN G 138 -82.89 -5.08 2.25
C ASN G 138 -83.18 -6.45 2.88
N VAL G 139 -82.17 -6.98 3.53
CA VAL G 139 -82.32 -8.12 4.45
C VAL G 139 -82.94 -7.65 5.76
N LYS G 140 -84.15 -8.15 6.09
CA LYS G 140 -84.89 -7.73 7.28
C LYS G 140 -84.31 -8.28 8.56
N ASN G 141 -84.27 -7.47 9.63
CA ASN G 141 -83.96 -8.00 10.95
C ASN G 141 -82.69 -8.82 11.02
N VAL G 142 -81.59 -8.26 10.51
CA VAL G 142 -80.30 -8.99 10.42
C VAL G 142 -79.81 -9.40 11.82
N GLN G 143 -80.22 -8.63 12.84
CA GLN G 143 -79.78 -8.86 14.22
C GLN G 143 -80.22 -10.23 14.78
N ILE G 144 -81.25 -10.84 14.18
CA ILE G 144 -81.74 -12.14 14.69
C ILE G 144 -81.43 -13.26 13.72
N ARG G 145 -80.61 -12.99 12.71
CA ARG G 145 -80.31 -13.96 11.70
C ARG G 145 -78.87 -14.43 11.81
N SER G 146 -78.59 -15.65 11.39
CA SER G 146 -77.22 -16.15 11.31
C SER G 146 -76.51 -15.69 10.02
N ILE G 147 -75.19 -15.83 9.95
CA ILE G 147 -74.46 -15.54 8.71
C ILE G 147 -75.06 -16.36 7.54
N PHE G 148 -75.39 -17.62 7.82
CA PHE G 148 -75.98 -18.51 6.82
C PHE G 148 -77.41 -18.13 6.40
N GLU G 149 -78.25 -17.68 7.34
CA GLU G 149 -79.59 -17.23 7.01
C GLU G 149 -79.54 -15.93 6.19
N ILE G 150 -78.56 -15.07 6.51
CA ILE G 150 -78.28 -13.86 5.74
C ILE G 150 -77.76 -14.22 4.33
N ALA G 151 -76.89 -15.23 4.23
CA ALA G 151 -76.43 -15.71 2.92
C ALA G 151 -77.59 -16.19 2.03
N THR G 152 -78.45 -17.02 2.62
CA THR G 152 -79.70 -17.51 1.98
C THR G 152 -80.58 -16.36 1.48
N GLU G 153 -80.82 -15.38 2.34
CA GLU G 153 -81.65 -14.23 2.00
C GLU G 153 -81.02 -13.40 0.83
N LEU G 154 -79.73 -13.12 0.97
CA LEU G 154 -78.90 -12.44 -0.03
C LEU G 154 -79.03 -13.16 -1.39
N ASN G 155 -78.89 -14.49 -1.39
CA ASN G 155 -79.08 -15.28 -2.58
C ASN G 155 -80.48 -15.10 -3.15
N ARG G 156 -81.51 -15.11 -2.27
CA ARG G 156 -82.90 -14.94 -2.73
C ARG G 156 -83.09 -13.57 -3.41
N LEU G 157 -82.61 -12.53 -2.74
CA LEU G 157 -82.68 -11.17 -3.24
C LEU G 157 -81.89 -11.00 -4.55
N GLN G 158 -80.75 -11.65 -4.65
CA GLN G 158 -79.89 -11.60 -5.83
C GLN G 158 -80.62 -12.15 -7.08
N LYS G 159 -81.30 -13.28 -6.94
CA LYS G 159 -81.96 -13.86 -8.09
C LYS G 159 -83.17 -13.02 -8.54
N LEU G 160 -83.91 -12.47 -7.58
CA LEU G 160 -85.03 -11.58 -7.86
C LEU G 160 -84.58 -10.26 -8.49
N GLY G 161 -83.55 -9.65 -7.92
CA GLY G 161 -82.83 -8.50 -8.47
C GLY G 161 -82.44 -8.70 -9.92
N SER G 162 -81.77 -9.81 -10.21
CA SER G 162 -81.36 -10.07 -11.56
C SER G 162 -82.48 -10.51 -12.51
N ALA G 163 -83.67 -10.83 -11.99
CA ALA G 163 -84.84 -11.12 -12.85
C ALA G 163 -85.72 -9.89 -12.98
N GLY G 164 -85.34 -8.81 -12.32
CA GLY G 164 -86.21 -7.63 -12.18
C GLY G 164 -87.55 -7.93 -11.49
N GLN G 165 -87.53 -8.78 -10.46
CA GLN G 165 -88.75 -9.29 -9.82
C GLN G 165 -88.77 -9.08 -8.28
N LEU G 166 -87.97 -8.14 -7.77
CA LEU G 166 -88.04 -7.75 -6.38
C LEU G 166 -89.41 -7.16 -6.07
N SER G 167 -89.91 -7.42 -4.88
CA SER G 167 -91.27 -6.99 -4.51
C SER G 167 -91.19 -5.75 -3.62
N THR G 168 -92.33 -5.09 -3.45
CA THR G 168 -92.45 -3.93 -2.59
C THR G 168 -91.91 -4.22 -1.19
N ASN G 169 -92.26 -5.37 -0.64
CA ASN G 169 -91.72 -5.73 0.68
C ASN G 169 -90.21 -5.92 0.74
N ASP G 170 -89.57 -6.31 -0.36
CA ASP G 170 -88.10 -6.50 -0.38
C ASP G 170 -87.42 -5.14 -0.33
N LEU G 171 -88.12 -4.12 -0.85
CA LEU G 171 -87.60 -2.76 -1.05
C LEU G 171 -87.86 -1.78 0.09
N ILE G 172 -88.94 -1.98 0.86
CA ILE G 172 -89.29 -1.04 1.95
C ILE G 172 -88.63 -1.37 3.30
N GLY G 173 -88.63 -0.39 4.22
CA GLY G 173 -88.19 -0.59 5.60
C GLY G 173 -86.69 -0.56 5.86
N GLY G 174 -85.89 -0.21 4.86
CA GLY G 174 -84.43 -0.20 5.01
C GLY G 174 -84.03 0.76 6.10
N THR G 175 -82.97 0.43 6.85
CA THR G 175 -82.53 1.29 7.97
C THR G 175 -81.05 1.77 7.87
N PHE G 176 -80.29 1.11 7.01
CA PHE G 176 -78.86 1.28 6.85
C PHE G 176 -78.52 0.55 5.55
N THR G 177 -77.49 0.97 4.84
CA THR G 177 -77.20 0.40 3.54
C THR G 177 -75.73 0.12 3.33
N LEU G 178 -75.46 -1.03 2.71
CA LEU G 178 -74.13 -1.33 2.22
C LEU G 178 -74.15 -1.36 0.69
N SER G 179 -73.05 -0.89 0.10
CA SER G 179 -72.85 -0.95 -1.33
C SER G 179 -71.53 -1.66 -1.67
N ASN G 180 -71.62 -2.88 -2.19
CA ASN G 180 -70.44 -3.62 -2.62
C ASN G 180 -70.05 -3.24 -4.03
N ILE G 181 -69.53 -2.02 -4.20
CA ILE G 181 -69.04 -1.62 -5.51
C ILE G 181 -67.86 -2.51 -5.93
N GLY G 182 -67.13 -3.01 -4.93
CA GLY G 182 -66.02 -3.94 -5.13
C GLY G 182 -66.32 -5.20 -5.89
N SER G 183 -67.61 -5.52 -6.05
CA SER G 183 -67.94 -6.67 -6.87
C SER G 183 -67.62 -6.35 -8.32
N ILE G 184 -67.56 -5.05 -8.63
CA ILE G 184 -67.19 -4.60 -9.98
C ILE G 184 -65.77 -4.04 -10.00
N GLY G 185 -65.47 -3.09 -9.11
CA GLY G 185 -64.15 -2.51 -9.04
C GLY G 185 -64.02 -1.53 -7.89
N GLY G 186 -62.91 -0.83 -7.87
CA GLY G 186 -62.75 0.37 -7.04
C GLY G 186 -61.96 0.17 -5.76
N THR G 187 -61.63 1.28 -5.10
CA THR G 187 -60.98 1.23 -3.82
C THR G 187 -61.91 1.99 -2.87
N TYR G 188 -61.68 3.30 -2.78
CA TYR G 188 -62.52 4.21 -2.06
C TYR G 188 -63.66 4.71 -2.96
N ALA G 189 -64.66 5.31 -2.33
CA ALA G 189 -65.84 5.82 -2.99
C ALA G 189 -66.42 6.87 -2.08
N LYS G 190 -67.39 7.65 -2.59
CA LYS G 190 -68.16 8.51 -1.74
C LYS G 190 -69.65 8.17 -2.00
N PRO G 191 -70.22 7.20 -1.25
CA PRO G 191 -71.62 6.81 -1.42
C PRO G 191 -72.57 7.90 -0.95
N VAL G 192 -73.77 7.89 -1.50
CA VAL G 192 -74.78 8.86 -1.19
C VAL G 192 -75.77 8.19 -0.19
N ILE G 193 -76.03 8.88 0.92
CA ILE G 193 -76.99 8.42 1.89
C ILE G 193 -78.42 8.41 1.29
N LEU G 194 -79.15 7.32 1.58
CA LEU G 194 -80.50 7.13 1.07
C LEU G 194 -81.50 7.55 2.10
N PRO G 195 -82.14 8.75 1.93
CA PRO G 195 -83.05 9.25 2.96
C PRO G 195 -84.17 8.25 3.10
N PRO G 196 -84.75 8.08 4.32
CA PRO G 196 -84.52 8.76 5.59
C PRO G 196 -83.38 8.13 6.43
N GLU G 197 -82.60 7.24 5.85
CA GLU G 197 -81.41 6.70 6.54
C GLU G 197 -80.36 7.78 6.81
N VAL G 198 -79.40 7.46 7.67
CA VAL G 198 -78.38 8.41 8.08
C VAL G 198 -76.95 7.93 7.72
N ALA G 199 -76.79 6.67 7.30
CA ALA G 199 -75.47 6.19 6.97
C ALA G 199 -75.47 5.16 5.81
N ILE G 200 -74.31 5.03 5.16
CA ILE G 200 -74.09 4.06 4.12
C ILE G 200 -72.62 3.74 4.04
N GLY G 201 -72.27 2.51 3.65
CA GLY G 201 -70.88 2.17 3.38
C GLY G 201 -70.68 1.54 2.02
N ALA G 202 -69.56 1.84 1.38
CA ALA G 202 -69.21 1.28 0.10
C ALA G 202 -67.96 0.50 0.35
N LEU G 203 -67.99 -0.77 -0.04
CA LEU G 203 -66.85 -1.72 0.07
C LEU G 203 -66.12 -1.84 -1.26
N GLY G 204 -64.79 -1.66 -1.25
CA GLY G 204 -64.03 -1.76 -2.48
C GLY G 204 -63.61 -3.17 -2.80
N THR G 205 -62.77 -3.31 -3.82
CA THR G 205 -62.27 -4.61 -4.23
C THR G 205 -61.22 -5.09 -3.24
N ILE G 206 -61.42 -6.30 -2.72
CA ILE G 206 -60.42 -7.05 -1.97
C ILE G 206 -59.24 -7.39 -2.91
N LYS G 207 -58.06 -6.94 -2.52
CA LYS G 207 -56.84 -6.93 -3.34
C LYS G 207 -55.64 -7.34 -2.45
N ALA G 208 -54.71 -8.09 -3.03
CA ALA G 208 -53.56 -8.57 -2.28
C ALA G 208 -52.47 -7.51 -2.36
N LEU G 209 -52.00 -7.04 -1.20
CA LEU G 209 -50.97 -5.99 -1.12
C LEU G 209 -49.85 -6.38 -0.18
N PRO G 210 -48.61 -5.96 -0.47
CA PRO G 210 -47.60 -6.11 0.61
C PRO G 210 -47.93 -5.30 1.89
N ARG G 211 -48.03 -6.00 3.01
CA ARG G 211 -48.11 -5.37 4.35
C ARG G 211 -47.19 -6.06 5.33
N PHE G 212 -46.64 -5.28 6.26
CA PHE G 212 -45.84 -5.82 7.35
C PHE G 212 -46.69 -6.60 8.33
N ASN G 213 -46.19 -7.76 8.75
CA ASN G 213 -46.79 -8.47 9.89
C ASN G 213 -46.15 -8.00 11.22
N GLU G 214 -46.63 -8.56 12.33
CA GLU G 214 -46.07 -8.29 13.67
C GLU G 214 -44.56 -8.47 13.71
N LYS G 215 -44.07 -9.59 13.15
CA LYS G 215 -42.62 -9.91 13.07
C LYS G 215 -41.80 -8.97 12.14
N GLY G 216 -42.46 -7.95 11.60
CA GLY G 216 -41.78 -6.95 10.78
C GLY G 216 -41.48 -7.33 9.35
N GLU G 217 -42.14 -8.37 8.84
CA GLU G 217 -41.87 -8.89 7.51
C GLU G 217 -43.01 -8.63 6.48
N VAL G 218 -42.61 -8.28 5.27
CA VAL G 218 -43.50 -8.15 4.10
C VAL G 218 -44.23 -9.48 3.78
N CYS G 219 -45.55 -9.49 3.96
CA CYS G 219 -46.33 -10.67 3.67
C CYS G 219 -47.54 -10.29 2.76
N LYS G 220 -48.26 -11.28 2.25
CA LYS G 220 -49.38 -11.03 1.34
C LYS G 220 -50.59 -10.79 2.20
N ALA G 221 -51.07 -9.54 2.23
CA ALA G 221 -52.29 -9.19 2.94
C ALA G 221 -53.44 -8.93 1.98
N GLN G 222 -54.62 -9.45 2.29
CA GLN G 222 -55.82 -9.21 1.49
C GLN G 222 -56.53 -8.02 2.08
N ILE G 223 -56.43 -6.89 1.37
CA ILE G 223 -56.86 -5.60 1.87
C ILE G 223 -58.10 -5.15 1.12
N MET G 224 -59.07 -4.66 1.87
CA MET G 224 -60.29 -4.10 1.32
C MET G 224 -60.50 -2.69 1.91
N ASN G 225 -61.00 -1.78 1.08
CA ASN G 225 -61.28 -0.45 1.53
C ASN G 225 -62.75 -0.34 1.87
N VAL G 226 -63.05 0.51 2.82
CA VAL G 226 -64.44 0.79 3.15
C VAL G 226 -64.52 2.31 3.24
N SER G 227 -65.61 2.86 2.68
CA SER G 227 -65.89 4.26 2.74
C SER G 227 -67.27 4.44 3.32
N TRP G 228 -67.36 5.10 4.48
CA TRP G 228 -68.63 5.43 5.13
C TRP G 228 -69.01 6.87 4.85
N SER G 229 -70.29 7.12 4.57
CA SER G 229 -70.86 8.45 4.56
C SER G 229 -71.90 8.45 5.65
N ALA G 230 -72.05 9.57 6.35
CA ALA G 230 -72.94 9.68 7.49
C ALA G 230 -73.51 11.07 7.52
N ASP G 231 -74.72 11.19 8.06
CA ASP G 231 -75.42 12.46 8.15
C ASP G 231 -74.80 13.22 9.32
N HIS G 232 -73.98 14.23 9.00
CA HIS G 232 -73.22 14.92 10.02
C HIS G 232 -74.08 15.84 10.90
N ARG G 233 -75.33 16.02 10.55
CA ARG G 233 -76.22 16.74 11.43
C ARG G 233 -76.36 16.06 12.79
N ILE G 234 -76.45 14.73 12.82
CA ILE G 234 -76.63 13.98 14.07
C ILE G 234 -75.53 12.93 14.35
N ILE G 235 -74.69 12.65 13.36
CA ILE G 235 -73.63 11.68 13.55
C ILE G 235 -72.28 12.38 13.53
N ASP G 236 -71.54 12.33 14.63
CA ASP G 236 -70.22 12.93 14.63
C ASP G 236 -69.14 11.94 14.19
N GLY G 237 -67.94 12.45 13.90
CA GLY G 237 -66.89 11.62 13.30
C GLY G 237 -66.42 10.49 14.19
N ALA G 238 -66.42 10.73 15.50
CA ALA G 238 -66.01 9.70 16.45
C ALA G 238 -66.93 8.48 16.45
N THR G 239 -68.24 8.69 16.52
CA THR G 239 -69.22 7.60 16.33
C THR G 239 -68.97 6.72 15.10
N VAL G 240 -68.74 7.34 13.95
CA VAL G 240 -68.62 6.56 12.73
C VAL G 240 -67.23 5.86 12.71
N SER G 241 -66.22 6.51 13.28
CA SER G 241 -64.92 5.89 13.41
C SER G 241 -64.91 4.71 14.38
N ARG G 242 -65.48 4.88 15.57
CA ARG G 242 -65.64 3.77 16.51
C ARG G 242 -66.53 2.65 15.98
N PHE G 243 -67.68 2.98 15.42
CA PHE G 243 -68.46 1.96 14.70
C PHE G 243 -67.60 1.20 13.66
N SER G 244 -66.84 1.96 12.86
CA SER G 244 -66.03 1.36 11.79
C SER G 244 -64.94 0.48 12.38
N ASN G 245 -64.32 0.96 13.47
CA ASN G 245 -63.29 0.16 14.19
C ASN G 245 -63.89 -1.13 14.71
N LEU G 246 -65.08 -1.05 15.28
CA LEU G 246 -65.76 -2.26 15.77
C LEU G 246 -65.99 -3.26 14.63
N TRP G 247 -66.67 -2.79 13.59
CA TRP G 247 -66.98 -3.56 12.39
C TRP G 247 -65.76 -4.28 11.87
N LYS G 248 -64.69 -3.50 11.75
CA LYS G 248 -63.41 -3.93 11.22
C LYS G 248 -62.77 -4.98 12.13
N SER G 249 -62.90 -4.81 13.45
CA SER G 249 -62.31 -5.77 14.34
C SER G 249 -63.02 -7.11 14.26
N TYR G 250 -64.34 -7.09 13.96
CA TYR G 250 -65.11 -8.31 13.77
C TYR G 250 -64.75 -9.06 12.53
N LEU G 251 -64.28 -8.38 11.48
CA LEU G 251 -63.89 -9.02 10.24
C LEU G 251 -62.41 -9.39 10.23
N GLU G 252 -61.58 -8.55 10.86
CA GLU G 252 -60.12 -8.86 10.96
C GLU G 252 -59.89 -9.93 11.97
N ASN G 253 -60.77 -10.07 12.96
CA ASN G 253 -60.68 -11.17 13.97
C ASN G 253 -62.06 -11.82 14.21
N PRO G 254 -62.52 -12.71 13.29
CA PRO G 254 -63.90 -13.20 13.30
C PRO G 254 -64.29 -13.99 14.54
N ALA G 255 -63.33 -14.21 15.45
CA ALA G 255 -63.53 -14.98 16.66
C ALA G 255 -64.23 -14.07 17.63
N PHE G 256 -64.04 -12.77 17.42
CA PHE G 256 -64.76 -11.78 18.19
C PHE G 256 -66.28 -11.94 17.99
N MET G 257 -66.68 -12.41 16.80
CA MET G 257 -68.11 -12.63 16.45
C MET G 257 -68.65 -13.85 17.16
N LEU G 258 -67.88 -14.92 17.19
CA LEU G 258 -68.23 -16.13 17.91
C LEU G 258 -68.67 -15.92 19.37
N LEU G 259 -67.97 -15.04 20.09
CA LEU G 259 -68.16 -14.90 21.53
C LEU G 259 -69.61 -14.57 21.91
N ASP G 260 -70.26 -13.68 21.17
CA ASP G 260 -71.60 -13.16 21.54
C ASP G 260 -72.79 -13.68 20.78
N LEU G 261 -72.56 -14.53 19.80
CA LEU G 261 -73.66 -15.22 19.08
C LEU G 261 -74.27 -16.45 19.76
N LYS G 262 -75.57 -16.65 19.54
CA LYS G 262 -76.40 -17.64 20.29
C LYS G 262 -76.91 -18.80 19.40
N GLY H 29 28.47 -66.08 36.06
CA GLY H 29 29.35 -66.70 37.11
C GLY H 29 30.81 -66.84 36.73
N LYS H 30 31.17 -67.97 36.12
CA LYS H 30 32.56 -68.30 35.77
C LYS H 30 32.62 -68.86 34.35
N ASP H 31 33.82 -69.02 33.80
CA ASP H 31 34.01 -69.62 32.46
C ASP H 31 33.84 -71.15 32.50
N ARG H 32 33.15 -71.69 31.50
CA ARG H 32 32.88 -73.12 31.37
C ARG H 32 33.34 -73.58 29.96
N THR H 33 34.46 -74.31 29.90
CA THR H 33 34.88 -74.97 28.66
C THR H 33 34.15 -76.31 28.51
N GLU H 34 33.98 -76.73 27.26
CA GLU H 34 33.03 -77.77 26.92
C GLU H 34 33.43 -78.38 25.55
N PRO H 35 33.46 -79.72 25.45
CA PRO H 35 33.72 -80.31 24.13
C PRO H 35 32.56 -80.05 23.21
N VAL H 36 32.89 -79.92 21.92
CA VAL H 36 31.91 -79.94 20.86
C VAL H 36 31.77 -81.41 20.46
N LYS H 37 30.57 -81.96 20.60
CA LYS H 37 30.41 -83.40 20.45
C LYS H 37 29.20 -83.78 19.63
N GLY H 38 29.20 -85.02 19.11
CA GLY H 38 28.02 -85.59 18.49
C GLY H 38 27.57 -84.88 17.23
N PHE H 39 26.27 -84.65 17.10
CA PHE H 39 25.75 -84.13 15.86
C PHE H 39 26.17 -82.67 15.63
N HIS H 40 26.79 -82.05 16.64
CA HIS H 40 27.35 -80.70 16.50
C HIS H 40 28.69 -80.70 15.72
N LYS H 41 29.34 -81.86 15.59
CA LYS H 41 30.60 -81.98 14.87
C LYS H 41 30.38 -81.80 13.38
N ALA H 42 29.20 -82.18 12.89
CA ALA H 42 28.81 -82.05 11.49
C ALA H 42 28.76 -80.62 10.94
N MET H 43 28.23 -79.69 11.74
CA MET H 43 28.16 -78.29 11.28
C MET H 43 29.59 -77.73 11.22
N VAL H 44 30.42 -78.10 12.18
CA VAL H 44 31.84 -77.79 12.13
C VAL H 44 32.48 -78.19 10.80
N LYS H 45 32.43 -79.49 10.44
CA LYS H 45 33.00 -80.02 9.20
C LYS H 45 32.46 -79.33 7.92
N THR H 46 31.15 -79.24 7.83
CA THR H 46 30.43 -78.62 6.73
C THR H 46 30.84 -77.17 6.45
N MET H 47 30.83 -76.36 7.51
CA MET H 47 31.09 -74.93 7.34
C MET H 47 32.59 -74.70 7.10
N SER H 48 33.41 -75.57 7.67
CA SER H 48 34.82 -75.54 7.36
C SER H 48 35.10 -75.79 5.87
N ALA H 49 34.51 -76.83 5.31
CA ALA H 49 34.63 -77.16 3.92
C ALA H 49 34.21 -76.01 3.02
N ALA H 50 33.25 -75.20 3.49
CA ALA H 50 32.72 -74.08 2.69
C ALA H 50 33.75 -72.95 2.52
N LEU H 51 34.79 -72.95 3.35
CA LEU H 51 35.86 -71.97 3.26
C LEU H 51 36.60 -72.08 1.94
N LYS H 52 36.53 -73.25 1.29
CA LYS H 52 37.14 -73.48 -0.01
C LYS H 52 36.34 -72.83 -1.15
N ILE H 53 35.12 -72.42 -0.89
CA ILE H 53 34.29 -71.84 -1.93
C ILE H 53 34.41 -70.31 -1.84
N PRO H 54 34.90 -69.66 -2.92
CA PRO H 54 34.86 -68.20 -2.99
C PRO H 54 33.41 -67.72 -3.22
N HIS H 55 32.76 -67.18 -2.18
CA HIS H 55 31.34 -66.83 -2.23
C HIS H 55 31.21 -65.46 -2.90
N PHE H 56 30.31 -65.35 -3.86
CA PHE H 56 29.94 -64.02 -4.37
C PHE H 56 28.56 -63.80 -3.76
N GLY H 57 28.24 -62.61 -3.27
CA GLY H 57 26.86 -62.36 -2.81
C GLY H 57 26.09 -61.43 -3.73
N TYR H 58 24.80 -61.70 -3.96
CA TYR H 58 23.98 -60.84 -4.81
C TYR H 58 22.60 -60.81 -4.14
N CYS H 59 22.11 -59.63 -3.79
CA CYS H 59 20.83 -59.48 -3.07
C CYS H 59 19.85 -58.66 -3.86
N ASP H 60 18.59 -58.73 -3.45
CA ASP H 60 17.55 -57.95 -4.09
C ASP H 60 16.32 -57.82 -3.15
N GLU H 61 15.37 -56.98 -3.51
CA GLU H 61 14.10 -56.95 -2.86
C GLU H 61 13.03 -57.43 -3.90
N VAL H 62 12.01 -58.10 -3.39
CA VAL H 62 10.94 -58.74 -4.16
C VAL H 62 9.59 -58.23 -3.64
N ASP H 63 8.72 -57.79 -4.53
CA ASP H 63 7.43 -57.23 -4.12
C ASP H 63 6.41 -58.36 -4.11
N LEU H 64 6.09 -58.81 -2.89
CA LEU H 64 5.24 -60.01 -2.67
C LEU H 64 3.79 -59.61 -2.40
N THR H 65 3.40 -58.38 -2.75
CA THR H 65 2.01 -57.95 -2.57
C THR H 65 0.99 -58.95 -3.17
N GLU H 66 1.24 -59.36 -4.42
CA GLU H 66 0.31 -60.29 -5.12
C GLU H 66 0.32 -61.68 -4.54
N LEU H 67 1.53 -62.15 -4.28
CA LEU H 67 1.73 -63.47 -3.72
C LEU H 67 1.03 -63.60 -2.37
N VAL H 68 1.19 -62.58 -1.53
CA VAL H 68 0.47 -62.53 -0.24
C VAL H 68 -1.04 -62.67 -0.45
N LYS H 69 -1.59 -61.89 -1.37
CA LYS H 69 -2.99 -61.97 -1.75
C LYS H 69 -3.35 -63.40 -2.25
N LEU H 70 -2.54 -63.96 -3.15
CA LEU H 70 -2.74 -65.31 -3.66
C LEU H 70 -2.74 -66.38 -2.55
N ARG H 71 -1.82 -66.29 -1.62
CA ARG H 71 -1.71 -67.30 -0.58
C ARG H 71 -2.88 -67.27 0.40
N GLU H 72 -3.43 -66.08 0.69
CA GLU H 72 -4.71 -65.94 1.40
C GLU H 72 -5.87 -66.63 0.67
N GLU H 73 -5.91 -66.52 -0.66
CA GLU H 73 -7.01 -67.17 -1.41
C GLU H 73 -6.83 -68.69 -1.33
N LEU H 74 -5.59 -69.17 -1.37
CA LEU H 74 -5.34 -70.61 -1.40
C LEU H 74 -5.41 -71.26 -0.01
N LYS H 75 -5.08 -70.48 1.04
CA LYS H 75 -5.15 -70.93 2.45
C LYS H 75 -6.27 -71.91 2.81
N PRO H 76 -7.55 -71.52 2.65
CA PRO H 76 -8.67 -72.41 2.93
C PRO H 76 -8.71 -73.74 2.15
N ILE H 77 -8.12 -73.78 0.95
CA ILE H 77 -8.14 -75.00 0.13
C ILE H 77 -7.13 -75.97 0.72
N ALA H 78 -5.92 -75.48 0.97
CA ALA H 78 -4.87 -76.27 1.58
C ALA H 78 -5.34 -76.79 2.93
N PHE H 79 -6.00 -75.94 3.72
CA PHE H 79 -6.48 -76.27 5.06
C PHE H 79 -7.62 -77.30 5.05
N ALA H 80 -8.52 -77.21 4.08
CA ALA H 80 -9.53 -78.23 3.89
C ALA H 80 -8.89 -79.57 3.59
N ARG H 81 -7.70 -79.55 3.02
CA ARG H 81 -6.93 -80.73 2.71
C ARG H 81 -5.95 -81.14 3.82
N GLY H 82 -5.98 -80.48 4.98
CA GLY H 82 -5.13 -80.86 6.10
C GLY H 82 -3.68 -80.40 5.95
N ILE H 83 -3.46 -79.35 5.17
CA ILE H 83 -2.10 -78.85 4.88
C ILE H 83 -1.97 -77.36 5.27
N LYS H 84 -0.86 -77.03 5.94
CA LYS H 84 -0.51 -75.65 6.20
C LYS H 84 0.32 -75.18 5.00
N LEU H 85 -0.20 -74.15 4.33
CA LEU H 85 0.46 -73.59 3.12
C LEU H 85 1.13 -72.28 3.50
N SER H 86 2.47 -72.30 3.60
CA SER H 86 3.23 -71.07 3.81
C SER H 86 3.65 -70.48 2.43
N PHE H 87 4.55 -69.50 2.44
CA PHE H 87 5.17 -68.93 1.26
C PHE H 87 6.27 -69.86 0.64
N MET H 88 6.91 -70.71 1.43
CA MET H 88 8.01 -71.60 0.94
C MET H 88 7.69 -72.48 -0.29
N PRO H 89 6.52 -73.15 -0.33
CA PRO H 89 6.24 -73.95 -1.55
C PRO H 89 6.30 -73.10 -2.83
N PHE H 90 5.82 -71.85 -2.78
CA PHE H 90 5.97 -70.92 -3.94
C PHE H 90 7.43 -70.53 -4.27
N PHE H 91 8.23 -70.21 -3.23
CA PHE H 91 9.64 -69.88 -3.39
C PHE H 91 10.37 -71.07 -4.02
N LEU H 92 10.05 -72.27 -3.57
CA LEU H 92 10.62 -73.50 -4.09
C LEU H 92 10.22 -73.75 -5.56
N LYS H 93 8.93 -73.61 -5.84
CA LYS H 93 8.46 -73.92 -7.19
C LYS H 93 9.10 -72.92 -8.16
N ALA H 94 9.13 -71.65 -7.77
CA ALA H 94 9.68 -70.58 -8.60
C ALA H 94 11.20 -70.76 -8.77
N ALA H 95 11.89 -71.24 -7.72
CA ALA H 95 13.34 -71.62 -7.81
C ALA H 95 13.59 -72.71 -8.79
N SER H 96 12.82 -73.80 -8.73
CA SER H 96 12.88 -74.88 -9.70
C SER H 96 12.74 -74.40 -11.15
N LEU H 97 11.71 -73.60 -11.40
CA LEU H 97 11.49 -73.03 -12.70
C LEU H 97 12.71 -72.20 -13.22
N GLY H 98 13.31 -71.39 -12.34
CA GLY H 98 14.49 -70.59 -12.66
C GLY H 98 15.67 -71.51 -12.94
N LEU H 99 15.77 -72.58 -12.15
CA LEU H 99 16.85 -73.54 -12.30
C LEU H 99 16.83 -74.30 -13.62
N LEU H 100 15.64 -74.48 -14.21
CA LEU H 100 15.54 -75.06 -15.57
C LEU H 100 16.19 -74.19 -16.62
N GLN H 101 16.13 -72.87 -16.41
CA GLN H 101 16.71 -71.89 -17.30
C GLN H 101 18.20 -71.65 -17.05
N PHE H 102 18.61 -71.71 -15.79
CA PHE H 102 20.01 -71.58 -15.40
C PHE H 102 20.47 -72.85 -14.70
N PRO H 103 20.63 -73.97 -15.46
CA PRO H 103 20.95 -75.25 -14.84
C PRO H 103 22.30 -75.31 -14.11
N ILE H 104 23.24 -74.44 -14.45
CA ILE H 104 24.55 -74.42 -13.77
C ILE H 104 24.44 -74.11 -12.27
N LEU H 105 23.35 -73.43 -11.84
CA LEU H 105 23.06 -73.22 -10.38
C LEU H 105 22.59 -74.47 -9.59
N ASN H 106 22.09 -75.48 -10.30
CA ASN H 106 21.79 -76.80 -9.76
C ASN H 106 22.85 -77.77 -10.26
N ALA H 107 24.08 -77.59 -9.79
CA ALA H 107 25.25 -78.30 -10.27
C ALA H 107 26.22 -78.39 -9.11
N SER H 108 27.27 -79.20 -9.30
CA SER H 108 28.37 -79.42 -8.37
C SER H 108 29.66 -79.40 -9.16
N VAL H 109 30.75 -79.25 -8.41
CA VAL H 109 32.06 -78.97 -8.87
C VAL H 109 32.91 -79.93 -8.03
N ASP H 110 33.97 -80.52 -8.63
CA ASP H 110 34.86 -81.43 -7.88
C ASP H 110 35.82 -80.69 -6.93
N GLU H 111 36.84 -81.39 -6.42
CA GLU H 111 37.75 -80.81 -5.42
C GLU H 111 38.54 -79.63 -5.92
N ASN H 112 39.07 -79.71 -7.13
CA ASN H 112 39.88 -78.57 -7.59
C ASN H 112 39.21 -77.73 -8.67
N CYS H 113 37.87 -77.76 -8.63
CA CYS H 113 36.99 -77.15 -9.62
C CYS H 113 37.49 -77.40 -11.06
N GLN H 114 37.63 -78.66 -11.44
CA GLN H 114 38.09 -78.96 -12.77
C GLN H 114 36.94 -79.48 -13.65
N ASN H 115 35.89 -79.98 -12.98
CA ASN H 115 34.77 -80.62 -13.67
C ASN H 115 33.47 -80.20 -13.00
N ILE H 116 32.46 -79.98 -13.82
CA ILE H 116 31.14 -79.63 -13.37
C ILE H 116 30.13 -80.76 -13.69
N THR H 117 29.38 -81.18 -12.67
CA THR H 117 28.26 -82.10 -12.84
C THR H 117 26.94 -81.35 -12.78
N TYR H 118 26.30 -81.23 -13.92
CA TYR H 118 24.96 -80.69 -14.03
C TYR H 118 24.02 -81.77 -13.48
N LYS H 119 23.19 -81.40 -12.50
CA LYS H 119 22.30 -82.33 -11.84
C LYS H 119 20.92 -82.06 -12.37
N ALA H 120 20.23 -83.12 -12.77
CA ALA H 120 18.95 -83.01 -13.42
C ALA H 120 17.81 -82.82 -12.41
N SER H 121 17.88 -83.51 -11.28
CA SER H 121 16.91 -83.44 -10.20
C SER H 121 17.07 -82.16 -9.42
N HIS H 122 15.96 -81.48 -9.19
CA HIS H 122 15.98 -80.27 -8.31
C HIS H 122 15.61 -80.74 -6.95
N ASN H 123 16.61 -81.14 -6.18
CA ASN H 123 16.40 -81.65 -4.81
C ASN H 123 16.78 -80.48 -3.91
N ILE H 124 15.77 -79.68 -3.56
CA ILE H 124 16.04 -78.40 -2.98
C ILE H 124 15.98 -78.48 -1.44
N GLY H 125 17.10 -78.10 -0.79
CA GLY H 125 17.27 -78.18 0.65
C GLY H 125 16.55 -77.05 1.36
N ILE H 126 16.07 -77.37 2.56
CA ILE H 126 15.36 -76.40 3.43
C ILE H 126 16.19 -76.39 4.69
N ALA H 127 16.96 -75.32 4.90
CA ALA H 127 17.84 -75.24 6.08
C ALA H 127 16.91 -75.07 7.28
N MET H 128 16.98 -75.98 8.24
CA MET H 128 16.27 -75.81 9.51
C MET H 128 17.28 -75.95 10.65
N ASP H 129 16.98 -75.37 11.80
CA ASP H 129 17.84 -75.58 12.99
C ASP H 129 17.01 -76.33 14.06
N THR H 130 17.66 -77.31 14.67
CA THR H 130 17.06 -78.06 15.80
C THR H 130 18.01 -78.06 17.02
N GLU H 131 17.55 -78.62 18.16
CA GLU H 131 18.37 -78.56 19.38
C GLU H 131 19.52 -79.59 19.32
N GLN H 132 20.04 -79.76 18.10
CA GLN H 132 21.26 -80.52 17.78
C GLN H 132 21.86 -80.10 16.41
N GLY H 133 21.60 -78.84 16.04
CA GLY H 133 22.34 -78.17 14.99
C GLY H 133 21.59 -77.84 13.71
N LEU H 134 22.38 -77.60 12.68
CA LEU H 134 21.87 -77.38 11.34
C LEU H 134 21.45 -78.73 10.74
N ILE H 135 20.22 -78.81 10.26
CA ILE H 135 19.76 -79.96 9.50
C ILE H 135 19.14 -79.45 8.21
N VAL H 136 19.49 -80.07 7.09
CA VAL H 136 19.04 -79.63 5.78
C VAL H 136 18.47 -80.80 4.97
N PRO H 137 17.23 -81.16 5.24
CA PRO H 137 16.56 -82.17 4.42
C PRO H 137 16.17 -81.54 3.07
N ASN H 138 15.84 -82.34 2.06
CA ASN H 138 15.44 -81.68 0.79
C ASN H 138 14.15 -82.32 0.27
N VAL H 139 13.46 -81.55 -0.59
CA VAL H 139 12.24 -81.99 -1.29
C VAL H 139 12.79 -82.46 -2.63
N LYS H 140 12.62 -83.74 -2.95
CA LYS H 140 13.16 -84.33 -4.17
C LYS H 140 12.40 -83.89 -5.42
N ASN H 141 13.12 -83.62 -6.50
CA ASN H 141 12.48 -83.59 -7.81
C ASN H 141 11.37 -82.55 -7.83
N VAL H 142 11.70 -81.34 -7.39
CA VAL H 142 10.73 -80.28 -7.23
C VAL H 142 10.19 -79.92 -8.61
N GLN H 143 10.93 -80.24 -9.66
CA GLN H 143 10.49 -79.88 -11.02
C GLN H 143 9.24 -80.62 -11.52
N ILE H 144 8.88 -81.71 -10.84
CA ILE H 144 7.67 -82.47 -11.19
C ILE H 144 6.58 -82.43 -10.08
N ARG H 145 6.68 -81.50 -9.12
CA ARG H 145 5.70 -81.44 -8.04
C ARG H 145 4.96 -80.15 -8.18
N SER H 146 3.70 -80.14 -7.78
CA SER H 146 2.90 -78.93 -7.77
C SER H 146 3.19 -78.20 -6.51
N ILE H 147 2.87 -76.93 -6.48
CA ILE H 147 2.95 -76.15 -5.25
C ILE H 147 2.29 -76.88 -4.07
N PHE H 148 1.15 -77.53 -4.29
CA PHE H 148 0.49 -78.30 -3.21
C PHE H 148 1.25 -79.56 -2.74
N GLU H 149 1.87 -80.29 -3.66
CA GLU H 149 2.72 -81.44 -3.30
C GLU H 149 4.00 -81.00 -2.55
N ILE H 150 4.56 -79.85 -2.90
CA ILE H 150 5.73 -79.31 -2.20
C ILE H 150 5.35 -78.92 -0.75
N ALA H 151 4.21 -78.25 -0.55
CA ALA H 151 3.69 -77.86 0.76
C ALA H 151 3.50 -79.11 1.63
N THR H 152 2.85 -80.13 1.09
CA THR H 152 2.69 -81.44 1.75
C THR H 152 4.03 -82.07 2.25
N GLU H 153 5.02 -82.11 1.37
CA GLU H 153 6.37 -82.60 1.68
C GLU H 153 7.13 -81.68 2.67
N LEU H 154 7.01 -80.37 2.51
CA LEU H 154 7.60 -79.45 3.51
C LEU H 154 7.02 -79.72 4.89
N ASN H 155 5.71 -79.90 4.98
CA ASN H 155 5.06 -80.19 6.26
C ASN H 155 5.59 -81.52 6.85
N ARG H 156 5.75 -82.55 6.00
CA ARG H 156 6.28 -83.86 6.44
C ARG H 156 7.72 -83.68 6.94
N LEU H 157 8.55 -83.01 6.18
CA LEU H 157 9.92 -82.69 6.60
C LEU H 157 10.00 -81.86 7.91
N GLN H 158 9.18 -80.81 8.05
CA GLN H 158 9.12 -80.04 9.32
C GLN H 158 8.82 -80.91 10.53
N LYS H 159 7.78 -81.74 10.43
CA LYS H 159 7.40 -82.61 11.53
C LYS H 159 8.48 -83.61 11.94
N LEU H 160 9.04 -84.30 10.96
CA LEU H 160 10.13 -85.23 11.16
C LEU H 160 11.33 -84.49 11.73
N GLY H 161 11.57 -83.28 11.21
CA GLY H 161 12.61 -82.38 11.65
C GLY H 161 12.57 -82.09 13.13
N SER H 162 11.41 -81.63 13.61
CA SER H 162 11.15 -81.44 15.05
C SER H 162 11.23 -82.66 15.94
N ALA H 163 10.91 -83.84 15.40
CA ALA H 163 10.97 -85.07 16.14
C ALA H 163 12.32 -85.82 16.09
N GLY H 164 13.25 -85.33 15.30
CA GLY H 164 14.54 -85.95 15.13
C GLY H 164 14.38 -87.26 14.39
N GLN H 165 13.42 -87.29 13.44
CA GLN H 165 13.12 -88.52 12.73
C GLN H 165 13.37 -88.47 11.21
N LEU H 166 14.09 -87.48 10.70
CA LEU H 166 14.40 -87.46 9.26
C LEU H 166 15.23 -88.69 8.89
N SER H 167 14.91 -89.37 7.79
CA SER H 167 15.73 -90.49 7.34
C SER H 167 16.99 -90.03 6.60
N THR H 168 17.89 -90.98 6.35
CA THR H 168 19.07 -90.66 5.55
C THR H 168 18.69 -90.20 4.14
N ASN H 169 17.69 -90.83 3.52
N ASN H 169 17.68 -90.84 3.55
CA ASN H 169 17.18 -90.39 2.21
CA ASN H 169 17.15 -90.46 2.23
C ASN H 169 16.78 -88.93 2.24
C ASN H 169 16.58 -89.02 2.15
N ASP H 170 16.02 -88.53 3.26
CA ASP H 170 15.56 -87.13 3.35
C ASP H 170 16.71 -86.08 3.28
N LEU H 171 17.89 -86.46 3.78
CA LEU H 171 19.04 -85.59 3.99
C LEU H 171 20.08 -85.58 2.86
N ILE H 172 20.14 -86.67 2.10
CA ILE H 172 21.17 -86.78 1.05
C ILE H 172 20.64 -86.33 -0.29
N GLY H 173 21.55 -86.05 -1.24
CA GLY H 173 21.15 -85.76 -2.63
C GLY H 173 20.70 -84.31 -2.89
N GLY H 174 20.87 -83.40 -1.94
CA GLY H 174 20.44 -82.01 -2.18
C GLY H 174 21.26 -81.42 -3.28
N THR H 175 20.65 -80.52 -4.07
CA THR H 175 21.33 -79.93 -5.21
C THR H 175 21.42 -78.37 -5.13
N PHE H 176 20.66 -77.81 -4.21
CA PHE H 176 20.38 -76.38 -4.12
C PHE H 176 19.66 -76.16 -2.79
N THR H 177 19.88 -75.04 -2.14
CA THR H 177 19.31 -74.80 -0.81
C THR H 177 18.67 -73.42 -0.69
N LEU H 178 17.51 -73.39 -0.02
CA LEU H 178 16.89 -72.15 0.45
C LEU H 178 16.85 -72.16 1.95
N SER H 179 17.08 -71.00 2.54
CA SER H 179 17.06 -70.84 4.00
C SER H 179 16.05 -69.73 4.36
N ASN H 180 14.92 -70.07 4.94
CA ASN H 180 13.92 -69.07 5.33
C ASN H 180 14.31 -68.42 6.65
N ILE H 181 15.31 -67.58 6.69
CA ILE H 181 15.65 -67.01 7.98
C ILE H 181 14.51 -66.03 8.46
N GLY H 182 13.74 -65.50 7.49
CA GLY H 182 12.58 -64.64 7.77
C GLY H 182 11.43 -65.24 8.57
N SER H 183 11.46 -66.56 8.79
CA SER H 183 10.40 -67.15 9.61
C SER H 183 10.69 -66.75 11.05
N ILE H 184 11.94 -66.30 11.30
CA ILE H 184 12.38 -65.73 12.57
C ILE H 184 12.57 -64.19 12.50
N GLY H 185 13.38 -63.70 11.58
CA GLY H 185 13.50 -62.25 11.43
C GLY H 185 14.48 -61.97 10.32
N GLY H 186 14.85 -60.69 10.12
CA GLY H 186 16.02 -60.37 9.23
C GLY H 186 15.59 -59.72 7.95
N THR H 187 16.55 -59.08 7.27
CA THR H 187 16.37 -58.51 5.98
C THR H 187 17.29 -59.26 5.05
N TYR H 188 18.53 -58.78 4.92
CA TYR H 188 19.57 -59.38 4.10
C TYR H 188 20.36 -60.35 4.94
N ALA H 189 21.12 -61.22 4.28
CA ALA H 189 22.00 -62.18 4.95
C ALA H 189 23.19 -62.48 4.04
N LYS H 190 24.20 -63.19 4.57
CA LYS H 190 25.22 -63.86 3.78
C LYS H 190 25.16 -65.40 4.09
N PRO H 191 24.31 -66.13 3.38
CA PRO H 191 24.22 -67.61 3.65
C PRO H 191 25.51 -68.28 3.16
N VAL H 192 25.83 -69.41 3.77
CA VAL H 192 27.01 -70.14 3.46
C VAL H 192 26.60 -71.28 2.52
N ILE H 193 27.33 -71.42 1.41
CA ILE H 193 27.02 -72.45 0.42
C ILE H 193 27.35 -73.77 1.05
N LEU H 194 26.52 -74.78 0.77
CA LEU H 194 26.75 -76.11 1.31
C LEU H 194 27.38 -77.05 0.32
N PRO H 195 28.68 -77.39 0.47
CA PRO H 195 29.37 -78.33 -0.41
C PRO H 195 28.65 -79.68 -0.52
N PRO H 196 28.63 -80.31 -1.72
CA PRO H 196 29.15 -79.80 -2.98
C PRO H 196 28.18 -78.88 -3.81
N GLU H 197 27.18 -78.24 -3.19
CA GLU H 197 26.32 -77.35 -3.98
C GLU H 197 27.10 -76.10 -4.35
N VAL H 198 26.53 -75.31 -5.28
CA VAL H 198 27.22 -74.10 -5.74
C VAL H 198 26.42 -72.81 -5.45
N ALA H 199 25.22 -72.97 -4.89
CA ALA H 199 24.44 -71.81 -4.56
C ALA H 199 23.46 -72.06 -3.43
N ILE H 200 23.11 -70.95 -2.76
CA ILE H 200 22.15 -70.95 -1.66
C ILE H 200 21.40 -69.60 -1.63
N GLY H 201 20.12 -69.59 -1.32
CA GLY H 201 19.50 -68.30 -1.02
C GLY H 201 18.87 -68.19 0.34
N ALA H 202 18.81 -66.94 0.88
CA ALA H 202 18.29 -66.74 2.17
C ALA H 202 17.21 -65.71 2.00
N LEU H 203 16.04 -66.03 2.53
CA LEU H 203 14.83 -65.16 2.42
C LEU H 203 14.60 -64.42 3.72
N GLY H 204 14.44 -63.12 3.64
CA GLY H 204 14.17 -62.32 4.77
C GLY H 204 12.71 -62.25 5.18
N THR H 205 12.46 -61.39 6.17
CA THR H 205 11.08 -61.17 6.68
C THR H 205 10.24 -60.39 5.65
N ILE H 206 9.05 -60.89 5.31
CA ILE H 206 8.12 -60.09 4.54
C ILE H 206 7.52 -58.98 5.37
N LYS H 207 7.64 -57.74 4.91
CA LYS H 207 7.22 -56.52 5.67
C LYS H 207 6.52 -55.51 4.75
N ALA H 208 5.54 -54.80 5.30
CA ALA H 208 4.75 -53.78 4.59
C ALA H 208 5.57 -52.52 4.59
N LEU H 209 5.97 -52.04 3.41
CA LEU H 209 6.75 -50.77 3.27
C LEU H 209 6.03 -49.83 2.34
N PRO H 210 6.22 -48.51 2.52
CA PRO H 210 5.63 -47.59 1.57
C PRO H 210 6.43 -47.62 0.25
N ARG H 211 5.76 -47.86 -0.87
CA ARG H 211 6.41 -48.01 -2.19
C ARG H 211 5.52 -47.34 -3.23
N PHE H 212 6.13 -46.77 -4.28
CA PHE H 212 5.37 -46.19 -5.37
C PHE H 212 4.66 -47.22 -6.27
N ASN H 213 3.42 -46.90 -6.65
CA ASN H 213 2.80 -47.63 -7.79
C ASN H 213 3.16 -46.98 -9.14
N GLU H 214 2.56 -47.48 -10.22
CA GLU H 214 2.82 -46.92 -11.56
C GLU H 214 2.23 -45.52 -11.77
N LYS H 215 1.14 -45.23 -11.09
CA LYS H 215 0.67 -43.84 -11.01
C LYS H 215 1.60 -42.90 -10.20
N GLY H 216 2.56 -43.45 -9.46
CA GLY H 216 3.44 -42.62 -8.61
C GLY H 216 2.75 -42.25 -7.31
N GLU H 217 1.80 -43.09 -6.90
CA GLU H 217 1.11 -42.97 -5.62
C GLU H 217 1.80 -43.87 -4.58
N VAL H 218 1.86 -43.40 -3.34
CA VAL H 218 2.42 -44.14 -2.24
C VAL H 218 1.43 -45.25 -1.83
N CYS H 219 1.86 -46.49 -1.96
CA CYS H 219 1.05 -47.66 -1.65
CA CYS H 219 1.02 -47.61 -1.60
C CYS H 219 1.73 -48.52 -0.60
N LYS H 220 0.96 -49.39 0.06
CA LYS H 220 1.50 -50.43 0.96
C LYS H 220 1.91 -51.62 0.10
N ALA H 221 3.21 -51.93 0.08
CA ALA H 221 3.73 -53.05 -0.62
C ALA H 221 4.36 -54.03 0.35
N GLN H 222 4.15 -55.32 0.07
CA GLN H 222 4.68 -56.38 0.93
C GLN H 222 6.04 -56.77 0.35
N ILE H 223 7.11 -56.36 1.00
CA ILE H 223 8.48 -56.48 0.46
C ILE H 223 9.25 -57.56 1.22
N MET H 224 10.06 -58.34 0.50
CA MET H 224 10.87 -59.39 1.07
C MET H 224 12.26 -59.27 0.46
N ASN H 225 13.29 -59.43 1.29
CA ASN H 225 14.60 -59.41 0.71
C ASN H 225 15.04 -60.80 0.42
N VAL H 226 15.89 -60.94 -0.61
CA VAL H 226 16.50 -62.22 -0.91
C VAL H 226 18.01 -61.99 -1.02
N SER H 227 18.82 -62.92 -0.51
CA SER H 227 20.26 -62.86 -0.55
C SER H 227 20.73 -64.16 -1.09
N TRP H 228 21.47 -64.12 -2.19
CA TRP H 228 21.95 -65.35 -2.86
C TRP H 228 23.44 -65.43 -2.65
N SER H 229 24.00 -66.60 -2.38
CA SER H 229 25.47 -66.78 -2.40
C SER H 229 25.77 -67.83 -3.47
N ALA H 230 26.85 -67.65 -4.25
CA ALA H 230 27.12 -68.50 -5.41
C ALA H 230 28.61 -68.62 -5.45
N ASP H 231 29.05 -69.77 -5.92
CA ASP H 231 30.45 -70.11 -6.02
C ASP H 231 30.98 -69.43 -7.29
N HIS H 232 31.74 -68.36 -7.13
CA HIS H 232 32.17 -67.56 -8.27
C HIS H 232 33.31 -68.18 -9.11
N ARG H 233 33.79 -69.36 -8.74
CA ARG H 233 34.71 -70.10 -9.57
C ARG H 233 34.03 -70.51 -10.87
N ILE H 234 32.74 -70.79 -10.83
CA ILE H 234 31.98 -71.25 -12.00
C ILE H 234 30.66 -70.47 -12.25
N ILE H 235 30.15 -69.76 -11.25
CA ILE H 235 28.93 -68.97 -11.42
C ILE H 235 29.26 -67.48 -11.51
N ASP H 236 28.86 -66.81 -12.58
CA ASP H 236 29.19 -65.39 -12.74
C ASP H 236 28.06 -64.53 -12.24
N GLY H 237 28.35 -63.26 -12.02
CA GLY H 237 27.37 -62.31 -11.51
C GLY H 237 26.13 -62.29 -12.37
N ALA H 238 26.29 -62.33 -13.68
CA ALA H 238 25.16 -62.26 -14.62
C ALA H 238 24.18 -63.41 -14.50
N THR H 239 24.69 -64.64 -14.41
CA THR H 239 23.86 -65.81 -14.17
C THR H 239 23.01 -65.75 -12.87
N VAL H 240 23.62 -65.32 -11.76
CA VAL H 240 22.92 -65.26 -10.50
C VAL H 240 21.82 -64.19 -10.59
N SER H 241 22.16 -63.08 -11.19
CA SER H 241 21.27 -61.97 -11.35
C SER H 241 20.06 -62.26 -12.25
N ARG H 242 20.34 -62.80 -13.42
CA ARG H 242 19.31 -63.27 -14.31
C ARG H 242 18.45 -64.40 -13.71
N PHE H 243 19.08 -65.32 -12.99
CA PHE H 243 18.28 -66.35 -12.35
C PHE H 243 17.33 -65.68 -11.31
N SER H 244 17.90 -64.75 -10.53
CA SER H 244 17.18 -64.06 -9.48
C SER H 244 16.03 -63.21 -9.99
N ASN H 245 16.23 -62.50 -11.11
CA ASN H 245 15.20 -61.74 -11.76
C ASN H 245 14.03 -62.63 -12.22
N LEU H 246 14.36 -63.81 -12.67
CA LEU H 246 13.34 -64.75 -13.15
C LEU H 246 12.56 -65.36 -11.98
N TRP H 247 13.28 -65.76 -10.94
CA TRP H 247 12.68 -66.24 -9.70
C TRP H 247 11.69 -65.19 -9.25
N LYS H 248 12.16 -63.96 -9.10
CA LYS H 248 11.38 -62.80 -8.67
C LYS H 248 10.16 -62.48 -9.59
N SER H 249 10.30 -62.62 -10.92
CA SER H 249 9.17 -62.34 -11.77
C SER H 249 8.07 -63.37 -11.59
N TYR H 250 8.43 -64.61 -11.28
CA TYR H 250 7.46 -65.67 -11.05
C TYR H 250 6.65 -65.38 -9.77
N LEU H 251 7.31 -64.76 -8.79
CA LEU H 251 6.73 -64.43 -7.49
C LEU H 251 6.04 -63.12 -7.49
N GLU H 252 6.57 -62.16 -8.26
CA GLU H 252 5.84 -60.88 -8.43
C GLU H 252 4.61 -61.01 -9.34
N ASN H 253 4.69 -61.91 -10.33
CA ASN H 253 3.59 -62.17 -11.28
C ASN H 253 3.34 -63.68 -11.33
N PRO H 254 2.58 -64.21 -10.33
CA PRO H 254 2.34 -65.64 -10.23
C PRO H 254 1.61 -66.23 -11.42
N ALA H 255 0.98 -65.40 -12.23
CA ALA H 255 0.33 -65.83 -13.44
C ALA H 255 1.40 -66.33 -14.41
N PHE H 256 2.61 -65.78 -14.26
CA PHE H 256 3.70 -66.28 -15.07
C PHE H 256 3.91 -67.79 -14.78
N MET H 257 3.72 -68.22 -13.53
CA MET H 257 3.85 -69.64 -13.20
C MET H 257 2.79 -70.53 -13.83
N LEU H 258 1.55 -70.05 -13.93
CA LEU H 258 0.42 -70.79 -14.47
C LEU H 258 0.60 -71.20 -15.93
N LEU H 259 1.24 -70.29 -16.69
CA LEU H 259 1.38 -70.42 -18.13
C LEU H 259 2.00 -71.74 -18.50
N ASP H 260 3.08 -72.13 -17.82
CA ASP H 260 3.89 -73.33 -18.20
C ASP H 260 3.79 -74.63 -17.39
N LEU H 261 2.98 -74.61 -16.33
CA LEU H 261 2.65 -75.80 -15.52
C LEU H 261 1.55 -76.65 -16.13
N LYS H 262 1.65 -77.97 -15.93
CA LYS H 262 0.82 -78.99 -16.57
C LYS H 262 0.01 -79.80 -15.54
C ACT I . 8.15 27.94 26.85
O ACT I . 8.41 29.16 26.69
OXT ACT I . 6.94 27.60 27.01
CH3 ACT I . 9.29 26.94 26.81
CL CL J . 1.24 34.19 30.27
N1A CAO K . 6.98 12.23 19.72
C2A CAO K . 7.45 10.96 19.71
N3A CAO K . 8.77 10.65 19.72
C4A CAO K . 9.71 11.63 19.78
C5A CAO K . 9.28 13.04 19.80
C6A CAO K . 7.81 13.33 19.76
N6A CAO K . 7.33 14.62 19.78
N7A CAO K . 10.41 13.79 19.86
C8A CAO K . 11.44 12.94 19.87
N9A CAO K . 11.04 11.65 19.85
C1B CAO K . 11.92 10.45 19.83
C2B CAO K . 12.88 10.53 18.65
O2B CAO K . 12.20 9.95 17.57
C3B CAO K . 14.01 9.62 19.05
O3B CAO K . 13.60 8.28 18.79
P3B CAO K . 14.55 7.04 18.36
O7A CAO K . 15.56 7.04 19.52
O8A CAO K . 15.17 7.42 17.04
O9A CAO K . 13.60 5.89 18.23
C4B CAO K . 14.04 9.76 20.57
O4B CAO K . 12.77 10.30 20.98
C5B CAO K . 15.17 10.70 20.97
O5B CAO K . 14.90 12.07 20.64
P1A CAO K . 15.87 13.16 21.38
O1A CAO K . 17.26 12.54 21.43
O2A CAO K . 15.26 13.71 22.65
O3A CAO K . 16.09 14.34 20.30
P2A CAO K . 15.03 15.41 19.71
O4A CAO K . 13.76 14.67 19.36
O5A CAO K . 15.86 16.20 18.68
O6A CAO K . 14.71 16.52 20.85
CBP CAO K . 15.38 18.21 22.47
CCP CAO K . 15.81 17.31 21.32
CDP CAO K . 14.43 19.26 21.85
CEP CAO K . 16.61 18.90 23.02
CAP CAO K . 14.68 17.35 23.55
OAP CAO K . 15.48 16.22 24.02
C9P CAO K . 14.21 18.19 24.73
O9P CAO K . 14.96 18.53 25.65
N8P CAO K . 12.90 18.53 24.65
C7P CAO K . 12.11 18.95 25.78
C6P CAO K . 11.21 20.14 25.44
C5P CAO K . 10.86 20.77 26.76
O5P CAO K . 11.39 20.34 27.79
N4P CAO K . 9.94 21.76 26.73
C3P CAO K . 9.19 22.12 27.94
C2P CAO K . 8.51 23.50 27.95
S1P CAO K . 9.08 24.74 29.14
O1P CAO K . 10.54 24.34 30.07
C ACT L . -9.73 27.06 38.59
O ACT L . -8.88 27.72 39.20
OXT ACT L . -9.55 26.96 37.34
CH3 ACT L . -10.87 26.44 39.38
C ACT M . -14.40 26.73 38.48
O ACT M . -13.59 26.92 37.55
OXT ACT M . -15.03 27.74 38.93
CH3 ACT M . -14.65 25.36 39.07
C ACT N . -6.12 28.89 47.63
O ACT N . -4.93 28.45 47.49
OXT ACT N . -6.21 30.12 48.01
CH3 ACT N . -7.37 28.04 47.37
CL CL O . -4.80 33.78 33.71
C ACT P . -4.95 -3.92 40.34
O ACT P . -5.39 -3.29 39.34
OXT ACT P . -5.01 -5.16 40.22
CH3 ACT P . -4.41 -3.21 41.54
N1A CAO Q . -16.00 11.68 33.15
C2A CAO Q . -17.11 10.92 33.06
N3A CAO Q . -17.92 10.71 34.12
C4A CAO Q . -17.65 11.26 35.33
C5A CAO Q . -16.46 12.11 35.51
C6A CAO Q . -15.61 12.30 34.30
N6A CAO Q . -14.49 13.06 34.36
N7A CAO Q . -16.45 12.53 36.80
C8A CAO Q . -17.56 12.00 37.41
N9A CAO Q . -18.26 11.25 36.53
C1B CAO Q . -19.52 10.50 36.75
C2B CAO Q . -19.22 9.11 37.32
O2B CAO Q . -17.96 9.05 37.96
C3B CAO Q . -20.30 8.91 38.36
O3B CAO Q . -21.26 8.17 37.63
P3B CAO Q . -21.98 6.85 38.19
O7A CAO Q . -21.55 6.78 39.64
O8A CAO Q . -21.42 5.74 37.32
O9A CAO Q . -23.42 7.26 37.96
C4B CAO Q . -20.80 10.31 38.70
O4B CAO Q . -20.38 11.20 37.65
C5B CAO Q . -20.27 10.81 40.04
O5B CAO Q . -20.24 12.24 39.98
P1A CAO Q . -19.75 13.20 41.17
O1A CAO Q . -20.61 12.86 42.38
O2A CAO Q . -19.71 14.62 40.65
O3A CAO Q . -18.32 12.59 41.52
P2A CAO Q . -16.88 13.31 41.69
O4A CAO Q . -16.25 12.86 40.41
O5A CAO Q . -16.26 12.88 43.02
O6A CAO Q . -17.05 14.93 41.62
CBP CAO Q . -16.95 17.24 42.43
CCP CAO Q . -17.21 15.77 42.77
CDP CAO Q . -15.47 17.41 42.09
CEP CAO Q . -17.31 18.06 43.68
CAP CAO Q . -17.85 17.61 41.23
OAP CAO Q . -19.20 17.17 41.51
C9P CAO Q . -17.85 19.07 40.79
O9P CAO Q . -17.21 19.43 39.81
N8P CAO Q . -18.59 19.93 41.50
C ACT R . -9.97 36.81 19.24
O ACT R . -10.00 37.69 20.13
OXT ACT R . -9.35 35.77 19.53
CH3 ACT R . -10.65 37.07 17.92
C ACT S . -8.20 36.61 15.10
O ACT S . -7.82 36.04 16.15
OXT ACT S . -7.44 37.45 14.54
CH3 ACT S . -9.54 36.39 14.48
CL CL T . -4.24 36.92 27.44
CL CL U . -9.20 11.73 18.76
C ACT V . -34.12 18.00 12.12
O ACT V . -34.65 17.14 11.35
OXT ACT V . -33.04 17.60 12.64
CH3 ACT V . -34.72 19.36 12.42
N1A CAO W . -14.75 23.34 9.41
C2A CAO W . -14.86 22.88 8.15
N3A CAO W . -15.36 23.61 7.13
C4A CAO W . -15.76 24.87 7.34
C5A CAO W . -15.68 25.46 8.68
C6A CAO W . -15.13 24.59 9.77
N6A CAO W . -15.01 25.07 11.05
N7A CAO W . -16.15 26.70 8.61
C8A CAO W . -16.51 26.93 7.32
N9A CAO W . -16.27 25.83 6.55
C1B CAO W . -16.56 25.71 5.09
C2B CAO W . -18.06 25.68 4.83
O2B CAO W . -18.46 24.31 4.88
C3B CAO W . -18.17 26.23 3.42
O3B CAO W . -18.02 25.10 2.56
P3B CAO W . -18.87 24.84 1.21
O7A CAO W . -19.26 26.22 0.69
O8A CAO W . -20.06 24.01 1.63
O9A CAO W . -17.79 24.07 0.48
C4B CAO W . -16.93 27.09 3.22
O4B CAO W . -16.06 26.84 4.34
C5B CAO W . -17.26 28.58 3.12
O5B CAO W . -17.08 29.17 4.40
P1A CAO W . -16.86 30.75 4.59
O1A CAO W . -17.16 31.47 3.29
O2A CAO W . -15.61 31.06 5.41
O3A CAO W . -18.17 31.13 5.46
P2A CAO W . -18.35 30.94 7.05
O4A CAO W . -17.95 29.50 7.18
O5A CAO W . -19.71 31.53 7.35
O6A CAO W . -17.26 31.87 7.82
CBP CAO W . -16.09 33.89 8.50
CCP CAO W . -17.29 33.30 7.77
CDP CAO W . -16.23 33.53 9.99
CEP CAO W . -16.09 35.41 8.36
CAP CAO W . -14.79 33.29 7.91
OAP CAO W . -14.69 33.47 6.47
C9P CAO W . -13.49 33.73 8.60
O9P CAO W . -12.92 32.96 9.35
N8P CAO W . -13.03 34.96 8.34
C ACT X . 27.29 -4.32 -39.58
O ACT X . 27.12 -4.08 -38.35
OXT ACT X . 27.78 -3.40 -40.25
CH3 ACT X . 26.91 -5.60 -40.27
C ACT Y . 28.06 -9.06 -39.41
O ACT Y . 28.13 -8.24 -38.44
OXT ACT Y . 29.18 -9.47 -39.86
CH3 ACT Y . 26.70 -9.49 -39.95
C ACT Z . 16.43 -70.92 9.68
O ACT Z . 16.72 -70.89 8.46
OXT ACT Z . 17.38 -70.95 10.48
CH3 ACT Z . 15.02 -70.91 10.19
CL CL AA . 32.92 2.39 -35.38
N1A CAO BA . 13.98 -13.60 -33.35
C2A CAO BA . 13.42 -14.80 -33.17
N3A CAO BA . 13.34 -15.72 -34.15
C4A CAO BA . 13.85 -15.47 -35.39
C5A CAO BA . 14.46 -14.16 -35.64
C6A CAO BA . 14.51 -13.19 -34.53
N6A CAO BA . 15.07 -11.96 -34.72
N7A CAO BA . 14.87 -14.15 -36.92
C8A CAO BA . 14.56 -15.36 -37.43
N9A CAO BA . 13.95 -16.15 -36.53
C1B CAO BA . 13.42 -17.50 -36.79
C2B CAO BA . 12.46 -17.38 -37.99
O2B CAO BA . 11.18 -16.88 -37.58
C3B CAO BA . 12.38 -18.80 -38.52
O3B CAO BA . 11.36 -19.44 -37.73
P3B CAO BA . 10.63 -20.86 -37.98
O7A CAO BA . 11.48 -21.65 -38.95
O8A CAO BA . 9.28 -20.50 -38.54
O9A CAO BA . 10.66 -21.38 -36.56
C4B CAO BA . 13.77 -19.35 -38.20
O4B CAO BA . 14.36 -18.53 -37.16
C5B CAO BA . 14.66 -19.31 -39.44
O5B CAO BA . 14.75 -17.97 -39.95
P1A CAO BA . 15.84 -17.61 -41.10
O1A CAO BA . 15.89 -18.83 -42.01
O2A CAO BA . 17.09 -17.07 -40.44
O3A CAO BA . 15.10 -16.45 -41.97
P2A CAO BA . 15.32 -14.85 -41.92
O4A CAO BA . 14.85 -14.40 -40.54
O5A CAO BA . 14.74 -14.22 -43.19
O6A CAO BA . 16.94 -14.66 -42.01
CBP CAO BA . 19.09 -13.58 -42.51
CCP CAO BA . 17.59 -13.42 -42.28
CDP CAO BA . 19.56 -12.14 -42.43
CEP CAO BA . 19.42 -14.14 -43.88
CAP CAO BA . 19.77 -14.41 -41.37
OAP CAO BA . 19.39 -15.80 -41.43
C9P CAO BA . 21.29 -14.37 -41.32
O9P CAO BA . 21.88 -14.32 -40.23
N8P CAO BA . 21.97 -14.42 -42.48
C ACT CA . 37.40 -1.40 -20.73
O ACT CA . 38.28 -1.42 -21.60
OXT ACT CA . 36.25 -0.93 -21.03
CH3 ACT CA . 37.83 -1.92 -19.38
CL CL DA . 36.12 3.71 -29.12
C ACT EA . 25.38 -29.14 -12.07
O ACT EA . 24.80 -29.99 -11.36
OXT ACT EA . 24.63 -28.15 -12.31
CH3 ACT EA . 26.80 -29.30 -12.56
N1A CAO FA . 25.85 -8.86 -10.12
C2A CAO FA . 25.47 -8.99 -8.83
N3A CAO FA . 26.33 -9.23 -7.83
C4A CAO FA . 27.66 -9.37 -8.07
C5A CAO FA . 28.14 -9.25 -9.46
C6A CAO FA . 27.12 -8.97 -10.52
N6A CAO FA . 27.44 -8.84 -11.85
N7A CAO FA . 29.50 -9.44 -9.41
C8A CAO FA . 29.83 -9.66 -8.10
N9A CAO FA . 28.72 -9.61 -7.30
C1B CAO FA . 28.67 -9.85 -5.83
C2B CAO FA . 29.06 -11.31 -5.66
O2B CAO FA . 27.90 -12.13 -5.80
C3B CAO FA . 29.61 -11.39 -4.24
O3B CAO FA . 28.51 -11.34 -3.31
P3B CAO FA . 28.46 -12.07 -1.86
O7A CAO FA . 29.69 -11.52 -1.15
O8A CAO FA . 28.57 -13.54 -2.16
O9A CAO FA . 27.14 -11.60 -1.30
C4B CAO FA . 30.33 -10.06 -4.17
O4B CAO FA . 29.59 -9.12 -4.99
C5B CAO FA . 31.70 -10.35 -4.77
O5B CAO FA . 32.20 -9.16 -5.30
P1A CAO FA . 33.77 -8.93 -5.55
O1A CAO FA . 34.58 -9.23 -4.30
O2A CAO FA . 33.87 -7.60 -6.26
O3A CAO FA . 34.20 -10.16 -6.50
P2A CAO FA . 34.03 -10.41 -8.09
O4A CAO FA . 32.57 -10.53 -8.37
O5A CAO FA . 35.01 -11.53 -8.42
O6A CAO FA . 34.64 -9.09 -8.87
CBP CAO FA . 36.40 -7.63 -9.67
CCP CAO FA . 36.05 -8.91 -8.95
CDP CAO FA . 36.34 -7.94 -11.16
CEP CAO FA . 37.83 -7.29 -9.32
CAP CAO FA . 35.43 -6.51 -9.19
OAP CAO FA . 35.54 -6.31 -7.74
C9P CAO FA . 35.53 -5.16 -9.90
O9P CAO FA . 36.56 -4.51 -9.91
N8P CAO FA . 34.42 -4.68 -10.47
C7P CAO FA . 34.46 -3.48 -11.31
C6P CAO FA . 34.75 -3.74 -12.79
C5P CAO FA . 34.97 -2.43 -13.52
O5P CAO FA . 35.30 -1.42 -12.88
N4P CAO FA . 34.78 -2.48 -14.85
C3P CAO FA . 34.73 -1.28 -15.72
C2P CAO FA . 35.94 -1.17 -16.66
S1P CAO FA . 36.16 0.41 -17.46
O1P CAO FA . 37.43 1.19 -16.55
C ACT GA . 24.29 13.97 -28.46
O ACT GA . 24.21 12.72 -28.36
OXT ACT GA . 25.46 14.41 -28.50
CH3 ACT GA . 23.14 14.94 -28.49
C ACT HA . 20.27 14.82 -30.88
O ACT HA . 20.34 15.48 -31.99
OXT ACT HA . 20.80 13.66 -30.81
CH3 ACT HA . 19.55 15.44 -29.72
CL CL IA . 31.89 8.66 -31.82
CL CL JA . 12.76 -6.49 -18.97
C ACT KA . 9.77 12.24 -0.45
O ACT KA . 10.02 11.24 -1.16
OXT ACT KA . 8.86 12.08 0.42
CH3 ACT KA . 10.50 13.56 -0.59
N1A CAO LA . 9.34 9.07 -20.62
C2A CAO LA . 7.99 9.16 -20.62
N3A CAO LA . 7.33 10.33 -20.70
C4A CAO LA . 8.04 11.48 -20.83
C5A CAO LA . 9.51 11.46 -20.85
C6A CAO LA . 10.17 10.13 -20.74
N6A CAO LA . 11.53 10.04 -20.76
N7A CAO LA . 9.95 12.72 -20.99
C8A CAO LA . 8.86 13.50 -21.05
N9A CAO LA . 7.73 12.77 -20.95
C1B CAO LA . 6.33 13.27 -20.94
C2B CAO LA . 6.20 14.13 -19.69
O2B CAO LA . 5.92 13.27 -18.58
C3B CAO LA . 5.06 15.07 -20.04
O3B CAO LA . 3.83 14.37 -19.76
P3B CAO LA . 2.40 15.01 -19.30
O7A CAO LA . 2.03 15.96 -20.43
O8A CAO LA . 2.64 15.71 -17.98
O9A CAO LA . 1.53 13.76 -19.17
C4B CAO LA . 5.24 15.25 -21.55
O4B CAO LA . 6.04 14.14 -22.03
C5B CAO LA . 5.89 16.57 -21.96
O5B CAO LA . 7.33 16.51 -21.92
P1A CAO LA . 8.22 17.62 -22.69
O1A CAO LA . 7.22 18.69 -23.10
O2A CAO LA . 9.06 16.92 -23.74
O3A CAO LA . 9.19 18.27 -21.57
P2A CAO LA . 10.53 17.60 -20.94
O4A CAO LA . 10.07 16.23 -20.50
O5A CAO LA . 11.14 18.57 -19.95
O6A CAO LA . 11.60 17.44 -22.16
CBP CAO LA . 13.30 18.10 -23.80
CCP CAO LA . 12.27 18.56 -22.76
CDP CAO LA . 13.58 16.63 -23.59
CEP CAO LA . 14.58 18.81 -23.49
CAP CAO LA . 12.84 18.40 -25.25
OAP CAO LA . 11.44 18.12 -25.42
C9P CAO LA . 13.57 17.64 -26.36
O9P CAO LA . 14.25 16.64 -26.15
N8P CAO LA . 13.40 18.13 -27.60
C ACT MA . -75.98 4.78 -3.02
O ACT MA . -76.95 5.51 -2.72
OXT ACT MA . -74.86 5.34 -2.99
CH3 ACT MA . -76.21 3.35 -3.36
CL CL NA . -50.51 0.96 -0.38
CL CL OA . -74.75 14.84 -2.05
N1A CAO PA . -63.66 -7.74 -3.67
C2A CAO PA . -63.24 -8.84 -4.31
N3A CAO PA . -64.10 -9.80 -4.69
C4A CAO PA . -65.43 -9.68 -4.46
C5A CAO PA . -65.95 -8.49 -3.78
C6A CAO PA . -64.94 -7.48 -3.35
N6A CAO PA . -65.27 -6.33 -2.68
N7A CAO PA . -67.29 -8.67 -3.69
C8A CAO PA . -67.60 -9.86 -4.29
N9A CAO PA . -66.48 -10.45 -4.74
C1B CAO PA . -66.36 -11.75 -5.43
C2B CAO PA . -66.86 -12.82 -4.47
O2B CAO PA . -65.80 -13.17 -3.60
C3B CAO PA . -67.25 -13.95 -5.41
O3B CAO PA . -66.04 -14.64 -5.74
P3B CAO PA . -65.92 -16.22 -6.12
O7A CAO PA . -67.21 -16.51 -6.88
O8A CAO PA . -65.81 -16.96 -4.80
O9A CAO PA . -64.64 -16.24 -6.93
C4B CAO PA . -67.75 -13.19 -6.63
O4B CAO PA . -67.17 -11.86 -6.60
C5B CAO PA . -69.26 -13.12 -6.76
O5B CAO PA . -69.87 -12.20 -5.87
P1A CAO PA . -71.40 -11.70 -6.12
O1A CAO PA . -72.14 -12.82 -6.83
O2A CAO PA . -71.39 -10.28 -6.66
O3A CAO PA . -72.15 -11.61 -4.71
P2A CAO PA . -71.80 -10.58 -3.52
O4A CAO PA . -70.29 -10.45 -3.55
O5A CAO PA . -72.59 -11.13 -2.34
O6A CAO PA . -72.48 -9.12 -3.84
CBP CAO PA . -74.15 -7.66 -4.74
CCP CAO PA . -73.80 -9.08 -4.38
CDP CAO PA . -73.82 -6.85 -3.50
CEP CAO PA . -75.64 -7.58 -5.05
CAP CAO PA . -73.30 -7.32 -5.98
OAP CAO PA . -73.51 -8.34 -7.00
C9P CAO PA . -73.51 -5.96 -6.62
O9P CAO PA . -74.49 -5.72 -7.33
N8P CAO PA . -72.54 -5.06 -6.39
C7P CAO PA . -72.55 -3.71 -6.95
C6P CAO PA . -73.03 -2.66 -5.95
C5P CAO PA . -73.22 -1.38 -6.71
O5P CAO PA . -73.59 -1.42 -7.88
N4P CAO PA . -72.95 -0.23 -6.08
C3P CAO PA . -72.99 1.05 -6.77
C2P CAO PA . -73.28 2.29 -5.90
S1P CAO PA . -74.51 3.41 -6.56
O1P CAO PA . -75.83 2.67 -7.44
C ACT QA . 23.50 -71.99 5.47
O ACT QA . 23.72 -70.73 5.46
OXT ACT QA . 24.29 -72.68 4.83
CH3 ACT QA . 22.36 -72.67 6.19
C ACT RA . 21.29 -71.95 9.61
O ACT RA . 22.05 -71.11 9.06
OXT ACT RA . 21.79 -72.70 10.51
CH3 ACT RA . 19.85 -72.06 9.19
C ACT SA . 23.59 -11.80 -39.13
O ACT SA . 24.29 -12.84 -39.18
OXT ACT SA . 24.06 -10.79 -38.59
CH3 ACT SA . 22.22 -11.74 -39.70
CL CL TA . 32.61 -68.80 4.15
CL CL UA . 13.59 -48.81 2.21
N1A CAO VA . 8.39 -63.41 6.27
C2A CAO VA . 7.26 -63.18 6.98
N3A CAO VA . 6.49 -64.17 7.47
C4A CAO VA . 6.86 -65.46 7.28
C5A CAO VA . 8.09 -65.79 6.54
C6A CAO VA . 8.87 -64.64 6.01
N6A CAO VA . 10.01 -64.89 5.29
N7A CAO VA . 8.24 -67.12 6.48
C8A CAO VA . 7.20 -67.63 7.19
N9A CAO VA . 6.37 -66.65 7.65
C1B CAO VA . 5.12 -66.88 8.39
C2B CAO VA . 4.26 -67.76 7.49
O2B CAO VA . 3.56 -66.92 6.60
C3B CAO VA . 3.32 -68.42 8.47
O3B CAO VA . 2.39 -67.42 8.88
P3B CAO VA . 0.85 -67.62 9.32
O7A CAO VA . 1.02 -68.29 10.68
O8A CAO VA . 0.25 -68.47 8.23
O9A CAO VA . 0.36 -66.19 9.32
C4B CAO VA . 4.21 -68.61 9.68
O4B CAO VA . 5.31 -67.69 9.55
C5B CAO VA . 4.68 -70.07 9.86
O5B CAO VA . 5.62 -70.44 8.86
P1A CAO VA . 6.66 -71.63 9.18
O1A CAO VA . 5.97 -72.67 10.05
O2A CAO VA . 8.01 -71.08 9.57
O3A CAO VA . 6.75 -72.45 7.80
P2A CAO VA . 7.68 -72.07 6.54
O4A CAO VA . 7.43 -70.60 6.38
O5A CAO VA . 7.35 -73.08 5.41
O6A CAO VA . 9.22 -72.31 7.04
CBP CAO VA . 11.10 -73.75 7.88
CCP CAO VA . 9.60 -73.55 7.66
CDP CAO VA . 11.83 -73.43 6.59
CEP CAO VA . 11.31 -75.24 8.18
CAP CAO VA . 11.60 -72.83 9.04
OAP CAO VA . 12.64 -71.94 8.61
C9P CAO VA . 12.21 -73.51 10.26
O9P CAO VA . 13.42 -73.72 10.27
N8P CAO VA . 11.44 -73.85 11.31
#